data_6E0V
#
_entry.id   6E0V
#
_cell.length_a   118.400
_cell.length_b   118.400
_cell.length_c   140.166
_cell.angle_alpha   90.00
_cell.angle_beta   90.00
_cell.angle_gamma   120.00
#
_symmetry.space_group_name_H-M   'P 3'
#
loop_
_entity.id
_entity.type
_entity.pdbx_description
1 polymer 'Bacteriophage Phi92 gp150'
2 non-polymer 'STRONTIUM ION'
3 non-polymer 'CHLORIDE ION'
4 non-polymer GLYCEROL
5 non-polymer 1,2-ETHANEDIOL
6 water water
#
_entity_poly.entity_id   1
_entity_poly.type   'polypeptide(L)'
_entity_poly.pdbx_seq_one_letter_code
;SDPSTGLPNKLFAFIGKTTASTSYVEKNLLSSTTGAAMVGLPSGGNLLQAQYFVTPEQFGAIGDGVTDDTQAILKTITFA
NTNNIQVRADKNYRFTSSIAMSGVRWYGGTFTGNGGTMISTVSCWMENVRFEKCYVKMLGGDCRFYRNIFSNATSTAAFL
MQAMTSEGTLDFSYNEMYGCKYAILQQGTGEVMTYGRYSNNYIHDIKGDAIELNVVQKHYTEGLIIENNHIANVDASGQG
ANWGIGIGVAGSGPYGVDVPDSQYVRNFSIVGNRVYNCRQCLHVEMGKNFTIRDNEVYPNTAVSTGTGLTTCGVALYGCQ
DFEVDGLTGYLLNDPSVSTRMVFIDWGVNNGRYAGPPINFTIKNLDIPESSIEIATSGSDAWENSTIVSNINCNVFKWRG
LPSSSTFNNIRCRSIDFIGQHGSGEGSGGGFYTRSQFTYMKWVGCTALSGDETTVSFAKIYTDRCDQVGNNFGVPTAVDG
TGHRGPVLTTISEQYFTAYDEFPGGREFPTGTVIHCASGKKHVVTVGGAFFSDNEKIKATVTGQTYLQSNALNWASNGYA
KAAGTKIVIPGAGANGGDLVTTIARATYVTNSLYTIDIADPIVTPTAENTQIKALNPVTFVTVNNA
;
_entity_poly.pdbx_strand_id   A,B,C
#
loop_
_chem_comp.id
_chem_comp.type
_chem_comp.name
_chem_comp.formula
CL non-polymer 'CHLORIDE ION' 'Cl -1'
EDO non-polymer 1,2-ETHANEDIOL 'C2 H6 O2'
GOL non-polymer GLYCEROL 'C3 H8 O3'
SR non-polymer 'STRONTIUM ION' 'Sr 2'
#
# COMPACT_ATOMS: atom_id res chain seq x y z
N SER A 23 -98.09 16.29 28.51
CA SER A 23 -97.70 15.67 29.77
C SER A 23 -96.62 14.61 29.56
N TYR A 24 -96.58 14.04 28.35
CA TYR A 24 -95.59 13.04 27.97
C TYR A 24 -94.57 13.63 27.00
N VAL A 25 -93.42 12.97 26.94
CA VAL A 25 -92.30 13.45 26.13
C VAL A 25 -92.47 12.96 24.70
N GLU A 26 -92.50 13.91 23.76
CA GLU A 26 -92.59 13.57 22.34
C GLU A 26 -91.23 13.19 21.77
N LYS A 27 -91.20 12.07 21.02
CA LYS A 27 -89.94 11.54 20.50
C LYS A 27 -89.21 12.57 19.64
N ASN A 28 -89.94 13.30 18.79
CA ASN A 28 -89.27 14.23 17.88
C ASN A 28 -88.75 15.47 18.59
N LEU A 29 -89.32 15.85 19.74
CA LEU A 29 -88.72 16.91 20.53
C LEU A 29 -87.48 16.41 21.26
N LEU A 30 -87.54 15.18 21.79
CA LEU A 30 -86.38 14.67 22.53
C LEU A 30 -85.18 14.44 21.63
N SER A 31 -85.41 14.05 20.37
CA SER A 31 -84.31 13.77 19.44
C SER A 31 -83.84 15.01 18.69
N SER A 32 -84.47 16.16 18.90
CA SER A 32 -84.03 17.38 18.25
C SER A 32 -82.72 17.88 18.87
N THR A 33 -82.12 18.90 18.22
CA THR A 33 -80.86 19.50 18.67
C THR A 33 -80.96 20.20 20.02
N THR A 34 -82.18 20.46 20.50
CA THR A 34 -82.39 20.98 21.85
C THR A 34 -83.07 19.96 22.76
N GLY A 35 -83.12 18.69 22.35
CA GLY A 35 -83.84 17.71 23.14
C GLY A 35 -83.24 17.50 24.52
N ALA A 36 -81.92 17.67 24.64
CA ALA A 36 -81.26 17.46 25.92
C ALA A 36 -81.79 18.41 26.98
N ALA A 37 -82.35 19.56 26.58
CA ALA A 37 -82.91 20.50 27.55
C ALA A 37 -84.10 19.91 28.30
N MET A 38 -84.65 18.80 27.81
CA MET A 38 -85.79 18.16 28.48
C MET A 38 -85.37 17.30 29.65
N VAL A 39 -84.07 17.09 29.83
CA VAL A 39 -83.54 16.15 30.81
C VAL A 39 -82.93 16.95 31.95
N GLY A 40 -83.48 16.79 33.16
CA GLY A 40 -82.96 17.51 34.31
C GLY A 40 -81.77 16.83 34.95
N LEU A 41 -80.95 17.66 35.60
CA LEU A 41 -79.75 17.15 36.24
C LEU A 41 -79.76 17.55 37.73
N PRO A 42 -78.90 16.94 38.54
CA PRO A 42 -78.95 17.22 39.99
C PRO A 42 -78.75 18.69 40.34
N SER A 43 -77.99 19.42 39.54
CA SER A 43 -77.76 20.83 39.78
C SER A 43 -79.04 21.67 39.79
N GLY A 44 -80.14 21.14 39.24
CA GLY A 44 -81.29 21.94 38.92
C GLY A 44 -81.28 22.47 37.50
N GLY A 45 -80.19 22.31 36.78
CA GLY A 45 -80.12 22.62 35.37
C GLY A 45 -80.51 21.43 34.51
N ASN A 46 -80.10 21.47 33.24
CA ASN A 46 -80.50 20.43 32.30
C ASN A 46 -79.31 19.92 31.51
N LEU A 47 -79.56 18.83 30.79
CA LEU A 47 -78.47 18.12 30.13
C LEU A 47 -77.89 18.94 28.97
N LEU A 48 -78.70 19.79 28.34
CA LEU A 48 -78.15 20.65 27.29
C LEU A 48 -77.07 21.57 27.84
N GLN A 49 -77.25 22.03 29.07
CA GLN A 49 -76.29 22.91 29.72
C GLN A 49 -75.03 22.19 30.17
N ALA A 50 -75.01 20.86 30.08
CA ALA A 50 -73.85 20.06 30.42
C ALA A 50 -72.97 19.73 29.22
N GLN A 51 -73.32 20.19 28.02
CA GLN A 51 -72.54 19.84 26.82
C GLN A 51 -71.39 20.82 26.64
N TYR A 52 -70.34 20.59 27.41
CA TYR A 52 -69.18 21.48 27.29
C TYR A 52 -68.22 21.03 26.21
N PHE A 53 -68.56 19.98 25.46
CA PHE A 53 -67.68 19.43 24.44
C PHE A 53 -68.53 18.83 23.33
N VAL A 54 -67.88 18.48 22.22
CA VAL A 54 -68.47 17.55 21.27
C VAL A 54 -67.51 16.36 21.13
N THR A 55 -68.04 15.29 20.52
CA THR A 55 -67.26 14.09 20.19
C THR A 55 -67.37 13.79 18.70
N PRO A 56 -66.35 13.17 18.11
CA PRO A 56 -66.43 12.81 16.67
C PRO A 56 -67.59 11.89 16.33
N GLU A 57 -68.00 11.03 17.25
CA GLU A 57 -69.08 10.12 16.97
C GLU A 57 -70.40 10.84 16.71
N GLN A 58 -70.54 12.07 17.23
CA GLN A 58 -71.75 12.84 16.99
C GLN A 58 -71.84 13.34 15.56
N PHE A 59 -70.77 13.19 14.77
CA PHE A 59 -70.72 13.63 13.37
C PHE A 59 -70.51 12.45 12.44
N GLY A 60 -70.76 11.24 12.93
CA GLY A 60 -70.78 10.06 12.10
C GLY A 60 -69.58 9.15 12.25
N ALA A 61 -68.62 9.50 13.12
CA ALA A 61 -67.44 8.66 13.27
C ALA A 61 -67.79 7.32 13.90
N ILE A 62 -67.22 6.24 13.35
CA ILE A 62 -67.38 4.89 13.89
C ILE A 62 -66.31 4.59 14.92
N GLY A 63 -65.08 5.02 14.71
CA GLY A 63 -64.07 4.88 15.73
C GLY A 63 -63.56 3.47 15.93
N ASP A 64 -63.66 2.62 14.92
CA ASP A 64 -63.19 1.24 15.03
C ASP A 64 -61.79 1.05 14.45
N GLY A 65 -61.14 2.13 14.02
CA GLY A 65 -59.79 2.06 13.48
C GLY A 65 -59.69 1.47 12.08
N VAL A 66 -60.82 1.21 11.45
CA VAL A 66 -60.91 0.53 10.15
C VAL A 66 -61.82 1.31 9.21
N THR A 67 -63.03 1.60 9.67
CA THR A 67 -63.97 2.39 8.87
C THR A 67 -63.38 3.78 8.62
N ASP A 68 -63.50 4.26 7.37
CA ASP A 68 -62.92 5.56 7.04
C ASP A 68 -63.76 6.66 7.69
N ASP A 69 -63.19 7.32 8.71
CA ASP A 69 -63.86 8.37 9.44
C ASP A 69 -63.45 9.78 9.00
N THR A 70 -62.77 9.93 7.85
CA THR A 70 -62.25 11.25 7.48
C THR A 70 -63.36 12.32 7.49
N GLN A 71 -64.48 12.05 6.83
CA GLN A 71 -65.49 13.10 6.68
C GLN A 71 -66.10 13.46 8.04
N ALA A 72 -66.28 12.47 8.90
CA ALA A 72 -66.76 12.74 10.26
C ALA A 72 -65.79 13.63 11.03
N ILE A 73 -64.48 13.36 10.92
CA ILE A 73 -63.48 14.20 11.60
C ILE A 73 -63.56 15.62 11.06
N LEU A 74 -63.64 15.76 9.74
CA LEU A 74 -63.76 17.08 9.13
C LEU A 74 -65.00 17.82 9.66
N LYS A 75 -66.14 17.14 9.73
CA LYS A 75 -67.34 17.79 10.25
C LYS A 75 -67.19 18.16 11.73
N THR A 76 -66.52 17.31 12.50
CA THR A 76 -66.25 17.62 13.91
C THR A 76 -65.41 18.89 14.03
N ILE A 77 -64.35 18.98 13.22
CA ILE A 77 -63.45 20.13 13.27
C ILE A 77 -64.19 21.39 12.89
N THR A 78 -65.04 21.32 11.86
CA THR A 78 -65.79 22.49 11.44
C THR A 78 -66.72 22.97 12.55
N PHE A 79 -67.43 22.04 13.17
CA PHE A 79 -68.33 22.41 14.26
C PHE A 79 -67.55 22.98 15.44
N ALA A 80 -66.42 22.35 15.78
CA ALA A 80 -65.61 22.83 16.89
C ALA A 80 -65.09 24.24 16.60
N ASN A 81 -64.63 24.47 15.38
CA ASN A 81 -64.18 25.82 15.01
C ASN A 81 -65.34 26.81 15.02
N THR A 82 -66.43 26.48 14.31
CA THR A 82 -67.55 27.40 14.20
C THR A 82 -68.09 27.80 15.56
N ASN A 83 -68.23 26.86 16.48
CA ASN A 83 -68.86 27.12 17.76
C ASN A 83 -67.87 27.29 18.90
N ASN A 84 -66.57 27.25 18.63
CA ASN A 84 -65.51 27.37 19.63
C ASN A 84 -65.76 26.43 20.83
N ILE A 85 -65.78 25.14 20.54
CA ILE A 85 -66.08 24.12 21.54
C ILE A 85 -65.05 23.03 21.43
N GLN A 86 -64.58 22.57 22.59
CA GLN A 86 -63.57 21.52 22.65
C GLN A 86 -64.11 20.19 22.17
N VAL A 87 -63.17 19.34 21.73
CA VAL A 87 -63.50 17.97 21.31
C VAL A 87 -62.97 17.01 22.35
N ARG A 88 -63.82 16.07 22.74
CA ARG A 88 -63.44 14.93 23.57
C ARG A 88 -63.57 13.69 22.71
N ALA A 89 -62.66 12.75 22.89
CA ALA A 89 -62.72 11.50 22.12
C ALA A 89 -61.98 10.41 22.87
N ASP A 90 -62.33 9.16 22.54
CA ASP A 90 -61.64 8.04 23.17
C ASP A 90 -61.49 6.82 22.27
N LYS A 91 -62.09 6.83 21.07
CA LYS A 91 -61.93 5.69 20.18
C LYS A 91 -60.78 5.91 19.19
N ASN A 92 -60.89 5.32 18.01
CA ASN A 92 -59.76 5.20 17.09
C ASN A 92 -60.29 5.53 15.69
N TYR A 93 -59.93 6.72 15.18
CA TYR A 93 -60.54 7.29 13.97
C TYR A 93 -59.59 7.10 12.79
N ARG A 94 -59.89 6.12 11.95
CA ARG A 94 -59.15 5.93 10.70
C ARG A 94 -59.46 7.07 9.75
N PHE A 95 -58.42 7.66 9.15
CA PHE A 95 -58.60 8.74 8.18
C PHE A 95 -57.57 8.59 7.08
N THR A 96 -57.90 9.13 5.90
CA THR A 96 -57.21 8.74 4.67
C THR A 96 -56.78 9.91 3.80
N SER A 97 -57.03 11.16 4.21
CA SER A 97 -56.53 12.32 3.50
C SER A 97 -56.33 13.43 4.52
N SER A 98 -55.74 14.54 4.06
CA SER A 98 -55.33 15.60 5.00
C SER A 98 -56.50 16.21 5.75
N ILE A 99 -56.26 16.51 7.03
CA ILE A 99 -57.21 17.21 7.90
C ILE A 99 -56.54 18.47 8.43
N ALA A 100 -57.23 19.60 8.32
CA ALA A 100 -56.67 20.89 8.74
C ALA A 100 -57.44 21.43 9.94
N MET A 101 -56.75 21.60 11.08
CA MET A 101 -57.37 22.10 12.29
C MET A 101 -56.90 23.50 12.58
N SER A 102 -57.81 24.35 13.05
CA SER A 102 -57.44 25.70 13.46
C SER A 102 -58.21 26.08 14.70
N GLY A 103 -57.49 26.46 15.75
CA GLY A 103 -58.13 26.90 16.98
C GLY A 103 -58.76 25.82 17.83
N VAL A 104 -58.44 24.56 17.59
CA VAL A 104 -59.13 23.43 18.20
C VAL A 104 -58.49 23.05 19.52
N ARG A 105 -59.33 22.74 20.50
CA ARG A 105 -58.90 22.07 21.72
C ARG A 105 -59.38 20.63 21.62
N TRP A 106 -58.44 19.67 21.58
CA TRP A 106 -58.79 18.26 21.38
C TRP A 106 -58.14 17.43 22.47
N TYR A 107 -58.95 16.64 23.18
CA TYR A 107 -58.50 15.85 24.31
C TYR A 107 -58.90 14.39 24.11
N GLY A 108 -57.92 13.51 24.02
CA GLY A 108 -58.16 12.08 23.92
C GLY A 108 -58.27 11.53 22.51
N GLY A 109 -58.26 10.21 22.44
CA GLY A 109 -58.53 9.53 21.18
C GLY A 109 -57.29 9.19 20.39
N THR A 110 -57.49 8.34 19.39
CA THR A 110 -56.43 7.95 18.46
C THR A 110 -56.85 8.34 17.05
N PHE A 111 -55.91 8.94 16.32
CA PHE A 111 -56.04 9.15 14.88
C PHE A 111 -55.17 8.09 14.22
N THR A 112 -55.73 7.36 13.24
CA THR A 112 -54.96 6.35 12.51
C THR A 112 -55.01 6.67 11.02
N GLY A 113 -53.86 7.03 10.47
CA GLY A 113 -53.75 7.31 9.06
C GLY A 113 -53.30 6.09 8.26
N ASN A 114 -52.97 6.37 7.00
CA ASN A 114 -52.46 5.34 6.08
C ASN A 114 -50.99 5.09 6.27
N GLY A 115 -50.33 5.80 7.19
CA GLY A 115 -48.89 5.71 7.36
C GLY A 115 -48.30 7.10 7.51
N GLY A 116 -48.62 7.96 6.55
CA GLY A 116 -48.07 9.31 6.57
C GLY A 116 -49.10 10.39 6.26
N THR A 117 -50.35 10.13 6.63
CA THR A 117 -51.43 11.10 6.43
C THR A 117 -51.26 12.29 7.37
N MET A 118 -51.59 13.48 6.86
CA MET A 118 -51.27 14.73 7.56
C MET A 118 -52.45 15.31 8.30
N ILE A 119 -52.19 15.79 9.51
CA ILE A 119 -53.10 16.65 10.28
C ILE A 119 -52.36 17.96 10.48
N SER A 120 -52.91 19.06 9.95
CA SER A 120 -52.23 20.34 10.18
C SER A 120 -52.92 21.09 11.32
N THR A 121 -52.13 21.90 12.05
CA THR A 121 -52.63 22.63 13.19
C THR A 121 -52.16 24.08 13.16
N VAL A 122 -53.12 24.99 13.33
CA VAL A 122 -52.86 26.40 13.63
C VAL A 122 -53.53 26.72 14.96
N SER A 123 -52.76 27.23 15.91
CA SER A 123 -53.33 27.62 17.22
C SER A 123 -54.16 26.49 17.84
N CYS A 124 -53.60 25.29 17.87
CA CYS A 124 -54.29 24.14 18.45
C CYS A 124 -53.65 23.71 19.76
N TRP A 125 -54.48 23.11 20.61
CA TRP A 125 -54.11 22.57 21.93
C TRP A 125 -54.57 21.12 21.99
N MET A 126 -53.63 20.19 22.10
CA MET A 126 -53.94 18.77 22.02
C MET A 126 -53.25 18.05 23.17
N GLU A 127 -54.04 17.25 23.89
CA GLU A 127 -53.53 16.46 25.01
C GLU A 127 -54.12 15.08 24.96
N ASN A 128 -53.32 14.09 25.38
CA ASN A 128 -53.78 12.71 25.57
C ASN A 128 -54.20 12.06 24.27
N VAL A 129 -53.64 12.49 23.15
CA VAL A 129 -54.00 11.98 21.84
C VAL A 129 -52.90 11.03 21.38
N ARG A 130 -53.28 10.02 20.60
CA ARG A 130 -52.31 9.18 19.89
CA ARG A 130 -52.32 9.17 19.88
C ARG A 130 -52.44 9.41 18.38
N PHE A 131 -51.33 9.73 17.77
CA PHE A 131 -51.21 9.95 16.34
C PHE A 131 -50.48 8.73 15.77
N GLU A 132 -51.26 7.78 15.27
CA GLU A 132 -50.75 6.51 14.75
C GLU A 132 -50.73 6.53 13.22
N LYS A 133 -49.57 6.24 12.64
CA LYS A 133 -49.48 6.13 11.17
C LYS A 133 -49.98 7.41 10.51
N CYS A 134 -49.61 8.53 11.12
CA CYS A 134 -49.93 9.86 10.60
C CYS A 134 -48.95 10.84 11.23
N TYR A 135 -49.02 12.10 10.80
CA TYR A 135 -48.16 13.12 11.37
C TYR A 135 -48.91 14.43 11.51
N VAL A 136 -48.41 15.26 12.41
CA VAL A 136 -48.93 16.60 12.63
C VAL A 136 -47.97 17.59 12.00
N LYS A 137 -48.53 18.56 11.26
CA LYS A 137 -47.74 19.67 10.74
C LYS A 137 -48.27 20.96 11.38
N MET A 138 -47.41 21.66 12.09
CA MET A 138 -47.77 22.94 12.67
C MET A 138 -47.62 24.05 11.64
N LEU A 139 -48.69 24.82 11.46
CA LEU A 139 -48.70 25.93 10.52
C LEU A 139 -48.65 27.31 11.17
N GLY A 140 -48.71 27.38 12.51
CA GLY A 140 -48.48 28.64 13.19
C GLY A 140 -49.39 28.82 14.37
N GLY A 141 -49.39 30.04 14.89
CA GLY A 141 -50.15 30.35 16.09
C GLY A 141 -49.49 29.74 17.32
N ASP A 142 -50.19 29.84 18.45
CA ASP A 142 -49.71 29.29 19.71
C ASP A 142 -50.22 27.86 19.78
N CYS A 143 -49.35 26.90 19.56
CA CYS A 143 -49.72 25.50 19.64
C CYS A 143 -49.14 24.89 20.89
N ARG A 144 -49.90 23.97 21.47
CA ARG A 144 -49.49 23.32 22.72
C ARG A 144 -49.82 21.84 22.63
N PHE A 145 -48.82 21.00 22.85
CA PHE A 145 -48.93 19.54 22.72
C PHE A 145 -48.37 18.90 23.98
N TYR A 146 -49.23 18.27 24.79
CA TYR A 146 -48.80 17.63 26.03
C TYR A 146 -49.36 16.21 26.11
N ARG A 147 -48.53 15.29 26.60
CA ARG A 147 -48.96 13.92 26.91
C ARG A 147 -49.67 13.24 25.73
N ASN A 148 -49.10 13.43 24.54
CA ASN A 148 -49.52 12.69 23.35
C ASN A 148 -48.53 11.61 23.00
N ILE A 149 -48.96 10.74 22.10
CA ILE A 149 -48.12 9.67 21.55
C ILE A 149 -48.12 9.82 20.04
N PHE A 150 -46.93 9.80 19.47
CA PHE A 150 -46.74 9.82 18.01
C PHE A 150 -46.09 8.50 17.62
N SER A 151 -46.86 7.58 17.05
CA SER A 151 -46.40 6.23 16.80
C SER A 151 -46.47 5.80 15.33
N ASN A 152 -45.38 5.21 14.86
CA ASN A 152 -45.34 4.44 13.60
C ASN A 152 -45.61 5.27 12.36
N ALA A 153 -45.25 6.54 12.39
CA ALA A 153 -45.34 7.37 11.19
C ALA A 153 -44.36 6.89 10.13
N THR A 154 -44.82 6.87 8.88
CA THR A 154 -43.96 6.58 7.72
C THR A 154 -43.72 7.82 6.87
N SER A 155 -44.30 8.96 7.24
CA SER A 155 -43.94 10.25 6.68
C SER A 155 -42.51 10.59 7.06
N THR A 156 -41.95 11.64 6.43
CA THR A 156 -40.59 12.03 6.77
C THR A 156 -40.47 12.37 8.24
N ALA A 157 -41.46 13.10 8.78
CA ALA A 157 -41.47 13.49 10.18
C ALA A 157 -42.81 13.16 10.81
N ALA A 158 -42.78 12.92 12.13
CA ALA A 158 -44.01 12.71 12.88
C ALA A 158 -44.61 14.01 13.37
N PHE A 159 -43.76 14.99 13.66
CA PHE A 159 -44.19 16.34 14.03
C PHE A 159 -43.34 17.28 13.21
N LEU A 160 -43.97 18.02 12.32
CA LEU A 160 -43.30 18.85 11.32
C LEU A 160 -43.70 20.32 11.50
N MET A 161 -42.70 21.19 11.50
CA MET A 161 -42.90 22.64 11.39
C MET A 161 -42.24 23.10 10.08
N GLN A 162 -43.04 23.61 9.14
CA GLN A 162 -42.51 23.90 7.82
C GLN A 162 -43.44 24.85 7.10
N ALA A 163 -42.88 25.95 6.58
CA ALA A 163 -43.64 26.91 5.79
C ALA A 163 -44.88 27.38 6.54
N MET A 164 -44.68 27.69 7.82
CA MET A 164 -45.80 28.20 8.62
C MET A 164 -46.35 29.46 7.97
N THR A 165 -47.67 29.58 8.02
CA THR A 165 -48.36 30.75 7.45
C THR A 165 -48.58 31.88 8.46
N SER A 166 -48.40 31.63 9.74
CA SER A 166 -48.36 32.69 10.74
C SER A 166 -47.27 32.40 11.75
N GLU A 167 -46.82 33.45 12.43
CA GLU A 167 -45.80 33.30 13.45
C GLU A 167 -46.38 32.43 14.57
N GLY A 168 -45.50 31.67 15.21
CA GLY A 168 -45.93 30.69 16.19
C GLY A 168 -45.13 30.74 17.47
N THR A 169 -45.72 30.12 18.49
CA THR A 169 -44.99 29.67 19.66
C THR A 169 -45.41 28.23 19.92
N LEU A 170 -44.53 27.49 20.55
CA LEU A 170 -44.74 26.07 20.76
C LEU A 170 -44.28 25.65 22.13
N ASP A 171 -45.13 24.89 22.82
CA ASP A 171 -44.72 24.06 23.94
C ASP A 171 -45.03 22.62 23.55
N PHE A 172 -43.98 21.82 23.41
CA PHE A 172 -44.07 20.42 22.97
C PHE A 172 -43.42 19.62 24.08
N SER A 173 -44.23 19.16 25.04
CA SER A 173 -43.68 18.63 26.30
C SER A 173 -44.39 17.37 26.77
N TYR A 174 -43.60 16.44 27.35
CA TYR A 174 -44.12 15.19 27.90
C TYR A 174 -44.88 14.37 26.85
N ASN A 175 -44.39 14.37 25.64
CA ASN A 175 -44.92 13.50 24.61
C ASN A 175 -43.99 12.30 24.43
N GLU A 176 -44.54 11.22 23.88
CA GLU A 176 -43.77 10.06 23.50
C GLU A 176 -43.86 9.89 21.99
N MET A 177 -42.74 9.56 21.36
CA MET A 177 -42.66 9.40 19.91
C MET A 177 -41.82 8.17 19.59
N TYR A 178 -42.32 7.29 18.70
CA TYR A 178 -41.54 6.09 18.36
C TYR A 178 -41.99 5.49 17.05
N GLY A 179 -41.11 4.67 16.48
CA GLY A 179 -41.48 3.88 15.32
C GLY A 179 -41.51 4.66 14.02
N CYS A 180 -41.00 5.88 14.01
CA CYS A 180 -41.13 6.78 12.89
C CYS A 180 -39.80 6.92 12.16
N LYS A 181 -39.74 7.86 11.21
CA LYS A 181 -38.48 8.32 10.63
C LYS A 181 -37.98 9.48 11.47
N TYR A 182 -38.03 10.73 10.97
CA TYR A 182 -37.80 11.85 11.89
C TYR A 182 -38.94 11.91 12.90
N ALA A 183 -38.61 12.23 14.12
CA ALA A 183 -39.66 12.49 15.11
C ALA A 183 -40.09 13.94 14.99
N ILE A 184 -39.28 14.87 15.53
CA ILE A 184 -39.52 16.31 15.41
C ILE A 184 -38.63 16.91 14.33
N LEU A 185 -39.23 17.57 13.34
CA LEU A 185 -38.48 18.20 12.27
C LEU A 185 -39.03 19.59 11.98
N GLN A 186 -38.13 20.56 11.98
CA GLN A 186 -38.46 21.90 11.50
C GLN A 186 -37.59 22.23 10.31
N GLN A 187 -38.20 22.76 9.26
CA GLN A 187 -37.50 23.45 8.19
C GLN A 187 -37.92 24.91 8.22
N GLY A 188 -36.96 25.81 8.27
CA GLY A 188 -37.20 27.18 8.65
C GLY A 188 -37.87 28.09 7.64
N THR A 189 -38.11 27.63 6.41
CA THR A 189 -38.83 28.47 5.45
C THR A 189 -40.21 28.88 5.99
N GLY A 190 -40.59 30.11 5.73
CA GLY A 190 -41.92 30.61 6.10
C GLY A 190 -41.89 31.48 7.34
N GLU A 191 -43.06 31.64 7.96
CA GLU A 191 -43.17 32.55 9.09
C GLU A 191 -42.46 31.93 10.30
N VAL A 192 -41.99 32.79 11.23
CA VAL A 192 -41.08 32.29 12.25
C VAL A 192 -41.78 31.81 13.51
N MET A 193 -41.16 30.81 14.15
CA MET A 193 -41.44 30.42 15.53
C MET A 193 -40.66 31.36 16.43
N THR A 194 -41.34 32.21 17.18
CA THR A 194 -40.63 33.22 17.95
C THR A 194 -40.07 32.63 19.25
N TYR A 195 -40.70 31.60 19.76
CA TYR A 195 -40.34 30.96 21.01
C TYR A 195 -40.78 29.52 20.95
N GLY A 196 -39.90 28.62 21.36
CA GLY A 196 -40.29 27.22 21.48
C GLY A 196 -39.60 26.49 22.60
N ARG A 197 -40.38 25.68 23.31
CA ARG A 197 -39.89 24.79 24.37
C ARG A 197 -40.19 23.36 23.98
N TYR A 198 -39.16 22.54 23.90
CA TYR A 198 -39.28 21.11 23.63
C TYR A 198 -38.72 20.41 24.86
N SER A 199 -39.58 19.95 25.75
CA SER A 199 -39.11 19.48 27.05
C SER A 199 -39.74 18.16 27.48
N ASN A 200 -38.93 17.33 28.10
CA ASN A 200 -39.40 16.15 28.79
C ASN A 200 -40.09 15.15 27.87
N ASN A 201 -39.70 15.12 26.60
CA ASN A 201 -40.21 14.13 25.65
C ASN A 201 -39.38 12.85 25.71
N TYR A 202 -40.00 11.77 25.25
CA TYR A 202 -39.41 10.43 25.22
C TYR A 202 -39.52 9.94 23.78
N ILE A 203 -38.39 9.89 23.09
CA ILE A 203 -38.35 9.62 21.65
C ILE A 203 -37.45 8.41 21.47
N HIS A 204 -37.97 7.37 20.80
CA HIS A 204 -37.18 6.14 20.75
C HIS A 204 -37.55 5.27 19.57
N ASP A 205 -36.55 4.51 19.10
CA ASP A 205 -36.73 3.52 18.05
C ASP A 205 -37.20 4.15 16.76
N ILE A 206 -36.35 5.03 16.23
CA ILE A 206 -36.66 5.87 15.07
C ILE A 206 -35.58 5.67 14.01
N LYS A 207 -35.89 6.12 12.79
CA LYS A 207 -35.04 5.94 11.65
C LYS A 207 -34.58 7.25 11.00
N GLY A 208 -34.91 8.40 11.58
CA GLY A 208 -34.39 9.69 11.17
C GLY A 208 -33.86 10.41 12.39
N ASP A 209 -33.93 11.73 12.36
CA ASP A 209 -33.43 12.48 13.53
C ASP A 209 -34.51 12.55 14.60
N ALA A 210 -34.09 12.67 15.87
CA ALA A 210 -35.08 12.79 16.93
C ALA A 210 -35.64 14.22 17.03
N ILE A 211 -34.76 15.21 17.06
CA ILE A 211 -35.17 16.63 17.09
C ILE A 211 -34.23 17.37 16.16
N GLU A 212 -34.73 17.82 15.02
CA GLU A 212 -33.92 18.48 14.00
C GLU A 212 -34.58 19.79 13.60
N LEU A 213 -33.91 20.92 13.89
CA LEU A 213 -34.45 22.26 13.60
C LEU A 213 -33.46 22.86 12.61
N ASN A 214 -33.85 22.87 11.33
CA ASN A 214 -32.91 23.06 10.23
C ASN A 214 -33.16 24.39 9.53
N VAL A 215 -32.09 25.18 9.39
CA VAL A 215 -32.10 26.50 8.74
C VAL A 215 -33.10 27.40 9.42
N VAL A 216 -32.96 27.53 10.75
CA VAL A 216 -33.87 28.30 11.58
C VAL A 216 -33.22 29.55 12.15
N GLN A 217 -32.26 30.13 11.42
CA GLN A 217 -31.55 31.31 11.91
C GLN A 217 -32.48 32.50 12.16
N LYS A 218 -33.59 32.62 11.43
CA LYS A 218 -34.52 33.73 11.62
C LYS A 218 -35.48 33.50 12.77
N HIS A 219 -35.53 32.29 13.29
CA HIS A 219 -36.49 31.88 14.29
C HIS A 219 -35.92 32.03 15.69
N TYR A 220 -36.82 31.90 16.68
CA TYR A 220 -36.46 31.76 18.09
C TYR A 220 -35.77 33.01 18.64
N THR A 221 -36.18 34.18 18.15
CA THR A 221 -35.62 35.42 18.70
C THR A 221 -35.86 35.54 20.21
N GLU A 222 -36.94 34.96 20.70
CA GLU A 222 -37.24 34.99 22.14
C GLU A 222 -37.03 33.64 22.81
N GLY A 223 -36.25 32.77 22.18
CA GLY A 223 -35.74 31.58 22.85
C GLY A 223 -36.14 30.27 22.24
N LEU A 224 -35.12 29.42 22.06
CA LEU A 224 -35.27 28.00 21.74
C LEU A 224 -34.66 27.22 22.88
N ILE A 225 -35.47 26.37 23.53
CA ILE A 225 -35.00 25.58 24.65
C ILE A 225 -35.36 24.12 24.43
N ILE A 226 -34.34 23.26 24.35
CA ILE A 226 -34.50 21.82 24.11
C ILE A 226 -33.95 21.16 25.36
N GLU A 227 -34.83 20.68 26.25
CA GLU A 227 -34.42 20.35 27.60
CA GLU A 227 -34.43 20.35 27.60
C GLU A 227 -35.06 19.06 28.12
N ASN A 228 -34.24 18.24 28.77
CA ASN A 228 -34.67 17.05 29.50
C ASN A 228 -35.39 16.05 28.63
N ASN A 229 -35.04 15.96 27.36
CA ASN A 229 -35.60 14.96 26.48
C ASN A 229 -34.77 13.68 26.58
N HIS A 230 -35.45 12.55 26.53
CA HIS A 230 -34.82 11.24 26.62
C HIS A 230 -35.00 10.53 25.30
N ILE A 231 -33.89 10.27 24.63
CA ILE A 231 -33.86 9.73 23.28
C ILE A 231 -33.10 8.41 23.30
N ALA A 232 -33.64 7.41 22.60
CA ALA A 232 -33.00 6.08 22.59
C ALA A 232 -33.19 5.42 21.23
N ASN A 233 -32.12 4.84 20.70
CA ASN A 233 -32.18 4.00 19.51
C ASN A 233 -32.62 4.75 18.26
N VAL A 234 -31.68 5.50 17.72
CA VAL A 234 -31.82 6.32 16.53
C VAL A 234 -30.93 5.65 15.48
N ASP A 235 -31.55 5.01 14.49
CA ASP A 235 -30.78 4.19 13.54
C ASP A 235 -31.31 4.43 12.14
N ALA A 236 -30.60 5.29 11.41
CA ALA A 236 -30.98 5.68 10.06
C ALA A 236 -30.20 4.89 9.01
N SER A 237 -29.78 3.69 9.34
CA SER A 237 -29.04 2.87 8.40
C SER A 237 -29.86 2.72 7.13
N GLY A 238 -29.19 2.87 5.99
CA GLY A 238 -29.87 2.80 4.70
C GLY A 238 -30.60 4.05 4.30
N GLN A 239 -30.66 5.06 5.15
CA GLN A 239 -31.40 6.27 4.84
C GLN A 239 -30.43 7.25 4.19
N GLY A 240 -30.94 8.42 3.86
CA GLY A 240 -30.19 9.42 3.14
C GLY A 240 -29.07 10.06 3.96
N ALA A 241 -28.37 10.97 3.27
CA ALA A 241 -27.24 11.67 3.85
C ALA A 241 -27.66 12.47 5.07
N ASN A 242 -26.89 12.32 6.13
CA ASN A 242 -26.99 13.06 7.39
C ASN A 242 -28.24 12.73 8.18
N TRP A 243 -28.99 11.69 7.81
CA TRP A 243 -30.04 11.17 8.66
C TRP A 243 -29.46 10.46 9.88
N GLY A 244 -30.10 10.63 11.03
CA GLY A 244 -29.70 9.90 12.22
C GLY A 244 -29.10 10.73 13.35
N ILE A 245 -29.12 12.05 13.25
CA ILE A 245 -28.72 12.92 14.36
C ILE A 245 -29.73 12.83 15.49
N GLY A 246 -29.25 12.92 16.72
CA GLY A 246 -30.12 12.95 17.87
C GLY A 246 -30.88 14.26 17.99
N ILE A 247 -30.15 15.29 18.40
CA ILE A 247 -30.67 16.66 18.45
C ILE A 247 -29.78 17.51 17.55
N GLY A 248 -30.39 18.16 16.56
CA GLY A 248 -29.63 18.99 15.63
C GLY A 248 -30.29 20.35 15.46
N VAL A 249 -29.45 21.38 15.41
CA VAL A 249 -29.87 22.76 15.16
C VAL A 249 -28.93 23.35 14.12
N ALA A 250 -29.50 24.03 13.11
CA ALA A 250 -28.69 24.53 12.01
C ALA A 250 -29.18 25.92 11.57
N GLY A 251 -28.23 26.82 11.43
CA GLY A 251 -28.42 28.08 10.72
C GLY A 251 -28.21 27.88 9.23
N SER A 252 -27.74 28.94 8.56
CA SER A 252 -27.60 28.92 7.10
C SER A 252 -26.17 29.26 6.67
N GLY A 253 -25.66 28.50 5.69
CA GLY A 253 -24.43 28.85 5.05
C GLY A 253 -24.59 30.08 4.17
N PRO A 254 -23.47 30.54 3.57
CA PRO A 254 -22.15 29.93 3.65
C PRO A 254 -21.48 30.14 4.98
N TYR A 255 -20.66 29.17 5.36
CA TYR A 255 -19.78 29.34 6.51
C TYR A 255 -18.78 30.46 6.25
N GLY A 256 -18.33 31.08 7.32
CA GLY A 256 -17.22 32.02 7.26
C GLY A 256 -17.05 32.80 8.53
N VAL A 257 -15.80 33.15 8.84
CA VAL A 257 -15.56 33.80 10.12
C VAL A 257 -16.27 35.15 10.24
N ASP A 258 -16.48 35.85 9.11
CA ASP A 258 -17.05 37.19 9.13
CA ASP A 258 -17.05 37.19 9.12
C ASP A 258 -18.45 37.25 8.52
N VAL A 259 -19.13 36.13 8.34
CA VAL A 259 -20.47 36.22 7.75
C VAL A 259 -21.41 36.87 8.75
N PRO A 260 -22.51 37.46 8.28
CA PRO A 260 -23.40 38.22 9.19
C PRO A 260 -24.00 37.36 10.29
N ASP A 261 -24.24 37.99 11.45
CA ASP A 261 -24.86 37.30 12.57
C ASP A 261 -26.21 36.69 12.19
N SER A 262 -26.90 37.31 11.22
CA SER A 262 -28.23 36.85 10.83
C SER A 262 -28.25 35.46 10.19
N GLN A 263 -27.11 34.92 9.79
CA GLN A 263 -27.07 33.58 9.26
C GLN A 263 -27.09 32.51 10.34
N TYR A 264 -26.84 32.87 11.59
CA TYR A 264 -26.68 31.89 12.65
C TYR A 264 -27.97 31.71 13.43
N VAL A 265 -28.19 30.48 13.93
CA VAL A 265 -29.19 30.29 14.96
C VAL A 265 -28.58 30.73 16.29
N ARG A 266 -29.29 31.59 17.02
CA ARG A 266 -28.70 32.26 18.17
C ARG A 266 -29.56 32.10 19.41
N ASN A 267 -28.86 32.15 20.54
CA ASN A 267 -29.45 32.29 21.87
C ASN A 267 -30.19 31.05 22.34
N PHE A 268 -29.96 29.91 21.72
CA PHE A 268 -30.66 28.70 22.09
C PHE A 268 -29.89 27.88 23.15
N SER A 269 -30.58 26.90 23.70
CA SER A 269 -29.96 26.04 24.72
C SER A 269 -30.42 24.60 24.55
N ILE A 270 -29.45 23.69 24.72
CA ILE A 270 -29.68 22.25 24.65
C ILE A 270 -29.19 21.71 25.98
N VAL A 271 -30.12 21.36 26.86
CA VAL A 271 -29.83 21.18 28.28
C VAL A 271 -30.47 19.93 28.83
N GLY A 272 -29.70 19.16 29.58
CA GLY A 272 -30.24 18.05 30.33
C GLY A 272 -30.81 16.90 29.55
N ASN A 273 -30.44 16.75 28.29
CA ASN A 273 -30.98 15.68 27.48
C ASN A 273 -30.15 14.42 27.64
N ARG A 274 -30.79 13.30 27.33
CA ARG A 274 -30.14 11.97 27.35
C ARG A 274 -30.33 11.37 25.97
N VAL A 275 -29.23 11.01 25.31
CA VAL A 275 -29.28 10.48 23.95
C VAL A 275 -28.50 9.18 23.93
N TYR A 276 -29.21 8.06 23.82
CA TYR A 276 -28.64 6.72 23.90
C TYR A 276 -28.73 5.98 22.56
N ASN A 277 -27.59 5.44 22.10
CA ASN A 277 -27.52 4.59 20.90
C ASN A 277 -27.96 5.38 19.67
N CYS A 278 -27.11 6.32 19.34
CA CYS A 278 -27.28 7.25 18.24
C CYS A 278 -25.91 7.52 17.67
N ARG A 279 -25.82 7.72 16.34
CA ARG A 279 -24.52 7.88 15.73
C ARG A 279 -23.89 9.22 16.06
N GLN A 280 -24.68 10.28 16.06
CA GLN A 280 -24.17 11.63 16.34
C GLN A 280 -25.24 12.30 17.23
N CYS A 281 -24.98 12.37 18.53
CA CYS A 281 -26.05 12.61 19.47
C CYS A 281 -26.54 14.07 19.43
N LEU A 282 -25.61 15.03 19.41
CA LEU A 282 -25.93 16.45 19.41
C LEU A 282 -25.14 17.11 18.29
N HIS A 283 -25.82 17.98 17.52
CA HIS A 283 -25.23 18.57 16.31
C HIS A 283 -25.65 20.02 16.22
N VAL A 284 -24.68 20.91 16.03
CA VAL A 284 -25.00 22.30 15.66
C VAL A 284 -24.13 22.71 14.49
N GLU A 285 -24.70 23.41 13.54
CA GLU A 285 -23.92 24.08 12.51
C GLU A 285 -24.46 25.49 12.36
N MET A 286 -23.55 26.44 12.19
CA MET A 286 -23.91 27.83 12.04
C MET A 286 -24.76 28.27 13.22
N GLY A 287 -24.29 27.96 14.42
CA GLY A 287 -24.88 28.46 15.64
C GLY A 287 -23.97 29.50 16.28
N LYS A 288 -24.58 30.43 17.01
CA LYS A 288 -23.84 31.49 17.68
C LYS A 288 -24.56 31.82 18.97
N ASN A 289 -23.78 32.10 20.02
CA ASN A 289 -24.31 32.47 21.33
CA ASN A 289 -24.31 32.47 21.33
C ASN A 289 -25.29 31.42 21.86
N PHE A 290 -24.81 30.20 22.00
CA PHE A 290 -25.63 29.10 22.49
C PHE A 290 -24.87 28.32 23.55
N THR A 291 -25.62 27.49 24.29
CA THR A 291 -25.07 26.68 25.36
C THR A 291 -25.56 25.25 25.22
N ILE A 292 -24.63 24.31 25.34
CA ILE A 292 -24.91 22.88 25.34
C ILE A 292 -24.51 22.39 26.73
N ARG A 293 -25.50 22.19 27.63
CA ARG A 293 -25.24 22.04 29.06
CA ARG A 293 -25.24 22.04 29.06
C ARG A 293 -25.81 20.74 29.61
N ASP A 294 -24.96 19.99 30.31
CA ASP A 294 -25.37 18.85 31.13
C ASP A 294 -26.20 17.82 30.36
N ASN A 295 -25.61 17.32 29.29
CA ASN A 295 -26.20 16.27 28.49
C ASN A 295 -25.43 14.97 28.71
N GLU A 296 -26.13 13.88 28.49
CA GLU A 296 -25.62 12.53 28.68
C GLU A 296 -25.80 11.77 27.37
N VAL A 297 -24.71 11.29 26.78
CA VAL A 297 -24.75 10.77 25.41
C VAL A 297 -24.00 9.45 25.29
N TYR A 298 -24.56 8.53 24.49
CA TYR A 298 -23.95 7.23 24.21
C TYR A 298 -23.91 7.00 22.71
N PRO A 299 -22.88 7.49 22.03
CA PRO A 299 -22.80 7.29 20.58
C PRO A 299 -22.50 5.85 20.23
N ASN A 300 -22.78 5.50 18.97
CA ASN A 300 -22.54 4.12 18.50
C ASN A 300 -22.23 4.16 17.01
N THR A 301 -21.01 3.74 16.65
CA THR A 301 -20.61 3.62 15.25
C THR A 301 -21.47 2.65 14.46
N ALA A 302 -22.21 1.79 15.13
CA ALA A 302 -22.88 0.72 14.41
C ALA A 302 -24.24 1.12 13.87
N VAL A 303 -24.76 2.30 14.23
CA VAL A 303 -26.07 2.70 13.77
C VAL A 303 -25.89 3.80 12.74
N SER A 304 -26.94 4.02 11.97
CA SER A 304 -26.95 5.02 10.90
C SER A 304 -25.75 4.84 9.97
N THR A 305 -25.47 3.59 9.62
CA THR A 305 -24.41 3.31 8.67
C THR A 305 -24.75 3.92 7.31
N GLY A 306 -23.73 4.45 6.66
CA GLY A 306 -23.90 4.98 5.31
C GLY A 306 -24.41 6.39 5.21
N THR A 307 -24.80 7.06 6.32
CA THR A 307 -25.33 8.41 6.22
C THR A 307 -24.27 9.50 6.21
N GLY A 308 -23.01 9.16 6.42
CA GLY A 308 -21.93 10.12 6.37
C GLY A 308 -21.70 10.93 7.63
N LEU A 309 -22.40 10.63 8.72
CA LEU A 309 -22.20 11.40 9.95
C LEU A 309 -20.93 10.95 10.66
N THR A 310 -20.20 11.92 11.20
CA THR A 310 -19.09 11.62 12.10
C THR A 310 -19.63 11.12 13.44
N THR A 311 -19.22 9.92 13.84
CA THR A 311 -19.70 9.37 15.11
C THR A 311 -19.15 10.21 16.26
N CYS A 312 -20.04 10.69 17.12
CA CYS A 312 -19.63 11.42 18.31
C CYS A 312 -20.86 11.80 19.14
N GLY A 313 -20.58 12.34 20.32
CA GLY A 313 -21.62 12.85 21.20
C GLY A 313 -22.02 14.28 20.89
N VAL A 314 -21.04 15.11 20.57
CA VAL A 314 -21.27 16.51 20.24
C VAL A 314 -20.46 16.85 19.01
N ALA A 315 -21.14 17.33 17.96
CA ALA A 315 -20.50 17.75 16.74
C ALA A 315 -20.93 19.20 16.47
N LEU A 316 -19.95 20.12 16.45
CA LEU A 316 -20.20 21.54 16.20
C LEU A 316 -19.37 22.01 15.02
N TYR A 317 -20.04 22.65 14.03
CA TYR A 317 -19.42 23.09 12.80
C TYR A 317 -19.62 24.60 12.59
N GLY A 318 -18.52 25.32 12.46
CA GLY A 318 -18.56 26.72 12.08
C GLY A 318 -19.28 27.60 13.06
N CYS A 319 -19.26 27.24 14.34
CA CYS A 319 -19.97 27.96 15.40
C CYS A 319 -19.11 29.00 16.08
N GLN A 320 -19.77 30.02 16.67
CA GLN A 320 -19.04 31.05 17.39
C GLN A 320 -19.74 31.37 18.72
N ASP A 321 -18.95 31.85 19.69
CA ASP A 321 -19.50 32.41 20.93
C ASP A 321 -20.40 31.40 21.63
N PHE A 322 -19.84 30.23 21.95
CA PHE A 322 -20.65 29.14 22.49
C PHE A 322 -19.94 28.45 23.64
N GLU A 323 -20.71 27.72 24.41
CA GLU A 323 -20.21 26.94 25.54
C GLU A 323 -20.74 25.51 25.47
N VAL A 324 -19.85 24.56 25.73
CA VAL A 324 -20.21 23.17 26.05
C VAL A 324 -19.78 22.94 27.51
N ASP A 325 -20.76 22.68 28.37
CA ASP A 325 -20.51 22.59 29.82
C ASP A 325 -21.29 21.43 30.37
N GLY A 326 -20.60 20.34 30.69
CA GLY A 326 -21.25 19.22 31.32
C GLY A 326 -21.63 18.14 30.33
N LEU A 327 -20.83 17.09 30.25
CA LEU A 327 -21.08 15.99 29.32
C LEU A 327 -20.62 14.72 30.00
N THR A 328 -21.46 13.71 29.96
CA THR A 328 -21.14 12.39 30.47
C THR A 328 -21.59 11.35 29.43
N GLY A 329 -21.07 10.15 29.58
CA GLY A 329 -21.37 9.03 28.70
C GLY A 329 -20.12 8.44 28.09
N TYR A 330 -20.33 7.50 27.15
CA TYR A 330 -19.26 6.78 26.46
C TYR A 330 -19.86 6.14 25.21
N LEU A 331 -18.99 5.69 24.31
CA LEU A 331 -19.44 5.07 23.07
C LEU A 331 -19.76 3.60 23.31
N LEU A 332 -20.79 3.11 22.65
CA LEU A 332 -21.25 1.75 22.83
C LEU A 332 -20.44 0.73 22.01
N ASN A 333 -19.80 1.17 20.95
CA ASN A 333 -18.97 0.31 20.12
C ASN A 333 -17.63 0.07 20.81
N ASP A 334 -16.88 -0.87 20.25
CA ASP A 334 -15.53 -1.12 20.76
C ASP A 334 -14.60 0.08 20.53
N PRO A 335 -13.70 0.37 21.46
CA PRO A 335 -12.78 1.50 21.28
C PRO A 335 -11.93 1.38 20.04
N SER A 336 -11.70 0.16 19.54
CA SER A 336 -10.90 0.03 18.33
C SER A 336 -11.58 0.64 17.11
N VAL A 337 -12.91 0.79 17.12
CA VAL A 337 -13.60 1.44 16.01
C VAL A 337 -13.52 2.94 16.13
N SER A 338 -13.91 3.48 17.30
CA SER A 338 -13.84 4.91 17.55
C SER A 338 -13.93 5.15 19.06
N THR A 339 -13.28 6.23 19.52
CA THR A 339 -13.54 6.80 20.86
C THR A 339 -13.98 8.27 20.76
N ARG A 340 -14.33 8.75 19.58
CA ARG A 340 -14.62 10.18 19.40
C ARG A 340 -15.90 10.59 20.11
N MET A 341 -15.80 11.57 21.00
CA MET A 341 -16.95 12.07 21.73
C MET A 341 -17.29 13.52 21.46
N VAL A 342 -16.29 14.41 21.39
CA VAL A 342 -16.51 15.83 21.14
C VAL A 342 -15.74 16.17 19.88
N PHE A 343 -16.43 16.73 18.89
CA PHE A 343 -15.86 17.05 17.59
C PHE A 343 -16.27 18.47 17.26
N ILE A 344 -15.31 19.40 17.26
CA ILE A 344 -15.56 20.82 17.03
C ILE A 344 -14.68 21.22 15.86
N ASP A 345 -15.31 21.67 14.78
CA ASP A 345 -14.60 21.77 13.51
C ASP A 345 -15.06 23.01 12.73
N TRP A 346 -14.26 23.32 11.74
CA TRP A 346 -14.62 24.29 10.73
C TRP A 346 -15.82 23.78 9.92
N GLY A 347 -16.55 24.71 9.34
CA GLY A 347 -17.49 24.37 8.31
C GLY A 347 -16.78 24.11 6.98
N VAL A 348 -17.60 23.82 5.98
CA VAL A 348 -17.14 23.59 4.61
C VAL A 348 -18.16 24.18 3.65
N ASN A 349 -17.67 24.95 2.65
CA ASN A 349 -18.48 25.46 1.58
C ASN A 349 -18.00 24.75 0.31
N ASN A 350 -18.85 23.92 -0.27
CA ASN A 350 -18.48 23.15 -1.46
C ASN A 350 -17.11 22.50 -1.28
N GLY A 351 -16.93 21.87 -0.14
CA GLY A 351 -15.73 21.11 0.16
C GLY A 351 -14.54 21.92 0.65
N ARG A 352 -14.61 23.25 0.61
CA ARG A 352 -13.51 24.11 1.07
C ARG A 352 -13.76 24.52 2.51
N TYR A 353 -12.76 24.36 3.37
CA TYR A 353 -12.89 24.75 4.76
C TYR A 353 -13.22 26.22 4.90
N ALA A 354 -14.13 26.53 5.82
CA ALA A 354 -14.53 27.91 6.04
C ALA A 354 -15.23 27.99 7.37
N GLY A 355 -15.05 29.09 8.08
CA GLY A 355 -15.74 29.30 9.35
C GLY A 355 -15.12 28.50 10.49
N PRO A 356 -13.94 28.90 10.94
CA PRO A 356 -13.38 28.27 12.13
C PRO A 356 -14.26 28.51 13.33
N PRO A 357 -14.36 27.56 14.25
CA PRO A 357 -15.00 27.83 15.53
C PRO A 357 -14.15 28.80 16.32
N ILE A 358 -14.78 29.88 16.82
CA ILE A 358 -14.06 30.88 17.59
C ILE A 358 -14.90 31.32 18.79
N ASN A 359 -14.18 31.81 19.81
CA ASN A 359 -14.75 32.35 21.02
C ASN A 359 -15.66 31.33 21.71
N PHE A 360 -15.01 30.34 22.28
CA PHE A 360 -15.76 29.24 22.87
C PHE A 360 -15.10 28.74 24.14
N THR A 361 -15.95 28.10 24.96
CA THR A 361 -15.60 27.58 26.27
C THR A 361 -16.10 26.15 26.35
N ILE A 362 -15.19 25.23 26.66
CA ILE A 362 -15.47 23.80 26.77
C ILE A 362 -15.12 23.40 28.21
N LYS A 363 -16.09 22.88 28.94
CA LYS A 363 -15.79 22.57 30.33
C LYS A 363 -16.63 21.43 30.85
N ASN A 364 -16.14 20.81 31.92
CA ASN A 364 -16.86 19.77 32.64
C ASN A 364 -17.27 18.60 31.75
N LEU A 365 -16.30 18.08 31.01
CA LEU A 365 -16.50 16.90 30.18
C LEU A 365 -15.93 15.72 30.95
N ASP A 366 -16.79 14.86 31.47
CA ASP A 366 -16.35 13.71 32.29
CA ASP A 366 -16.38 13.72 32.26
C ASP A 366 -16.59 12.47 31.43
N ILE A 367 -15.60 12.20 30.58
CA ILE A 367 -15.69 11.22 29.49
C ILE A 367 -14.33 10.52 29.38
N PRO A 368 -13.86 9.86 30.43
CA PRO A 368 -12.44 9.44 30.47
C PRO A 368 -12.08 8.44 29.38
N GLU A 369 -13.05 7.63 28.94
CA GLU A 369 -12.83 6.66 27.86
C GLU A 369 -12.76 7.30 26.49
N SER A 370 -13.19 8.54 26.36
CA SER A 370 -13.54 9.08 25.06
C SER A 370 -12.73 10.33 24.74
N SER A 371 -12.70 10.68 23.45
CA SER A 371 -11.74 11.65 22.97
C SER A 371 -12.39 12.93 22.49
N ILE A 372 -11.56 13.97 22.49
CA ILE A 372 -11.93 15.33 22.12
C ILE A 372 -11.07 15.73 20.93
N GLU A 373 -11.70 16.24 19.86
CA GLU A 373 -10.99 16.71 18.68
CA GLU A 373 -11.01 16.70 18.66
C GLU A 373 -11.51 18.09 18.33
N ILE A 374 -10.63 19.09 18.39
CA ILE A 374 -10.99 20.49 18.17
C ILE A 374 -10.07 21.08 17.10
N ALA A 375 -10.65 21.73 16.09
CA ALA A 375 -9.86 22.46 15.10
C ALA A 375 -10.37 23.89 15.06
N THR A 376 -9.49 24.83 15.34
CA THR A 376 -9.81 26.26 15.39
C THR A 376 -8.77 27.04 14.59
N SER A 377 -8.51 28.28 14.96
CA SER A 377 -7.65 29.17 14.17
C SER A 377 -7.39 30.44 14.97
N GLY A 378 -6.59 31.32 14.40
CA GLY A 378 -6.39 32.63 14.98
C GLY A 378 -5.78 33.57 13.97
N SER A 379 -6.12 34.85 14.08
CA SER A 379 -5.78 35.84 13.08
C SER A 379 -5.46 37.15 13.75
N ASP A 380 -4.88 38.07 12.96
CA ASP A 380 -4.77 39.47 13.35
C ASP A 380 -6.07 40.24 13.12
N ALA A 381 -6.97 39.72 12.29
CA ALA A 381 -8.15 40.45 11.88
C ALA A 381 -9.33 40.31 12.84
N TRP A 382 -9.29 39.36 13.77
CA TRP A 382 -10.37 39.14 14.71
C TRP A 382 -9.78 38.40 15.90
N GLU A 383 -10.40 38.62 17.07
CA GLU A 383 -10.06 37.91 18.28
C GLU A 383 -10.67 36.53 18.25
N ASN A 384 -9.96 35.59 18.88
CA ASN A 384 -10.49 34.26 19.19
C ASN A 384 -9.94 33.87 20.54
N SER A 385 -10.80 33.89 21.56
CA SER A 385 -10.43 33.51 22.91
C SER A 385 -11.11 32.19 23.25
N THR A 386 -10.30 31.18 23.59
CA THR A 386 -10.82 29.86 23.91
C THR A 386 -10.45 29.51 25.35
N ILE A 387 -11.33 28.75 25.97
CA ILE A 387 -11.17 28.28 27.35
C ILE A 387 -11.54 26.80 27.38
N VAL A 388 -10.64 25.98 27.90
CA VAL A 388 -10.92 24.56 28.12
C VAL A 388 -10.58 24.26 29.58
N SER A 389 -11.56 23.75 30.33
CA SER A 389 -11.38 23.60 31.77
CA SER A 389 -11.39 23.61 31.78
C SER A 389 -12.12 22.39 32.30
N ASN A 390 -11.50 21.72 33.28
CA ASN A 390 -12.18 20.67 34.05
C ASN A 390 -12.66 19.52 33.13
N ILE A 391 -11.67 18.86 32.54
CA ILE A 391 -11.89 17.81 31.56
C ILE A 391 -11.34 16.49 32.08
N ASN A 392 -12.01 15.40 31.75
CA ASN A 392 -11.52 14.05 32.05
C ASN A 392 -11.80 13.22 30.79
N CYS A 393 -10.75 13.00 29.98
CA CYS A 393 -10.93 12.42 28.64
C CYS A 393 -9.77 11.50 28.28
N ASN A 394 -9.86 10.93 27.07
CA ASN A 394 -8.87 9.99 26.56
C ASN A 394 -7.88 10.79 25.72
N VAL A 395 -8.02 10.80 24.40
CA VAL A 395 -7.18 11.67 23.58
C VAL A 395 -7.71 13.10 23.64
N PHE A 396 -6.81 14.05 23.87
CA PHE A 396 -7.07 15.48 23.70
C PHE A 396 -6.33 15.91 22.43
N LYS A 397 -7.07 16.08 21.35
CA LYS A 397 -6.50 16.48 20.06
C LYS A 397 -6.96 17.87 19.70
N TRP A 398 -6.01 18.72 19.34
CA TRP A 398 -6.23 20.14 19.11
C TRP A 398 -5.41 20.63 17.93
N ARG A 399 -6.05 21.43 17.08
CA ARG A 399 -5.40 22.13 15.99
C ARG A 399 -5.84 23.57 16.04
N GLY A 400 -4.87 24.49 15.96
CA GLY A 400 -5.19 25.91 15.79
C GLY A 400 -4.60 26.78 16.88
N LEU A 401 -4.36 28.05 16.59
CA LEU A 401 -3.69 28.94 17.55
C LEU A 401 -4.52 30.20 17.73
N PRO A 402 -5.40 30.21 18.72
CA PRO A 402 -6.23 31.39 19.00
C PRO A 402 -5.40 32.59 19.45
N SER A 403 -6.05 33.78 19.47
CA SER A 403 -5.36 34.92 20.03
C SER A 403 -5.07 34.70 21.52
N SER A 404 -5.98 34.04 22.21
CA SER A 404 -5.74 33.61 23.59
CA SER A 404 -5.80 33.64 23.60
C SER A 404 -6.43 32.28 23.81
N SER A 405 -5.72 31.37 24.48
CA SER A 405 -6.23 30.03 24.78
C SER A 405 -5.78 29.62 26.17
N THR A 406 -6.72 29.16 26.98
CA THR A 406 -6.39 28.67 28.32
C THR A 406 -6.86 27.22 28.44
N PHE A 407 -6.05 26.45 29.17
CA PHE A 407 -6.24 25.02 29.35
C PHE A 407 -6.03 24.75 30.84
N ASN A 408 -7.09 24.33 31.54
CA ASN A 408 -7.00 24.25 33.00
C ASN A 408 -7.63 22.96 33.50
N ASN A 409 -6.89 22.23 34.33
CA ASN A 409 -7.43 21.04 34.97
C ASN A 409 -7.98 20.06 33.93
N ILE A 410 -7.15 19.78 32.93
CA ILE A 410 -7.43 18.78 31.91
C ILE A 410 -6.70 17.51 32.28
N ARG A 411 -7.48 16.47 32.58
CA ARG A 411 -6.95 15.10 32.78
C ARG A 411 -7.19 14.31 31.50
N CYS A 412 -6.11 13.82 30.88
CA CYS A 412 -6.27 13.11 29.62
C CYS A 412 -5.26 11.97 29.58
N ARG A 413 -5.40 11.10 28.57
CA ARG A 413 -4.49 9.99 28.42
C ARG A 413 -3.44 10.24 27.34
N SER A 414 -3.64 11.24 26.49
CA SER A 414 -2.60 11.72 25.60
C SER A 414 -3.02 13.09 25.05
N ILE A 415 -2.03 13.85 24.61
CA ILE A 415 -2.23 15.15 23.97
C ILE A 415 -1.60 15.13 22.60
N ASP A 416 -2.40 15.52 21.59
CA ASP A 416 -2.00 15.62 20.17
C ASP A 416 -2.31 17.05 19.73
N PHE A 417 -1.31 17.93 19.80
CA PHE A 417 -1.52 19.38 19.75
C PHE A 417 -0.61 20.03 18.71
N ILE A 418 -1.21 20.75 17.75
CA ILE A 418 -0.48 21.64 16.86
C ILE A 418 -1.16 22.99 16.93
N GLY A 419 -0.38 24.03 17.23
CA GLY A 419 -0.89 25.40 17.29
C GLY A 419 -1.21 25.96 15.92
N GLN A 420 -0.26 26.66 15.29
CA GLN A 420 -0.51 27.25 13.99
C GLN A 420 -0.36 26.16 12.93
N HIS A 421 -1.35 25.28 12.90
CA HIS A 421 -1.25 24.12 12.01
C HIS A 421 -1.26 24.55 10.53
N GLY A 422 -0.47 23.86 9.71
CA GLY A 422 -0.36 24.15 8.29
C GLY A 422 -1.25 23.26 7.45
N SER A 423 -1.17 23.47 6.13
CA SER A 423 -1.90 22.61 5.20
C SER A 423 -1.48 21.16 5.39
N GLY A 424 -2.46 20.26 5.48
CA GLY A 424 -2.16 18.87 5.76
C GLY A 424 -2.12 18.50 7.23
N GLU A 425 -2.31 19.46 8.12
CA GLU A 425 -2.30 19.21 9.55
C GLU A 425 -3.66 19.46 10.18
N GLY A 426 -4.73 19.43 9.39
CA GLY A 426 -6.08 19.56 9.91
C GLY A 426 -6.85 20.65 9.22
N SER A 427 -8.12 20.75 9.60
CA SER A 427 -9.04 21.66 8.94
C SER A 427 -8.57 23.10 8.97
N GLY A 428 -8.55 23.72 7.79
CA GLY A 428 -8.17 25.11 7.67
C GLY A 428 -6.72 25.36 7.95
N GLY A 429 -5.88 24.33 7.93
CA GLY A 429 -4.48 24.55 8.16
C GLY A 429 -3.90 25.47 7.11
N GLY A 430 -3.09 26.42 7.57
CA GLY A 430 -2.50 27.41 6.69
C GLY A 430 -3.36 28.62 6.36
N PHE A 431 -4.65 28.64 6.74
CA PHE A 431 -5.53 29.71 6.28
C PHE A 431 -5.24 31.04 6.99
N TYR A 432 -5.07 31.02 8.31
CA TYR A 432 -4.89 32.26 9.07
C TYR A 432 -3.66 32.15 9.97
N THR A 433 -3.02 33.29 10.21
CA THR A 433 -1.96 33.44 11.18
C THR A 433 -2.17 34.73 11.96
N ARG A 434 -1.58 34.81 13.14
CA ARG A 434 -1.67 35.99 14.01
C ARG A 434 -0.26 36.42 14.38
N SER A 435 0.20 37.52 13.81
CA SER A 435 1.48 38.07 14.21
C SER A 435 1.41 38.89 15.49
N GLN A 436 0.23 39.39 15.85
CA GLN A 436 0.09 40.18 17.07
C GLN A 436 0.12 39.27 18.30
N PHE A 437 0.09 39.91 19.47
CA PHE A 437 0.21 39.25 20.75
C PHE A 437 -0.68 38.01 20.83
N THR A 438 -0.04 36.86 21.05
CA THR A 438 -0.73 35.57 21.13
C THR A 438 -0.42 34.95 22.48
N TYR A 439 -1.47 34.63 23.23
CA TYR A 439 -1.35 34.21 24.63
C TYR A 439 -1.82 32.77 24.81
N MET A 440 -1.14 32.02 25.65
CA MET A 440 -1.59 30.68 26.04
C MET A 440 -1.30 30.41 27.52
N LYS A 441 -2.12 29.56 28.13
CA LYS A 441 -1.94 29.15 29.53
C LYS A 441 -2.30 27.67 29.69
N TRP A 442 -1.43 26.93 30.35
CA TRP A 442 -1.69 25.55 30.79
C TRP A 442 -1.50 25.46 32.29
N VAL A 443 -2.56 25.17 33.02
CA VAL A 443 -2.49 25.07 34.47
C VAL A 443 -3.11 23.77 34.93
N GLY A 444 -2.38 23.05 35.76
CA GLY A 444 -2.97 21.91 36.47
C GLY A 444 -3.44 20.75 35.64
N CYS A 445 -2.79 20.50 34.51
CA CYS A 445 -3.22 19.43 33.61
C CYS A 445 -2.38 18.18 33.79
N THR A 446 -2.94 17.06 33.37
CA THR A 446 -2.33 15.75 33.56
C THR A 446 -2.53 14.95 32.30
N ALA A 447 -1.44 14.55 31.68
CA ALA A 447 -1.47 13.60 30.56
C ALA A 447 -0.84 12.33 31.11
N LEU A 448 -1.66 11.32 31.31
CA LEU A 448 -1.17 10.09 31.92
C LEU A 448 -2.02 8.91 31.52
N SER A 449 -1.35 7.82 31.14
CA SER A 449 -2.02 6.56 30.85
C SER A 449 -1.18 5.48 31.54
N GLY A 450 -1.57 5.13 32.74
CA GLY A 450 -0.85 4.18 33.58
C GLY A 450 0.48 4.72 34.05
N ASP A 451 1.55 4.42 33.31
CA ASP A 451 2.87 4.92 33.62
C ASP A 451 3.40 5.86 32.57
N GLU A 452 2.65 6.10 31.49
CA GLU A 452 3.14 6.84 30.35
C GLU A 452 2.56 8.25 30.27
N THR A 453 3.45 9.22 30.06
CA THR A 453 3.10 10.62 29.81
C THR A 453 3.35 10.87 28.34
N THR A 454 2.26 10.98 27.57
CA THR A 454 2.31 10.96 26.12
C THR A 454 1.74 12.25 25.57
N VAL A 455 2.63 13.20 25.20
CA VAL A 455 2.18 14.49 24.71
C VAL A 455 3.00 14.83 23.46
N SER A 456 2.38 15.58 22.56
CA SER A 456 3.04 16.13 21.39
C SER A 456 2.49 17.53 21.17
N PHE A 457 3.40 18.50 21.14
CA PHE A 457 3.12 19.91 20.93
C PHE A 457 4.03 20.44 19.84
N ALA A 458 3.47 21.28 18.97
CA ALA A 458 4.28 21.91 17.93
C ALA A 458 3.60 23.22 17.50
N LYS A 459 4.42 24.10 16.94
CA LYS A 459 3.97 25.34 16.28
C LYS A 459 3.15 26.24 17.21
N ILE A 460 3.57 26.30 18.48
CA ILE A 460 2.93 27.18 19.47
C ILE A 460 3.70 28.50 19.42
N TYR A 461 3.32 29.36 18.46
CA TYR A 461 3.98 30.64 18.27
C TYR A 461 3.35 31.70 19.17
N THR A 462 3.61 31.55 20.47
CA THR A 462 3.08 32.45 21.48
C THR A 462 4.07 33.54 21.90
N ASP A 463 3.52 34.70 22.24
CA ASP A 463 4.30 35.79 22.84
C ASP A 463 4.47 35.61 24.34
N ARG A 464 3.51 34.96 24.99
CA ARG A 464 3.57 34.65 26.40
C ARG A 464 2.79 33.36 26.59
N CYS A 465 3.36 32.44 27.37
CA CYS A 465 2.71 31.18 27.70
C CYS A 465 2.97 30.90 29.18
N ASP A 466 1.96 31.02 30.01
CA ASP A 466 2.09 30.67 31.43
C ASP A 466 1.74 29.21 31.61
N GLN A 467 2.61 28.47 32.30
CA GLN A 467 2.36 27.06 32.52
C GLN A 467 2.86 26.65 33.89
N VAL A 468 2.00 26.00 34.67
CA VAL A 468 2.37 25.59 36.02
C VAL A 468 1.48 24.44 36.44
N GLY A 469 2.01 23.57 37.30
CA GLY A 469 1.18 22.51 37.87
C GLY A 469 0.86 21.36 36.94
N ASN A 470 1.50 21.26 35.79
CA ASN A 470 1.25 20.16 34.86
C ASN A 470 2.25 19.04 35.08
N ASN A 471 1.95 17.84 34.58
CA ASN A 471 2.94 16.77 34.63
C ASN A 471 3.75 16.66 33.33
N PHE A 472 3.82 17.75 32.56
CA PHE A 472 4.53 17.82 31.30
C PHE A 472 4.89 19.27 31.07
N GLY A 473 5.88 19.50 30.22
CA GLY A 473 6.20 20.83 29.73
C GLY A 473 5.59 21.08 28.37
N VAL A 474 5.23 22.34 28.11
CA VAL A 474 4.67 22.75 26.84
C VAL A 474 5.73 23.57 26.11
N PRO A 475 6.30 23.08 25.01
CA PRO A 475 7.31 23.86 24.28
C PRO A 475 6.64 24.90 23.42
N THR A 476 7.24 26.08 23.36
CA THR A 476 6.75 27.12 22.45
C THR A 476 7.84 27.40 21.43
N ALA A 477 7.43 28.02 20.34
CA ALA A 477 8.30 28.15 19.17
C ALA A 477 8.28 29.58 18.66
N VAL A 478 9.25 29.89 17.79
CA VAL A 478 9.43 31.22 17.23
C VAL A 478 9.27 31.13 15.72
N ASP A 479 8.41 32.00 15.16
CA ASP A 479 8.09 32.05 13.74
C ASP A 479 8.83 33.24 13.11
N GLY A 480 10.14 33.15 13.14
CA GLY A 480 11.02 34.19 12.60
C GLY A 480 11.73 34.90 13.74
N THR A 481 13.01 35.17 13.54
CA THR A 481 13.84 35.73 14.62
C THR A 481 13.28 37.05 15.14
N GLY A 482 13.08 37.12 16.45
CA GLY A 482 12.57 38.29 17.10
C GLY A 482 11.06 38.39 17.15
N HIS A 483 10.33 37.52 16.42
CA HIS A 483 8.90 37.70 16.23
C HIS A 483 8.06 37.40 17.45
N ARG A 484 8.64 36.83 18.51
CA ARG A 484 7.91 36.65 19.75
C ARG A 484 8.68 37.16 20.95
N GLY A 485 9.53 38.14 20.74
CA GLY A 485 10.27 38.74 21.83
C GLY A 485 11.55 37.99 22.14
N PRO A 486 12.15 38.27 23.29
CA PRO A 486 13.37 37.56 23.66
C PRO A 486 13.03 36.09 23.91
N VAL A 487 13.96 35.22 23.56
CA VAL A 487 13.73 33.78 23.70
C VAL A 487 13.93 33.42 25.17
N LEU A 488 12.87 32.89 25.79
CA LEU A 488 12.85 32.52 27.19
C LEU A 488 12.32 31.10 27.32
N THR A 489 12.80 30.39 28.33
CA THR A 489 12.22 29.11 28.75
C THR A 489 11.61 29.27 30.13
N THR A 490 10.30 29.05 30.23
CA THR A 490 9.63 29.04 31.52
C THR A 490 10.20 27.90 32.37
N ILE A 491 10.51 28.19 33.64
CA ILE A 491 10.98 27.14 34.54
C ILE A 491 9.76 26.61 35.28
N SER A 492 9.32 25.41 34.90
CA SER A 492 8.11 24.83 35.48
C SER A 492 8.38 23.94 36.68
N GLU A 493 9.61 23.50 36.88
CA GLU A 493 9.97 22.58 37.97
C GLU A 493 11.25 23.06 38.66
N GLN A 494 11.21 23.20 39.98
CA GLN A 494 12.44 23.33 40.78
C GLN A 494 12.35 22.41 41.99
N TYR A 495 13.50 21.84 42.35
CA TYR A 495 13.62 20.83 43.38
C TYR A 495 14.75 21.16 44.33
N PHE A 496 14.62 20.66 45.56
CA PHE A 496 15.65 20.70 46.58
C PHE A 496 16.11 19.27 46.85
N THR A 497 17.42 19.07 46.94
CA THR A 497 17.97 17.79 47.38
C THR A 497 18.89 17.99 48.57
N ALA A 498 18.86 17.05 49.52
CA ALA A 498 19.79 17.12 50.63
C ALA A 498 21.21 16.76 50.22
N TYR A 499 21.37 16.16 49.06
CA TYR A 499 22.65 15.67 48.54
C TYR A 499 23.09 16.50 47.35
N ASP A 500 24.34 16.30 46.97
CA ASP A 500 24.97 17.08 45.90
C ASP A 500 24.88 16.43 44.52
N GLU A 501 24.86 15.10 44.43
CA GLU A 501 24.89 14.49 43.12
C GLU A 501 23.58 14.75 42.38
N PHE A 502 23.69 14.83 41.06
CA PHE A 502 22.50 15.07 40.26
C PHE A 502 21.53 13.89 40.41
N PRO A 503 20.25 14.13 40.66
CA PRO A 503 19.29 13.02 40.83
C PRO A 503 19.15 12.22 39.53
N GLY A 504 19.41 10.90 39.61
CA GLY A 504 19.42 10.09 38.41
C GLY A 504 18.06 9.52 38.03
N GLY A 505 17.95 9.15 36.75
CA GLY A 505 16.90 8.31 36.24
C GLY A 505 15.55 8.98 36.14
N ARG A 506 15.50 10.30 36.13
CA ARG A 506 14.26 11.06 36.19
C ARG A 506 14.33 12.21 35.20
N GLU A 507 13.29 12.37 34.39
CA GLU A 507 13.31 13.37 33.32
C GLU A 507 12.95 14.74 33.87
N PHE A 508 13.80 15.74 33.57
CA PHE A 508 13.60 17.12 33.96
C PHE A 508 13.57 17.98 32.71
N PRO A 509 12.63 18.89 32.58
CA PRO A 509 12.60 19.77 31.40
C PRO A 509 13.75 20.78 31.40
N THR A 510 14.07 21.26 30.20
CA THR A 510 15.06 22.33 30.06
C THR A 510 14.73 23.48 31.01
N GLY A 511 15.74 23.95 31.71
CA GLY A 511 15.57 25.05 32.64
C GLY A 511 15.35 24.66 34.08
N THR A 512 15.09 23.38 34.35
CA THR A 512 14.90 22.91 35.72
C THR A 512 16.10 23.28 36.58
N VAL A 513 15.81 23.72 37.80
CA VAL A 513 16.83 24.08 38.76
C VAL A 513 16.73 23.15 39.96
N ILE A 514 17.87 22.61 40.37
CA ILE A 514 17.98 21.78 41.55
C ILE A 514 18.85 22.53 42.54
N HIS A 515 18.31 22.82 43.72
CA HIS A 515 19.05 23.46 44.80
C HIS A 515 19.47 22.42 45.84
N CYS A 516 20.78 22.35 46.12
CA CYS A 516 21.32 21.40 47.07
C CYS A 516 21.43 22.03 48.46
N ALA A 517 21.29 21.20 49.48
CA ALA A 517 21.46 21.67 50.86
C ALA A 517 22.81 22.31 51.09
N SER A 518 23.82 21.92 50.32
CA SER A 518 25.16 22.48 50.47
C SER A 518 25.27 23.88 49.89
N GLY A 519 24.26 24.35 49.17
CA GLY A 519 24.36 25.58 48.42
C GLY A 519 24.73 25.43 46.97
N LYS A 520 25.20 24.26 46.56
CA LYS A 520 25.39 23.99 45.14
C LYS A 520 24.03 24.04 44.45
N LYS A 521 24.08 24.24 43.13
CA LYS A 521 22.89 24.37 42.28
C LYS A 521 23.19 23.65 40.96
N HIS A 522 22.19 22.92 40.45
CA HIS A 522 22.24 22.35 39.10
C HIS A 522 21.20 23.05 38.23
N VAL A 523 21.59 23.40 37.01
CA VAL A 523 20.67 23.99 36.04
C VAL A 523 20.66 23.09 34.82
N VAL A 524 19.50 22.60 34.45
CA VAL A 524 19.34 21.70 33.31
C VAL A 524 19.30 22.53 32.04
N THR A 525 20.32 22.40 31.21
CA THR A 525 20.42 23.16 29.96
C THR A 525 19.86 22.40 28.76
N VAL A 526 19.75 21.07 28.84
CA VAL A 526 19.05 20.25 27.85
C VAL A 526 18.18 19.28 28.65
N GLY A 527 16.87 19.43 28.53
CA GLY A 527 15.95 18.58 29.28
C GLY A 527 16.17 17.11 28.97
N GLY A 528 16.04 16.31 30.00
CA GLY A 528 16.23 14.87 29.88
C GLY A 528 16.46 14.26 31.25
N ALA A 529 16.91 12.99 31.21
CA ALA A 529 17.20 12.25 32.42
C ALA A 529 18.67 11.82 32.41
N PHE A 530 19.24 11.65 33.61
CA PHE A 530 20.60 11.17 33.76
C PHE A 530 20.64 9.66 33.92
N PHE A 531 21.35 9.00 33.00
CA PHE A 531 21.78 7.61 33.12
C PHE A 531 23.29 7.59 32.88
N SER A 532 24.04 7.06 33.85
CA SER A 532 25.49 6.93 33.73
C SER A 532 25.89 6.14 32.49
N ASP A 533 27.00 6.55 31.88
CA ASP A 533 27.60 5.78 30.80
C ASP A 533 28.02 4.37 31.22
N ASN A 534 28.11 4.10 32.53
CA ASN A 534 28.52 2.81 33.02
C ASN A 534 27.36 1.87 33.33
N GLU A 535 26.13 2.26 33.00
CA GLU A 535 24.97 1.38 33.20
C GLU A 535 25.13 0.07 32.42
N LYS A 536 24.91 -1.06 33.11
CA LYS A 536 24.89 -2.38 32.50
C LYS A 536 23.72 -3.18 33.07
N ILE A 537 23.05 -3.96 32.23
CA ILE A 537 21.96 -4.82 32.65
C ILE A 537 22.26 -6.29 32.38
N LYS A 538 21.56 -7.14 33.11
CA LYS A 538 21.62 -8.57 32.87
C LYS A 538 20.99 -8.91 31.52
N ALA A 539 21.33 -10.09 31.00
CA ALA A 539 20.73 -10.61 29.78
C ALA A 539 19.21 -10.66 29.92
N THR A 540 18.52 -10.48 28.79
CA THR A 540 17.06 -10.54 28.74
C THR A 540 16.58 -11.55 27.70
N VAL A 541 15.34 -12.01 27.86
CA VAL A 541 14.70 -12.89 26.90
C VAL A 541 13.42 -12.23 26.38
N THR A 542 12.97 -12.73 25.25
CA THR A 542 11.74 -12.23 24.66
C THR A 542 10.58 -12.36 25.63
N GLY A 543 9.81 -11.28 25.75
CA GLY A 543 8.64 -11.22 26.60
C GLY A 543 8.89 -10.67 27.98
N GLN A 544 10.15 -10.48 28.36
CA GLN A 544 10.52 -10.04 29.70
C GLN A 544 10.10 -8.59 29.90
N THR A 545 9.58 -8.27 31.09
CA THR A 545 9.13 -6.92 31.42
C THR A 545 9.83 -6.37 32.65
N TYR A 546 11.03 -6.88 32.96
CA TYR A 546 11.86 -6.32 33.99
C TYR A 546 13.30 -6.31 33.50
N LEU A 547 14.11 -5.44 34.10
CA LEU A 547 15.54 -5.35 33.85
C LEU A 547 16.25 -5.38 35.18
N GLN A 548 17.48 -5.94 35.20
CA GLN A 548 18.24 -6.02 36.44
C GLN A 548 19.65 -5.49 36.24
N SER A 549 20.14 -4.80 37.24
CA SER A 549 21.46 -4.19 37.16
C SER A 549 22.57 -5.24 37.22
N ASN A 550 23.54 -5.10 36.34
CA ASN A 550 24.80 -5.84 36.43
C ASN A 550 25.98 -4.93 36.76
N ALA A 551 25.74 -3.74 37.30
CA ALA A 551 26.86 -2.86 37.64
C ALA A 551 26.53 -1.86 38.73
N LEU A 552 25.61 -0.94 38.48
CA LEU A 552 25.42 0.20 39.34
C LEU A 552 24.29 0.01 40.35
N ASN A 553 24.36 0.80 41.42
CA ASN A 553 23.42 0.72 42.53
C ASN A 553 22.24 1.61 42.19
N TRP A 554 21.17 0.99 41.69
CA TRP A 554 19.97 1.70 41.29
C TRP A 554 19.19 2.25 42.48
N ALA A 555 19.56 1.87 43.70
CA ALA A 555 18.91 2.40 44.91
C ALA A 555 19.71 3.55 45.53
N SER A 556 20.68 4.07 44.81
CA SER A 556 21.36 5.32 45.13
C SER A 556 20.62 6.46 44.45
N ASN A 557 20.79 7.67 44.96
CA ASN A 557 20.14 8.80 44.29
C ASN A 557 20.80 9.14 42.97
N GLY A 558 22.11 8.96 42.85
CA GLY A 558 22.79 9.36 41.62
C GLY A 558 22.54 8.43 40.44
N TYR A 559 22.32 7.14 40.71
CA TYR A 559 22.01 6.15 39.67
C TYR A 559 20.57 5.63 39.82
N ALA A 560 19.69 6.47 40.34
CA ALA A 560 18.32 6.09 40.65
C ALA A 560 17.55 5.81 39.36
N LYS A 561 16.39 5.19 39.53
CA LYS A 561 15.51 4.84 38.42
C LYS A 561 14.09 5.27 38.78
N ALA A 562 13.58 6.29 38.11
CA ALA A 562 12.23 6.80 38.39
C ALA A 562 11.23 6.21 37.40
N ALA A 563 10.12 5.73 37.93
CA ALA A 563 9.02 5.31 37.08
C ALA A 563 8.49 6.50 36.29
N GLY A 564 8.07 6.22 35.06
CA GLY A 564 7.59 7.21 34.13
C GLY A 564 8.65 7.72 33.18
N THR A 565 9.91 7.42 33.46
CA THR A 565 10.99 7.89 32.60
C THR A 565 11.11 7.01 31.37
N LYS A 566 11.29 7.65 30.21
CA LYS A 566 11.50 6.91 28.96
C LYS A 566 12.96 6.55 28.77
N ILE A 567 13.20 5.29 28.40
CA ILE A 567 14.53 4.72 28.26
C ILE A 567 14.65 3.99 26.93
N VAL A 568 15.88 3.66 26.58
CA VAL A 568 16.20 2.93 25.36
C VAL A 568 17.06 1.74 25.75
N ILE A 569 16.66 0.57 25.26
CA ILE A 569 17.41 -0.67 25.43
C ILE A 569 17.95 -1.05 24.05
N PRO A 570 19.24 -0.90 23.82
CA PRO A 570 19.80 -1.18 22.48
C PRO A 570 19.51 -2.60 22.01
N GLY A 571 19.02 -2.69 20.78
CA GLY A 571 18.81 -3.96 20.11
C GLY A 571 17.66 -4.80 20.62
N ALA A 572 16.85 -4.30 21.56
CA ALA A 572 15.81 -5.12 22.15
C ALA A 572 14.47 -5.02 21.45
N GLY A 573 14.35 -4.15 20.44
CA GLY A 573 13.11 -4.00 19.71
C GLY A 573 12.99 -5.00 18.56
N ALA A 574 11.98 -4.78 17.73
CA ALA A 574 11.73 -5.67 16.60
C ALA A 574 12.94 -5.71 15.69
N ASN A 575 13.35 -6.91 15.33
CA ASN A 575 14.47 -7.14 14.41
C ASN A 575 15.73 -6.39 14.84
N GLY A 576 16.04 -6.49 16.13
CA GLY A 576 17.25 -5.89 16.64
C GLY A 576 17.30 -4.38 16.62
N GLY A 577 16.19 -3.72 16.35
CA GLY A 577 16.11 -2.28 16.57
C GLY A 577 16.14 -1.94 18.04
N ASP A 578 16.30 -0.66 18.35
CA ASP A 578 16.31 -0.22 19.74
C ASP A 578 14.88 -0.23 20.27
N LEU A 579 14.71 -0.68 21.51
CA LEU A 579 13.42 -0.68 22.18
C LEU A 579 13.32 0.61 22.98
N VAL A 580 12.36 1.45 22.63
CA VAL A 580 12.02 2.61 23.43
C VAL A 580 10.85 2.23 24.33
N THR A 581 11.02 2.38 25.64
CA THR A 581 9.95 2.03 26.57
C THR A 581 9.99 3.00 27.75
N THR A 582 9.17 2.72 28.74
CA THR A 582 9.01 3.54 29.92
C THR A 582 9.25 2.68 31.14
N ILE A 583 9.90 3.24 32.15
CA ILE A 583 10.02 2.54 33.43
C ILE A 583 8.63 2.49 34.08
N ALA A 584 8.15 1.28 34.32
CA ALA A 584 6.83 1.08 34.93
C ALA A 584 6.90 1.00 36.45
N ARG A 585 8.01 0.51 37.00
CA ARG A 585 8.19 0.39 38.44
C ARG A 585 9.63 0.78 38.76
N ALA A 586 9.80 1.68 39.71
CA ALA A 586 11.10 2.13 40.16
C ALA A 586 11.83 1.02 40.91
N THR A 587 13.10 1.28 41.20
CA THR A 587 14.02 0.28 41.74
C THR A 587 13.47 -0.53 42.91
N TYR A 588 13.64 -1.85 42.81
CA TYR A 588 13.38 -2.77 43.91
C TYR A 588 14.40 -3.89 43.85
N VAL A 589 14.54 -4.63 44.94
CA VAL A 589 15.48 -5.74 45.00
C VAL A 589 14.71 -7.04 44.98
N THR A 590 15.06 -7.91 44.06
CA THR A 590 14.55 -9.28 44.09
C THR A 590 15.64 -10.19 43.55
N ASN A 591 15.71 -11.40 44.12
CA ASN A 591 16.79 -12.33 43.78
C ASN A 591 18.14 -11.67 43.97
N SER A 592 18.23 -10.81 44.99
CA SER A 592 19.46 -10.10 45.37
C SER A 592 19.96 -9.17 44.27
N LEU A 593 19.08 -8.66 43.42
CA LEU A 593 19.48 -7.82 42.31
C LEU A 593 18.60 -6.59 42.26
N TYR A 594 19.22 -5.44 41.94
CA TYR A 594 18.42 -4.24 41.66
C TYR A 594 17.64 -4.48 40.38
N THR A 595 16.36 -4.11 40.41
CA THR A 595 15.37 -4.48 39.41
C THR A 595 14.47 -3.28 39.14
N ILE A 596 14.07 -3.10 37.87
CA ILE A 596 13.00 -2.20 37.50
C ILE A 596 12.06 -2.98 36.58
N ASP A 597 10.80 -2.52 36.51
CA ASP A 597 9.89 -3.04 35.52
C ASP A 597 9.80 -2.03 34.36
N ILE A 598 9.55 -2.56 33.16
CA ILE A 598 9.36 -1.75 31.96
C ILE A 598 7.95 -1.97 31.40
N ALA A 599 7.48 -0.96 30.66
CA ALA A 599 6.09 -0.91 30.22
C ALA A 599 5.84 -1.71 28.96
N ASP A 600 6.91 -2.07 28.23
CA ASP A 600 6.83 -2.86 27.01
C ASP A 600 7.77 -4.04 27.12
N PRO A 601 7.37 -5.21 26.63
CA PRO A 601 8.24 -6.39 26.72
C PRO A 601 9.41 -6.34 25.76
N ILE A 602 10.51 -6.97 26.19
CA ILE A 602 11.65 -7.23 25.30
C ILE A 602 11.13 -7.99 24.08
N VAL A 603 11.61 -7.60 22.90
CA VAL A 603 11.25 -8.27 21.65
C VAL A 603 12.41 -9.15 21.19
N THR A 604 13.59 -8.53 20.98
CA THR A 604 14.79 -9.27 20.59
C THR A 604 15.67 -9.46 21.83
N PRO A 605 16.04 -10.68 22.21
CA PRO A 605 16.83 -10.85 23.43
C PRO A 605 18.11 -10.03 23.40
N THR A 606 18.56 -9.61 24.59
CA THR A 606 19.80 -8.85 24.74
C THR A 606 20.76 -9.58 25.67
N ALA A 607 22.05 -9.41 25.40
CA ALA A 607 23.06 -10.16 26.13
C ALA A 607 23.48 -9.42 27.41
N GLU A 608 24.10 -10.18 28.32
CA GLU A 608 24.63 -9.60 29.54
C GLU A 608 25.52 -8.40 29.23
N ASN A 609 25.42 -7.37 30.07
CA ASN A 609 26.24 -6.15 29.99
C ASN A 609 25.90 -5.28 28.79
N THR A 610 24.65 -5.35 28.36
CA THR A 610 24.08 -4.32 27.50
C THR A 610 23.84 -3.05 28.32
N GLN A 611 23.94 -1.92 27.66
CA GLN A 611 23.76 -0.62 28.30
C GLN A 611 22.30 -0.22 28.20
N ILE A 612 21.79 0.44 29.23
CA ILE A 612 20.52 1.15 29.08
C ILE A 612 20.79 2.64 29.19
N LYS A 613 19.96 3.42 28.52
CA LYS A 613 20.19 4.87 28.51
C LYS A 613 18.84 5.56 28.44
N ALA A 614 18.88 6.88 28.67
CA ALA A 614 17.70 7.71 28.53
C ALA A 614 17.31 7.83 27.06
N LEU A 615 16.00 7.89 26.81
CA LEU A 615 15.55 8.38 25.51
C LEU A 615 16.03 9.80 25.29
N ASN A 616 15.89 10.65 26.31
CA ASN A 616 16.28 12.07 26.26
C ASN A 616 17.40 12.28 27.27
N PRO A 617 18.66 12.20 26.86
CA PRO A 617 19.77 12.39 27.82
C PRO A 617 19.88 13.83 28.26
N VAL A 618 20.00 14.03 29.58
CA VAL A 618 20.09 15.36 30.16
C VAL A 618 21.46 15.98 29.91
N THR A 619 21.48 17.32 29.82
CA THR A 619 22.71 18.08 30.04
C THR A 619 22.42 19.07 31.16
N PHE A 620 23.33 19.18 32.12
CA PHE A 620 23.20 20.17 33.19
C PHE A 620 24.56 20.78 33.50
N VAL A 621 24.50 21.97 34.10
CA VAL A 621 25.67 22.66 34.63
C VAL A 621 25.50 22.75 36.13
N THR A 622 26.61 22.73 36.84
CA THR A 622 26.57 22.79 38.29
C THR A 622 27.30 24.07 38.71
N VAL A 623 26.64 24.85 39.55
CA VAL A 623 27.19 26.08 40.09
C VAL A 623 27.63 25.78 41.51
N ASN A 624 28.92 25.99 41.77
CA ASN A 624 29.67 25.51 42.94
C ASN A 624 29.76 24.00 42.95
N SER B 23 -15.03 -40.59 15.81
CA SER B 23 -14.50 -41.78 15.16
C SER B 23 -13.51 -41.43 14.05
N TYR B 24 -13.77 -40.37 13.30
CA TYR B 24 -12.95 -39.96 12.18
C TYR B 24 -12.23 -38.66 12.47
N VAL B 25 -11.13 -38.43 11.75
CA VAL B 25 -10.29 -37.27 11.99
C VAL B 25 -10.88 -36.07 11.27
N GLU B 26 -11.18 -35.01 12.02
CA GLU B 26 -11.70 -33.77 11.43
C GLU B 26 -10.58 -32.97 10.75
N LYS B 27 -10.85 -32.52 9.54
CA LYS B 27 -9.85 -31.81 8.74
C LYS B 27 -9.33 -30.57 9.45
N ASN B 28 -10.21 -29.77 10.06
CA ASN B 28 -9.78 -28.54 10.69
C ASN B 28 -9.04 -28.78 12.00
N LEU B 29 -9.26 -29.91 12.67
CA LEU B 29 -8.45 -30.19 13.84
C LEU B 29 -7.06 -30.66 13.43
N LEU B 30 -6.96 -31.48 12.39
CA LEU B 30 -5.65 -31.99 11.99
C LEU B 30 -4.75 -30.88 11.48
N SER B 31 -5.33 -29.87 10.83
CA SER B 31 -4.56 -28.76 10.29
C SER B 31 -4.30 -27.66 11.31
N SER B 32 -4.81 -27.78 12.53
CA SER B 32 -4.61 -26.75 13.54
C SER B 32 -3.19 -26.81 14.11
N THR B 33 -2.86 -25.79 14.91
CA THR B 33 -1.53 -25.71 15.49
C THR B 33 -1.23 -26.85 16.46
N THR B 34 -2.24 -27.65 16.83
CA THR B 34 -1.98 -28.84 17.66
C THR B 34 -2.37 -30.11 16.92
N GLY B 35 -2.59 -30.03 15.61
CA GLY B 35 -3.07 -31.19 14.88
C GLY B 35 -2.10 -32.34 14.92
N ALA B 36 -0.81 -32.06 15.10
CA ALA B 36 0.17 -33.14 15.12
C ALA B 36 0.00 -34.04 16.33
N ALA B 37 -0.66 -33.56 17.38
CA ALA B 37 -0.88 -34.43 18.54
C ALA B 37 -1.80 -35.59 18.21
N MET B 38 -2.49 -35.53 17.06
CA MET B 38 -3.38 -36.61 16.65
C MET B 38 -2.64 -37.74 15.97
N VAL B 39 -1.36 -37.57 15.67
CA VAL B 39 -0.59 -38.57 14.93
C VAL B 39 0.32 -39.30 15.90
N GLY B 40 0.11 -40.60 16.04
CA GLY B 40 0.93 -41.39 16.96
C GLY B 40 2.27 -41.80 16.37
N LEU B 41 3.26 -41.93 17.23
CA LEU B 41 4.58 -42.36 16.84
C LEU B 41 4.96 -43.68 17.52
N PRO B 42 6.00 -44.37 17.02
CA PRO B 42 6.35 -45.69 17.58
C PRO B 42 6.63 -45.67 19.06
N SER B 43 7.06 -44.53 19.61
CA SER B 43 7.37 -44.40 21.01
C SER B 43 6.18 -44.59 21.93
N GLY B 44 4.96 -44.46 21.40
CA GLY B 44 3.78 -44.29 22.22
C GLY B 44 3.39 -42.84 22.42
N GLY B 45 4.28 -41.91 22.05
CA GLY B 45 3.96 -40.51 22.05
C GLY B 45 3.35 -40.07 20.73
N ASN B 46 3.35 -38.74 20.51
CA ASN B 46 2.74 -38.20 19.31
C ASN B 46 3.71 -37.26 18.56
N LEU B 47 3.28 -36.87 17.36
CA LEU B 47 4.14 -36.09 16.46
C LEU B 47 4.38 -34.67 16.97
N LEU B 48 3.42 -34.11 17.72
CA LEU B 48 3.64 -32.80 18.31
C LEU B 48 4.83 -32.85 19.24
N GLN B 49 5.01 -33.97 19.91
CA GLN B 49 6.10 -34.13 20.86
C GLN B 49 7.45 -34.36 20.17
N ALA B 50 7.45 -34.61 18.86
CA ALA B 50 8.68 -34.74 18.10
C ALA B 50 9.17 -33.43 17.47
N GLN B 51 8.52 -32.30 17.74
CA GLN B 51 8.89 -31.02 17.10
C GLN B 51 9.93 -30.31 17.96
N TYR B 52 11.16 -30.77 17.85
CA TYR B 52 12.27 -30.16 18.57
C TYR B 52 12.90 -29.00 17.82
N PHE B 53 12.36 -28.65 16.67
CA PHE B 53 12.91 -27.58 15.82
C PHE B 53 11.75 -26.93 15.06
N VAL B 54 12.03 -25.79 14.41
CA VAL B 54 11.16 -25.24 13.38
C VAL B 54 12.00 -25.04 12.12
N THR B 55 11.30 -24.85 11.00
CA THR B 55 11.95 -24.57 9.73
C THR B 55 11.39 -23.29 9.14
N PRO B 56 12.16 -22.61 8.28
CA PRO B 56 11.66 -21.34 7.72
C PRO B 56 10.47 -21.51 6.81
N GLU B 57 10.36 -22.67 6.15
CA GLU B 57 9.25 -22.93 5.25
C GLU B 57 7.94 -22.89 6.00
N GLN B 58 7.97 -23.17 7.31
CA GLN B 58 6.75 -23.12 8.10
C GLN B 58 6.25 -21.70 8.29
N PHE B 59 7.06 -20.70 7.94
CA PHE B 59 6.65 -19.30 8.04
C PHE B 59 6.58 -18.65 6.66
N GLY B 60 6.49 -19.46 5.61
CA GLY B 60 6.26 -18.95 4.27
C GLY B 60 7.48 -18.92 3.38
N ALA B 61 8.63 -19.42 3.84
CA ALA B 61 9.82 -19.39 3.01
C ALA B 61 9.66 -20.37 1.86
N ILE B 62 10.03 -19.91 0.68
CA ILE B 62 10.03 -20.75 -0.52
C ILE B 62 11.36 -21.48 -0.68
N GLY B 63 12.47 -20.80 -0.40
CA GLY B 63 13.77 -21.44 -0.39
C GLY B 63 14.34 -21.79 -1.73
N ASP B 64 13.98 -21.04 -2.77
CA ASP B 64 14.45 -21.34 -4.12
C ASP B 64 15.63 -20.47 -4.53
N GLY B 65 16.14 -19.63 -3.63
CA GLY B 65 17.25 -18.77 -3.92
C GLY B 65 16.90 -17.51 -4.68
N VAL B 66 15.63 -17.31 -5.00
CA VAL B 66 15.22 -16.21 -5.87
C VAL B 66 14.07 -15.43 -5.26
N THR B 67 13.01 -16.14 -4.84
CA THR B 67 11.87 -15.52 -4.15
C THR B 67 12.37 -14.85 -2.87
N ASP B 68 11.93 -13.61 -2.65
CA ASP B 68 12.33 -12.88 -1.45
C ASP B 68 11.72 -13.51 -0.20
N ASP B 69 12.56 -14.15 0.61
CA ASP B 69 12.14 -14.84 1.83
C ASP B 69 12.39 -14.03 3.11
N THR B 70 12.78 -12.75 2.97
CA THR B 70 13.14 -11.95 4.13
C THR B 70 12.07 -12.02 5.21
N GLN B 71 10.80 -11.75 4.83
CA GLN B 71 9.77 -11.72 5.87
C GLN B 71 9.58 -13.08 6.52
N ALA B 72 9.69 -14.15 5.73
CA ALA B 72 9.60 -15.49 6.31
C ALA B 72 10.72 -15.72 7.33
N ILE B 73 11.95 -15.29 7.02
CA ILE B 73 13.04 -15.48 7.95
C ILE B 73 12.79 -14.69 9.23
N LEU B 74 12.32 -13.44 9.10
CA LEU B 74 11.98 -12.65 10.27
C LEU B 74 10.94 -13.33 11.15
N LYS B 75 9.91 -13.90 10.54
CA LYS B 75 8.90 -14.60 11.31
C LYS B 75 9.45 -15.84 11.97
N THR B 76 10.35 -16.56 11.29
CA THR B 76 11.00 -17.71 11.88
C THR B 76 11.74 -17.31 13.15
N ILE B 77 12.48 -16.21 13.09
CA ILE B 77 13.28 -15.76 14.21
C ILE B 77 12.38 -15.32 15.35
N THR B 78 11.28 -14.64 15.04
CA THR B 78 10.33 -14.27 16.11
C THR B 78 9.85 -15.51 16.85
N PHE B 79 9.50 -16.56 16.11
CA PHE B 79 9.04 -17.79 16.77
C PHE B 79 10.17 -18.44 17.57
N ALA B 80 11.38 -18.48 17.00
CA ALA B 80 12.52 -19.04 17.70
C ALA B 80 12.77 -18.30 19.02
N ASN B 81 12.67 -16.96 19.00
CA ASN B 81 12.87 -16.15 20.21
C ASN B 81 11.75 -16.36 21.21
N THR B 82 10.50 -16.43 20.74
CA THR B 82 9.36 -16.55 21.62
C THR B 82 9.34 -17.88 22.32
N ASN B 83 9.76 -18.94 21.62
CA ASN B 83 9.63 -20.30 22.14
C ASN B 83 10.96 -20.95 22.46
N ASN B 84 12.07 -20.25 22.27
CA ASN B 84 13.42 -20.74 22.51
C ASN B 84 13.62 -22.11 21.84
N ILE B 85 13.46 -22.11 20.53
CA ILE B 85 13.51 -23.34 19.75
C ILE B 85 14.48 -23.18 18.59
N GLN B 86 15.27 -24.22 18.36
CA GLN B 86 16.26 -24.19 17.29
C GLN B 86 15.57 -24.20 15.93
N VAL B 87 16.32 -23.73 14.94
CA VAL B 87 15.91 -23.72 13.54
C VAL B 87 16.73 -24.76 12.79
N ARG B 88 16.06 -25.54 11.95
CA ARG B 88 16.68 -26.45 10.99
C ARG B 88 16.27 -25.97 9.60
N ALA B 89 17.21 -26.04 8.66
CA ALA B 89 16.89 -25.65 7.30
C ALA B 89 17.78 -26.44 6.36
N ASP B 90 17.35 -26.54 5.11
CA ASP B 90 18.21 -27.15 4.10
C ASP B 90 18.09 -26.52 2.74
N LYS B 91 17.20 -25.55 2.56
CA LYS B 91 17.08 -24.93 1.25
C LYS B 91 17.89 -23.65 1.17
N ASN B 92 17.47 -22.72 0.31
CA ASN B 92 18.23 -21.52 -0.04
C ASN B 92 17.34 -20.29 0.05
N TYR B 93 17.56 -19.45 1.07
CA TYR B 93 16.62 -18.38 1.41
C TYR B 93 17.17 -17.04 0.93
N ARG B 94 16.58 -16.52 -0.14
CA ARG B 94 16.97 -15.22 -0.63
C ARG B 94 16.45 -14.14 0.30
N PHE B 95 17.31 -13.18 0.65
CA PHE B 95 16.84 -12.09 1.51
C PHE B 95 17.50 -10.80 1.06
N THR B 96 16.86 -9.68 1.42
CA THR B 96 17.13 -8.41 0.76
C THR B 96 17.28 -7.24 1.70
N SER B 97 17.18 -7.43 3.02
CA SER B 97 17.45 -6.36 3.98
C SER B 97 17.94 -7.01 5.28
N SER B 98 18.36 -6.17 6.22
CA SER B 98 19.05 -6.66 7.42
C SER B 98 18.17 -7.54 8.28
N ILE B 99 18.77 -8.63 8.79
CA ILE B 99 18.10 -9.56 9.68
C ILE B 99 18.93 -9.68 10.96
N ALA B 100 18.29 -9.47 12.11
CA ALA B 100 18.97 -9.60 13.40
C ALA B 100 18.60 -10.92 14.05
N MET B 101 19.60 -11.62 14.54
CA MET B 101 19.41 -12.84 15.33
C MET B 101 20.07 -12.69 16.69
N SER B 102 19.36 -13.12 17.72
CA SER B 102 19.88 -13.08 19.07
C SER B 102 19.41 -14.31 19.83
N GLY B 103 20.35 -15.07 20.36
CA GLY B 103 20.04 -16.27 21.12
C GLY B 103 19.59 -17.43 20.26
N VAL B 104 19.84 -17.38 18.95
CA VAL B 104 19.31 -18.31 17.99
C VAL B 104 20.29 -19.48 17.79
N ARG B 105 19.73 -20.70 17.73
CA ARG B 105 20.46 -21.90 17.32
C ARG B 105 19.95 -22.23 15.93
N TRP B 106 20.84 -22.19 14.92
CA TRP B 106 20.43 -22.38 13.53
C TRP B 106 21.36 -23.39 12.88
N TYR B 107 20.80 -24.46 12.32
CA TYR B 107 21.56 -25.56 11.77
C TYR B 107 21.12 -25.80 10.33
N GLY B 108 22.03 -25.60 9.38
CA GLY B 108 21.76 -25.96 8.00
C GLY B 108 21.23 -24.80 7.16
N GLY B 109 21.24 -25.02 5.85
CA GLY B 109 20.60 -24.09 4.94
C GLY B 109 21.57 -23.09 4.35
N THR B 110 21.07 -22.35 3.37
CA THR B 110 21.81 -21.28 2.70
C THR B 110 21.03 -19.98 2.80
N PHE B 111 21.71 -18.89 3.17
CA PHE B 111 21.16 -17.54 3.06
C PHE B 111 21.82 -16.85 1.87
N THR B 112 21.00 -16.27 0.97
CA THR B 112 21.55 -15.60 -0.22
C THR B 112 21.13 -14.15 -0.18
N GLY B 113 22.09 -13.25 0.01
CA GLY B 113 21.79 -11.83 0.05
C GLY B 113 21.95 -11.19 -1.31
N ASN B 114 21.89 -9.85 -1.30
CA ASN B 114 22.08 -9.03 -2.47
C ASN B 114 23.55 -8.86 -2.84
N GLY B 115 24.48 -9.39 -2.05
CA GLY B 115 25.90 -9.17 -2.20
C GLY B 115 26.54 -8.86 -0.86
N GLY B 116 26.02 -7.85 -0.18
CA GLY B 116 26.54 -7.45 1.12
C GLY B 116 25.46 -7.19 2.16
N THR B 117 24.35 -7.93 2.09
CA THR B 117 23.27 -7.79 3.06
C THR B 117 23.69 -8.41 4.40
N MET B 118 23.19 -7.81 5.49
CA MET B 118 23.66 -8.15 6.83
C MET B 118 22.72 -9.10 7.57
N ILE B 119 23.31 -10.12 8.22
CA ILE B 119 22.70 -10.85 9.31
C ILE B 119 23.52 -10.55 10.55
N SER B 120 22.90 -9.94 11.57
CA SER B 120 23.65 -9.66 12.79
C SER B 120 23.38 -10.77 13.81
N THR B 121 24.36 -11.04 14.66
CA THR B 121 24.24 -12.12 15.64
C THR B 121 24.68 -11.65 17.03
N VAL B 122 23.82 -11.91 18.01
CA VAL B 122 24.12 -11.81 19.44
C VAL B 122 23.89 -13.19 20.04
N SER B 123 24.93 -13.73 20.69
CA SER B 123 24.83 -15.03 21.34
C SER B 123 24.10 -16.05 20.45
N CYS B 124 24.61 -16.21 19.24
CA CYS B 124 24.04 -17.19 18.31
C CYS B 124 24.98 -18.37 18.15
N TRP B 125 24.40 -19.52 17.82
CA TRP B 125 25.14 -20.77 17.59
C TRP B 125 24.69 -21.26 16.22
N MET B 126 25.62 -21.29 15.26
CA MET B 126 25.29 -21.64 13.89
C MET B 126 26.28 -22.67 13.37
N GLU B 127 25.75 -23.76 12.80
CA GLU B 127 26.54 -24.81 12.16
C GLU B 127 25.92 -25.21 10.83
N ASN B 128 26.78 -25.60 9.88
CA ASN B 128 26.40 -26.18 8.60
C ASN B 128 25.61 -25.20 7.73
N VAL B 129 25.85 -23.91 7.91
CA VAL B 129 25.11 -22.89 7.16
C VAL B 129 26.02 -22.33 6.08
N ARG B 130 25.43 -21.91 4.98
CA ARG B 130 26.16 -21.19 3.93
CA ARG B 130 26.16 -21.19 3.93
C ARG B 130 25.61 -19.77 3.85
N PHE B 131 26.52 -18.79 3.95
CA PHE B 131 26.21 -17.36 3.89
C PHE B 131 26.72 -16.90 2.53
N GLU B 132 25.82 -16.83 1.54
CA GLU B 132 26.18 -16.49 0.17
C GLU B 132 25.76 -15.05 -0.12
N LYS B 133 26.70 -14.26 -0.65
CA LYS B 133 26.38 -12.87 -1.04
C LYS B 133 25.72 -12.12 0.11
N CYS B 134 26.26 -12.30 1.30
CA CYS B 134 25.80 -11.62 2.51
C CYS B 134 26.92 -11.74 3.53
N TYR B 135 26.75 -11.10 4.68
CA TYR B 135 27.78 -11.16 5.72
C TYR B 135 27.12 -11.24 7.09
N VAL B 136 27.88 -11.77 8.04
CA VAL B 136 27.47 -11.86 9.43
C VAL B 136 28.19 -10.77 10.19
N LYS B 137 27.44 -10.05 11.03
CA LYS B 137 28.00 -9.03 11.90
C LYS B 137 27.73 -9.43 13.34
N MET B 138 28.79 -9.70 14.08
CA MET B 138 28.65 -10.10 15.48
C MET B 138 28.52 -8.83 16.33
N LEU B 139 27.45 -8.74 17.11
CA LEU B 139 27.20 -7.59 17.96
C LEU B 139 27.42 -7.89 19.45
N GLY B 140 27.74 -9.12 19.83
CA GLY B 140 28.10 -9.38 21.20
C GLY B 140 27.56 -10.70 21.69
N GLY B 141 27.60 -10.86 23.00
CA GLY B 141 27.27 -12.13 23.57
C GLY B 141 28.28 -13.19 23.20
N ASP B 142 27.86 -14.43 23.33
CA ASP B 142 28.73 -15.59 23.19
C ASP B 142 28.31 -16.33 21.94
N CYS B 143 29.02 -16.05 20.86
CA CYS B 143 28.71 -16.61 19.55
C CYS B 143 29.64 -17.77 19.24
N ARG B 144 29.10 -18.75 18.50
CA ARG B 144 29.84 -19.97 18.16
C ARG B 144 29.46 -20.33 16.73
N PHE B 145 30.48 -20.44 15.86
CA PHE B 145 30.29 -20.72 14.45
C PHE B 145 31.18 -21.88 14.06
N TYR B 146 30.57 -23.00 13.65
CA TYR B 146 31.32 -24.20 13.24
C TYR B 146 30.79 -24.72 11.91
N ARG B 147 31.73 -25.13 11.05
CA ARG B 147 31.39 -25.86 9.82
C ARG B 147 30.40 -25.10 8.97
N ASN B 148 30.63 -23.80 8.83
CA ASN B 148 29.85 -22.96 7.92
C ASN B 148 30.68 -22.56 6.72
N ILE B 149 29.99 -22.03 5.72
CA ILE B 149 30.62 -21.50 4.50
C ILE B 149 30.22 -20.06 4.34
N PHE B 150 31.19 -19.19 4.09
CA PHE B 150 30.96 -17.77 3.81
C PHE B 150 31.46 -17.54 2.38
N SER B 151 30.55 -17.36 1.44
CA SER B 151 30.93 -17.37 0.04
C SER B 151 30.44 -16.12 -0.68
N ASN B 152 31.37 -15.45 -1.37
CA ASN B 152 31.07 -14.45 -2.41
C ASN B 152 30.46 -13.17 -1.85
N ALA B 153 30.79 -12.83 -0.61
CA ALA B 153 30.34 -11.55 -0.05
C ALA B 153 30.98 -10.39 -0.80
N THR B 154 30.21 -9.31 -1.01
CA THR B 154 30.72 -8.06 -1.59
C THR B 154 30.70 -6.91 -0.59
N SER B 155 30.23 -7.16 0.62
CA SER B 155 30.48 -6.25 1.73
C SER B 155 31.96 -6.17 2.02
N THR B 156 32.33 -5.19 2.84
CA THR B 156 33.75 -5.08 3.19
C THR B 156 34.27 -6.38 3.79
N ALA B 157 33.51 -7.00 4.69
CA ALA B 157 33.90 -8.26 5.30
C ALA B 157 32.76 -9.26 5.19
N ALA B 158 33.13 -10.55 5.21
CA ALA B 158 32.13 -11.62 5.27
C ALA B 158 31.73 -11.94 6.71
N PHE B 159 32.64 -11.74 7.67
CA PHE B 159 32.34 -11.85 9.09
C PHE B 159 32.96 -10.65 9.78
N LEU B 160 32.11 -9.80 10.35
CA LEU B 160 32.50 -8.49 10.87
C LEU B 160 32.19 -8.42 12.36
N MET B 161 33.18 -8.01 13.14
CA MET B 161 32.98 -7.62 14.53
C MET B 161 33.22 -6.12 14.64
N GLN B 162 32.19 -5.36 15.02
CA GLN B 162 32.35 -3.92 15.10
C GLN B 162 31.19 -3.32 15.90
N ALA B 163 31.53 -2.36 16.76
CA ALA B 163 30.56 -1.66 17.59
C ALA B 163 29.64 -2.63 18.31
N MET B 164 30.23 -3.64 18.95
CA MET B 164 29.43 -4.59 19.69
C MET B 164 28.74 -3.85 20.84
N THR B 165 27.52 -4.24 21.11
CA THR B 165 26.70 -3.64 22.16
C THR B 165 26.77 -4.40 23.48
N SER B 166 27.49 -5.50 23.54
CA SER B 166 27.75 -6.17 24.81
C SER B 166 29.06 -6.91 24.63
N GLU B 167 29.72 -7.19 25.74
CA GLU B 167 30.98 -7.90 25.67
C GLU B 167 30.78 -9.30 25.09
N GLY B 168 31.76 -9.74 24.30
CA GLY B 168 31.64 -10.94 23.52
C GLY B 168 32.66 -12.01 23.82
N THR B 169 32.29 -13.27 23.53
CA THR B 169 33.26 -14.33 23.34
C THR B 169 32.96 -15.02 22.02
N LEU B 170 33.99 -15.53 21.37
CA LEU B 170 33.81 -16.11 20.03
C LEU B 170 34.62 -17.38 19.88
N ASP B 171 33.98 -18.43 19.37
CA ASP B 171 34.68 -19.58 18.79
C ASP B 171 34.28 -19.65 17.32
N PHE B 172 35.24 -19.41 16.44
CA PHE B 172 35.03 -19.37 15.00
C PHE B 172 35.97 -20.41 14.40
N SER B 173 35.46 -21.63 14.19
CA SER B 173 36.33 -22.77 13.89
C SER B 173 35.74 -23.69 12.80
N TYR B 174 36.64 -24.25 11.99
CA TYR B 174 36.28 -25.20 10.93
C TYR B 174 35.26 -24.62 9.96
N ASN B 175 35.40 -23.32 9.68
CA ASN B 175 34.63 -22.68 8.64
C ASN B 175 35.46 -22.52 7.37
N GLU B 176 34.76 -22.34 6.26
CA GLU B 176 35.39 -22.08 4.97
C GLU B 176 34.89 -20.74 4.47
N MET B 177 35.79 -19.94 3.93
CA MET B 177 35.45 -18.59 3.45
C MET B 177 36.15 -18.34 2.12
N TYR B 178 35.40 -17.86 1.11
CA TYR B 178 36.04 -17.61 -0.18
C TYR B 178 35.22 -16.62 -1.01
N GLY B 179 35.90 -16.07 -2.01
CA GLY B 179 35.27 -15.22 -3.00
C GLY B 179 34.88 -13.84 -2.49
N CYS B 180 35.32 -13.48 -1.32
CA CYS B 180 34.89 -12.26 -0.66
C CYS B 180 35.94 -11.16 -0.79
N LYS B 181 35.73 -10.04 -0.07
CA LYS B 181 36.79 -9.06 0.14
C LYS B 181 37.57 -9.42 1.40
N TYR B 182 37.41 -8.69 2.50
CA TYR B 182 37.90 -9.22 3.77
C TYR B 182 37.09 -10.45 4.14
N ALA B 183 37.75 -11.45 4.70
CA ALA B 183 37.02 -12.61 5.25
C ALA B 183 36.57 -12.27 6.68
N ILE B 184 37.49 -12.28 7.63
CA ILE B 184 37.24 -11.90 9.01
C ILE B 184 37.82 -10.50 9.27
N LEU B 185 36.98 -9.59 9.73
CA LEU B 185 37.44 -8.25 10.10
C LEU B 185 36.85 -7.83 11.43
N GLN B 186 37.70 -7.31 12.32
CA GLN B 186 37.25 -6.66 13.53
C GLN B 186 37.73 -5.21 13.55
N GLN B 187 36.83 -4.32 13.89
CA GLN B 187 37.16 -2.93 14.21
C GLN B 187 36.82 -2.75 15.69
N GLY B 188 37.83 -2.41 16.51
CA GLY B 188 37.70 -2.54 17.94
C GLY B 188 36.85 -1.53 18.69
N THR B 189 36.10 -0.69 18.00
CA THR B 189 35.20 0.24 18.68
C THR B 189 34.07 -0.52 19.34
N GLY B 190 33.56 0.02 20.45
CA GLY B 190 32.42 -0.57 21.13
C GLY B 190 32.82 -1.51 22.24
N GLU B 191 31.92 -2.42 22.59
CA GLU B 191 32.23 -3.33 23.71
C GLU B 191 33.25 -4.40 23.29
N VAL B 192 33.98 -4.90 24.27
CA VAL B 192 35.17 -5.68 23.92
C VAL B 192 34.82 -7.16 23.81
N MET B 193 35.54 -7.80 22.90
CA MET B 193 35.68 -9.24 22.85
C MET B 193 36.67 -9.65 23.91
N THR B 194 36.22 -10.41 24.90
CA THR B 194 37.10 -10.77 26.01
C THR B 194 37.94 -12.01 25.68
N TYR B 195 37.43 -12.89 24.82
CA TYR B 195 38.10 -14.12 24.46
C TYR B 195 37.69 -14.51 23.06
N GLY B 196 38.66 -14.88 22.23
CA GLY B 196 38.32 -15.36 20.90
C GLY B 196 39.27 -16.45 20.43
N ARG B 197 38.71 -17.54 19.90
CA ARG B 197 39.46 -18.58 19.21
C ARG B 197 39.05 -18.56 17.74
N TYR B 198 40.04 -18.40 16.85
CA TYR B 198 39.84 -18.49 15.40
C TYR B 198 40.70 -19.68 14.95
N SER B 199 40.11 -20.86 14.79
CA SER B 199 40.93 -22.05 14.57
C SER B 199 40.42 -22.92 13.42
N ASN B 200 41.38 -23.48 12.69
CA ASN B 200 41.10 -24.52 11.68
C ASN B 200 40.17 -24.06 10.58
N ASN B 201 40.21 -22.78 10.24
CA ASN B 201 39.44 -22.29 9.13
C ASN B 201 40.21 -22.40 7.83
N TYR B 202 39.46 -22.38 6.73
CA TYR B 202 40.02 -22.50 5.37
C TYR B 202 39.51 -21.28 4.62
N ILE B 203 40.42 -20.36 4.34
CA ILE B 203 40.07 -19.06 3.74
C ILE B 203 40.87 -18.93 2.45
N HIS B 204 40.17 -18.74 1.32
CA HIS B 204 40.90 -18.77 0.06
C HIS B 204 40.22 -17.93 -1.00
N ASP B 205 41.05 -17.36 -1.87
CA ASP B 205 40.59 -16.65 -3.07
C ASP B 205 39.75 -15.44 -2.68
N ILE B 206 40.43 -14.50 -2.02
CA ILE B 206 39.78 -13.31 -1.46
C ILE B 206 40.53 -12.07 -1.93
N LYS B 207 39.86 -10.92 -1.75
CA LYS B 207 40.36 -9.64 -2.25
C LYS B 207 40.64 -8.63 -1.14
N GLY B 208 40.50 -9.01 0.12
CA GLY B 208 40.87 -8.20 1.25
C GLY B 208 41.79 -8.99 2.17
N ASP B 209 41.75 -8.66 3.46
CA ASP B 209 42.54 -9.43 4.42
C ASP B 209 41.81 -10.73 4.77
N ALA B 210 42.58 -11.76 5.14
CA ALA B 210 41.95 -13.00 5.57
C ALA B 210 41.44 -12.89 7.00
N ILE B 211 42.28 -12.45 7.93
CA ILE B 211 41.88 -12.25 9.33
C ILE B 211 42.55 -10.95 9.78
N GLU B 212 41.75 -9.92 10.02
CA GLU B 212 42.28 -8.61 10.40
C GLU B 212 41.54 -8.13 11.63
N LEU B 213 42.26 -7.97 12.74
CA LEU B 213 41.68 -7.49 14.00
C LEU B 213 42.35 -6.15 14.33
N ASN B 214 41.61 -5.07 14.09
CA ASN B 214 42.16 -3.72 14.04
C ASN B 214 41.71 -2.87 15.24
N VAL B 215 42.65 -2.08 15.77
CA VAL B 215 42.52 -1.31 17.00
C VAL B 215 41.78 -2.06 18.08
N VAL B 216 42.34 -3.22 18.46
CA VAL B 216 41.74 -4.10 19.47
C VAL B 216 42.57 -4.12 20.76
N GLN B 217 43.25 -3.02 21.04
CA GLN B 217 44.10 -2.96 22.21
C GLN B 217 43.34 -3.20 23.50
N LYS B 218 42.05 -2.83 23.58
CA LYS B 218 41.27 -3.04 24.79
C LYS B 218 40.71 -4.45 24.90
N HIS B 219 40.86 -5.24 23.84
CA HIS B 219 40.17 -6.51 23.71
C HIS B 219 41.06 -7.68 24.12
N TYR B 220 40.42 -8.84 24.27
CA TYR B 220 41.10 -10.13 24.40
C TYR B 220 41.90 -10.23 25.69
N THR B 221 41.39 -9.59 26.76
CA THR B 221 42.00 -9.73 28.07
C THR B 221 42.16 -11.19 28.48
N GLU B 222 41.24 -12.06 28.08
CA GLU B 222 41.37 -13.48 28.41
C GLU B 222 41.81 -14.35 27.24
N GLY B 223 42.36 -13.74 26.19
CA GLY B 223 43.04 -14.51 25.20
C GLY B 223 42.48 -14.33 23.79
N LEU B 224 43.41 -14.09 22.87
CA LEU B 224 43.18 -14.13 21.45
C LEU B 224 44.07 -15.20 20.86
N ILE B 225 43.47 -16.21 20.25
CA ILE B 225 44.25 -17.32 19.67
C ILE B 225 43.82 -17.51 18.23
N ILE B 226 44.78 -17.38 17.31
CA ILE B 226 44.55 -17.51 15.88
C ILE B 226 45.43 -18.67 15.44
N GLU B 227 44.82 -19.84 15.22
CA GLU B 227 45.58 -21.09 15.17
C GLU B 227 45.10 -22.02 14.08
N ASN B 228 46.07 -22.58 13.35
CA ASN B 228 45.82 -23.67 12.39
C ASN B 228 44.88 -23.27 11.26
N ASN B 229 44.85 -21.99 10.89
CA ASN B 229 44.10 -21.56 9.72
C ASN B 229 44.92 -21.75 8.46
N HIS B 230 44.24 -22.18 7.38
CA HIS B 230 44.86 -22.42 6.08
C HIS B 230 44.30 -21.37 5.14
N ILE B 231 45.18 -20.47 4.71
CA ILE B 231 44.85 -19.31 3.90
C ILE B 231 45.57 -19.46 2.54
N ALA B 232 44.84 -19.20 1.45
CA ALA B 232 45.45 -19.27 0.12
C ALA B 232 44.85 -18.23 -0.82
N ASN B 233 45.71 -17.55 -1.58
CA ASN B 233 45.32 -16.65 -2.67
C ASN B 233 44.61 -15.42 -2.16
N VAL B 234 45.38 -14.49 -1.62
CA VAL B 234 44.88 -13.22 -1.06
C VAL B 234 45.42 -12.14 -1.98
N ASP B 235 44.54 -11.53 -2.78
CA ASP B 235 45.00 -10.63 -3.85
C ASP B 235 44.10 -9.40 -3.88
N ALA B 236 44.57 -8.33 -3.23
CA ALA B 236 43.84 -7.08 -3.11
C ALA B 236 44.29 -6.06 -4.15
N SER B 237 44.80 -6.52 -5.27
CA SER B 237 45.23 -5.62 -6.33
C SER B 237 44.09 -4.66 -6.68
N GLY B 238 44.41 -3.38 -6.74
CA GLY B 238 43.43 -2.38 -7.08
C GLY B 238 42.56 -1.94 -5.95
N GLN B 239 42.73 -2.52 -4.77
CA GLN B 239 41.91 -2.18 -3.62
C GLN B 239 42.62 -1.06 -2.84
N GLY B 240 42.06 -0.73 -1.68
CA GLY B 240 42.54 0.38 -0.90
C GLY B 240 43.83 0.12 -0.16
N ALA B 241 44.27 1.14 0.55
CA ALA B 241 45.55 1.08 1.22
C ALA B 241 45.55 -0.02 2.28
N ASN B 242 46.64 -0.78 2.29
CA ASN B 242 46.93 -1.85 3.25
C ASN B 242 45.99 -3.03 3.14
N TRP B 243 45.12 -3.06 2.14
CA TRP B 243 44.36 -4.28 1.88
C TRP B 243 45.30 -5.39 1.41
N GLY B 244 45.02 -6.61 1.83
CA GLY B 244 45.75 -7.76 1.35
C GLY B 244 46.63 -8.46 2.35
N ILE B 245 46.57 -8.08 3.62
CA ILE B 245 47.28 -8.79 4.67
C ILE B 245 46.65 -10.14 4.90
N GLY B 246 47.47 -11.14 5.22
CA GLY B 246 46.94 -12.44 5.59
C GLY B 246 46.25 -12.43 6.93
N ILE B 247 47.06 -12.42 7.98
CA ILE B 247 46.61 -12.31 9.37
C ILE B 247 47.22 -11.04 9.94
N GLY B 248 46.38 -10.12 10.36
CA GLY B 248 46.83 -8.85 10.93
C GLY B 248 46.16 -8.56 12.26
N VAL B 249 46.95 -8.02 13.18
CA VAL B 249 46.49 -7.63 14.51
C VAL B 249 47.10 -6.27 14.83
N ALA B 250 46.27 -5.33 15.28
CA ALA B 250 46.77 -3.96 15.51
C ALA B 250 46.22 -3.35 16.79
N GLY B 251 47.11 -2.74 17.56
CA GLY B 251 46.73 -1.81 18.60
C GLY B 251 46.55 -0.43 18.03
N SER B 252 46.85 0.57 18.84
CA SER B 252 46.63 1.96 18.47
C SER B 252 47.86 2.83 18.65
N GLY B 253 48.07 3.72 17.69
CA GLY B 253 49.08 4.73 17.82
C GLY B 253 48.62 5.80 18.79
N PRO B 254 49.49 6.78 19.04
CA PRO B 254 50.79 6.93 18.40
C PRO B 254 51.82 5.90 18.87
N TYR B 255 52.72 5.56 17.97
CA TYR B 255 53.85 4.73 18.32
C TYR B 255 54.77 5.46 19.29
N GLY B 256 55.50 4.70 20.10
CA GLY B 256 56.53 5.31 20.94
C GLY B 256 57.04 4.35 21.98
N VAL B 257 58.33 4.43 22.32
CA VAL B 257 58.93 3.40 23.18
C VAL B 257 58.28 3.42 24.56
N ASP B 258 57.75 4.57 25.00
CA ASP B 258 57.25 4.70 26.36
CA ASP B 258 57.25 4.75 26.36
C ASP B 258 55.74 4.97 26.42
N VAL B 259 55.02 4.72 25.33
CA VAL B 259 53.57 4.95 25.39
C VAL B 259 52.94 3.89 26.27
N PRO B 260 51.76 4.15 26.82
CA PRO B 260 51.17 3.24 27.81
C PRO B 260 50.85 1.86 27.25
N ASP B 261 50.95 0.86 28.12
CA ASP B 261 50.62 -0.52 27.73
C ASP B 261 49.22 -0.63 27.15
N SER B 262 48.30 0.25 27.55
CA SER B 262 46.92 0.19 27.10
C SER B 262 46.76 0.46 25.60
N GLN B 263 47.76 0.98 24.92
CA GLN B 263 47.68 1.16 23.47
C GLN B 263 47.97 -0.10 22.68
N TYR B 264 48.49 -1.13 23.34
CA TYR B 264 48.94 -2.32 22.65
C TYR B 264 47.90 -3.44 22.74
N VAL B 265 47.81 -4.26 21.67
CA VAL B 265 47.10 -5.53 21.75
C VAL B 265 48.05 -6.51 22.43
N ARG B 266 47.56 -7.22 23.44
CA ARG B 266 48.44 -7.95 24.33
C ARG B 266 48.01 -9.41 24.52
N ASN B 267 49.01 -10.27 24.76
CA ASN B 267 48.82 -11.66 25.22
C ASN B 267 48.21 -12.58 24.18
N PHE B 268 48.30 -12.23 22.91
CA PHE B 268 47.71 -13.04 21.88
C PHE B 268 48.74 -13.99 21.25
N SER B 269 48.24 -14.93 20.45
CA SER B 269 49.10 -15.90 19.78
C SER B 269 48.61 -16.19 18.37
N ILE B 270 49.57 -16.28 17.47
CA ILE B 270 49.34 -16.60 16.06
C ILE B 270 50.17 -17.85 15.79
N VAL B 271 49.52 -19.00 15.69
CA VAL B 271 50.18 -20.31 15.82
C VAL B 271 49.71 -21.27 14.74
N GLY B 272 50.65 -21.90 14.04
CA GLY B 272 50.31 -23.02 13.20
C GLY B 272 49.54 -22.71 11.94
N ASN B 273 49.58 -21.47 11.48
CA ASN B 273 48.84 -21.06 10.31
C ASN B 273 49.67 -21.28 9.06
N ARG B 274 48.98 -21.46 7.94
CA ARG B 274 49.59 -21.62 6.62
C ARG B 274 49.02 -20.52 5.75
N VAL B 275 49.89 -19.68 5.20
CA VAL B 275 49.43 -18.52 4.43
C VAL B 275 50.14 -18.57 3.08
N TYR B 276 49.41 -18.92 2.03
CA TYR B 276 49.97 -19.15 0.69
C TYR B 276 49.50 -18.10 -0.30
N ASN B 277 50.46 -17.45 -0.95
CA ASN B 277 50.21 -16.53 -2.05
C ASN B 277 49.46 -15.30 -1.53
N CYS B 278 50.18 -14.53 -0.75
CA CYS B 278 49.71 -13.34 -0.07
C CYS B 278 50.86 -12.36 -0.05
N ARG B 279 50.55 -11.07 -0.09
CA ARG B 279 51.63 -10.11 -0.18
C ARG B 279 52.34 -9.92 1.15
N GLN B 280 51.61 -9.91 2.26
CA GLN B 280 52.19 -9.72 3.59
C GLN B 280 51.43 -10.68 4.51
N CYS B 281 52.07 -11.81 4.86
CA CYS B 281 51.28 -12.92 5.35
C CYS B 281 50.82 -12.69 6.79
N LEU B 282 51.70 -12.17 7.65
CA LEU B 282 51.41 -11.95 9.06
C LEU B 282 51.87 -10.53 9.41
N HIS B 283 51.02 -9.79 10.08
CA HIS B 283 51.24 -8.37 10.38
C HIS B 283 50.81 -8.07 11.80
N VAL B 284 51.71 -7.43 12.58
CA VAL B 284 51.35 -6.88 13.88
C VAL B 284 51.86 -5.46 13.94
N GLU B 285 51.04 -4.56 14.44
CA GLU B 285 51.51 -3.24 14.84
C GLU B 285 50.95 -2.92 16.22
N MET B 286 51.76 -2.25 17.04
CA MET B 286 51.38 -1.94 18.41
C MET B 286 50.87 -3.19 19.12
N GLY B 287 51.65 -4.25 19.03
CA GLY B 287 51.47 -5.45 19.83
C GLY B 287 52.52 -5.55 20.92
N LYS B 288 52.14 -6.19 22.02
CA LYS B 288 53.05 -6.41 23.14
C LYS B 288 52.72 -7.76 23.79
N ASN B 289 53.75 -8.47 24.22
CA ASN B 289 53.57 -9.76 24.92
C ASN B 289 52.77 -10.75 24.06
N PHE B 290 53.30 -11.05 22.89
CA PHE B 290 52.64 -11.96 21.99
C PHE B 290 53.67 -12.92 21.39
N THR B 291 53.14 -13.98 20.82
CA THR B 291 53.94 -15.04 20.22
C THR B 291 53.42 -15.36 18.84
N ILE B 292 54.32 -15.46 17.89
CA ILE B 292 54.04 -15.86 16.51
C ILE B 292 54.83 -17.16 16.31
N ARG B 293 54.14 -18.30 16.32
CA ARG B 293 54.77 -19.61 16.48
C ARG B 293 54.37 -20.60 15.38
N ASP B 294 55.37 -21.21 14.74
CA ASP B 294 55.21 -22.34 13.84
C ASP B 294 54.22 -22.06 12.71
N ASN B 295 54.49 -21.00 11.97
CA ASN B 295 53.69 -20.63 10.81
C ASN B 295 54.47 -20.92 9.54
N GLU B 296 53.73 -21.11 8.46
CA GLU B 296 54.27 -21.48 7.14
C GLU B 296 53.71 -20.48 6.15
N VAL B 297 54.59 -19.72 5.47
CA VAL B 297 54.15 -18.57 4.69
C VAL B 297 54.85 -18.53 3.33
N TYR B 298 54.11 -18.12 2.31
CA TYR B 298 54.62 -18.02 0.95
C TYR B 298 54.22 -16.66 0.40
N PRO B 299 54.98 -15.62 0.70
CA PRO B 299 54.63 -14.28 0.21
C PRO B 299 54.83 -14.17 -1.30
N ASN B 300 54.20 -13.15 -1.90
CA ASN B 300 54.27 -12.97 -3.35
C ASN B 300 54.16 -11.48 -3.68
N THR B 301 55.23 -10.93 -4.26
CA THR B 301 55.24 -9.51 -4.67
C THR B 301 54.21 -9.23 -5.76
N ALA B 302 53.69 -10.25 -6.42
CA ALA B 302 52.80 -10.06 -7.57
C ALA B 302 51.35 -9.81 -7.21
N VAL B 303 50.94 -10.05 -5.96
CA VAL B 303 49.55 -9.85 -5.56
C VAL B 303 49.44 -8.59 -4.72
N SER B 304 48.22 -8.10 -4.59
CA SER B 304 47.90 -6.87 -3.83
C SER B 304 48.79 -5.72 -4.28
N THR B 305 48.96 -5.61 -5.58
CA THR B 305 49.72 -4.49 -6.11
C THR B 305 49.00 -3.18 -5.81
N GLY B 306 49.77 -2.16 -5.45
CA GLY B 306 49.22 -0.84 -5.24
C GLY B 306 48.66 -0.54 -3.87
N THR B 307 48.61 -1.50 -2.94
CA THR B 307 48.01 -1.22 -1.65
C THR B 307 49.03 -0.75 -0.62
N GLY B 308 50.31 -0.67 -0.98
CA GLY B 308 51.31 -0.07 -0.13
C GLY B 308 51.96 -1.01 0.89
N LEU B 309 51.74 -2.31 0.79
CA LEU B 309 52.29 -3.24 1.77
C LEU B 309 53.71 -3.64 1.41
N THR B 310 54.56 -3.76 2.43
CA THR B 310 55.90 -4.33 2.25
C THR B 310 55.77 -5.85 2.10
N THR B 311 56.23 -6.40 0.98
CA THR B 311 56.12 -7.84 0.80
C THR B 311 56.98 -8.55 1.84
N CYS B 312 56.38 -9.50 2.55
CA CYS B 312 57.11 -10.35 3.46
C CYS B 312 56.20 -11.38 4.11
N GLY B 313 56.79 -12.26 4.91
CA GLY B 313 56.02 -13.26 5.62
C GLY B 313 55.59 -12.77 6.99
N VAL B 314 56.44 -12.00 7.66
CA VAL B 314 56.17 -11.47 8.98
C VAL B 314 56.59 -10.01 9.00
N ALA B 315 55.65 -9.10 9.27
CA ALA B 315 55.90 -7.67 9.37
C ALA B 315 55.43 -7.18 10.73
N LEU B 316 56.35 -6.66 11.53
CA LEU B 316 56.04 -6.24 12.89
C LEU B 316 56.52 -4.82 13.06
N TYR B 317 55.61 -3.95 13.53
CA TYR B 317 55.86 -2.51 13.62
C TYR B 317 55.63 -2.05 15.06
N GLY B 318 56.66 -1.49 15.68
CA GLY B 318 56.47 -0.84 16.94
C GLY B 318 56.14 -1.75 18.09
N CYS B 319 56.50 -3.02 18.00
CA CYS B 319 56.08 -4.02 18.99
C CYS B 319 57.11 -4.18 20.09
N GLN B 320 56.66 -4.73 21.22
CA GLN B 320 57.55 -4.99 22.34
C GLN B 320 57.22 -6.32 22.99
N ASP B 321 58.23 -6.90 23.64
CA ASP B 321 58.06 -8.09 24.46
C ASP B 321 57.39 -9.22 23.65
N PHE B 322 58.05 -9.64 22.58
CA PHE B 322 57.39 -10.60 21.70
C PHE B 322 58.39 -11.66 21.25
N GLU B 323 57.83 -12.75 20.72
CA GLU B 323 58.62 -13.87 20.21
C GLU B 323 58.10 -14.26 18.84
N VAL B 324 59.03 -14.47 17.91
CA VAL B 324 58.76 -15.15 16.65
C VAL B 324 59.57 -16.44 16.71
N ASP B 325 58.87 -17.58 16.74
CA ASP B 325 59.48 -18.89 16.92
C ASP B 325 58.90 -19.88 15.94
N GLY B 326 59.68 -20.25 14.93
CA GLY B 326 59.24 -21.27 13.99
C GLY B 326 58.59 -20.68 12.77
N LEU B 327 59.36 -20.62 11.68
CA LEU B 327 58.84 -20.09 10.42
C LEU B 327 59.47 -20.86 9.27
N THR B 328 58.62 -21.29 8.32
CA THR B 328 59.09 -21.95 7.11
C THR B 328 58.34 -21.34 5.94
N GLY B 329 58.84 -21.64 4.74
CA GLY B 329 58.31 -21.11 3.51
C GLY B 329 59.36 -20.32 2.72
N TYR B 330 58.89 -19.69 1.64
CA TYR B 330 59.73 -18.93 0.73
C TYR B 330 58.81 -18.08 -0.14
N LEU B 331 59.41 -17.10 -0.81
CA LEU B 331 58.63 -16.25 -1.69
C LEU B 331 58.38 -16.92 -3.03
N LEU B 332 57.19 -16.66 -3.58
CA LEU B 332 56.76 -17.25 -4.83
C LEU B 332 57.27 -16.50 -6.06
N ASN B 333 57.60 -15.22 -5.92
CA ASN B 333 58.15 -14.42 -7.00
C ASN B 333 59.65 -14.71 -7.19
N ASP B 334 60.23 -14.13 -8.25
CA ASP B 334 61.64 -14.32 -8.50
C ASP B 334 62.49 -13.58 -7.45
N PRO B 335 63.60 -14.16 -7.02
CA PRO B 335 64.43 -13.47 -6.01
C PRO B 335 64.86 -12.09 -6.43
N SER B 336 64.93 -11.81 -7.73
CA SER B 336 65.36 -10.48 -8.17
C SER B 336 64.37 -9.41 -7.76
N VAL B 337 63.09 -9.76 -7.55
CA VAL B 337 62.12 -8.76 -7.09
C VAL B 337 62.26 -8.53 -5.60
N SER B 338 62.21 -9.61 -4.81
CA SER B 338 62.40 -9.51 -3.36
C SER B 338 62.71 -10.89 -2.82
N THR B 339 63.48 -10.91 -1.72
CA THR B 339 63.61 -12.08 -0.88
C THR B 339 63.21 -11.80 0.57
N ARG B 340 62.51 -10.69 0.82
CA ARG B 340 62.21 -10.27 2.19
C ARG B 340 61.18 -11.20 2.84
N MET B 341 61.55 -11.81 3.95
CA MET B 341 60.64 -12.69 4.69
C MET B 341 60.26 -12.16 6.06
N VAL B 342 61.21 -11.61 6.83
CA VAL B 342 60.94 -11.11 8.18
C VAL B 342 61.32 -9.64 8.19
N PHE B 343 60.38 -8.78 8.57
CA PHE B 343 60.60 -7.33 8.57
C PHE B 343 60.12 -6.79 9.91
N ILE B 344 61.06 -6.36 10.74
CA ILE B 344 60.78 -5.92 12.09
C ILE B 344 61.30 -4.49 12.18
N ASP B 345 60.40 -3.56 12.44
CA ASP B 345 60.69 -2.15 12.19
C ASP B 345 60.04 -1.26 13.24
N TRP B 346 60.56 -0.05 13.31
CA TRP B 346 59.88 1.02 14.04
C TRP B 346 58.54 1.34 13.36
N GLY B 347 57.64 1.94 14.14
CA GLY B 347 56.46 2.54 13.59
C GLY B 347 56.75 3.94 13.08
N VAL B 348 55.69 4.60 12.61
CA VAL B 348 55.78 5.96 12.07
C VAL B 348 54.60 6.77 12.57
N ASN B 349 54.87 7.96 13.10
CA ASN B 349 53.86 8.95 13.46
C ASN B 349 54.06 10.16 12.56
N ASN B 350 53.08 10.45 11.69
CA ASN B 350 53.10 11.68 10.89
C ASN B 350 54.48 11.91 10.26
N GLY B 351 54.97 10.88 9.59
CA GLY B 351 56.20 10.99 8.82
C GLY B 351 57.50 10.89 9.59
N ARG B 352 57.45 10.64 10.91
CA ARG B 352 58.64 10.47 11.72
C ARG B 352 58.63 9.07 12.33
N TYR B 353 59.78 8.41 12.30
CA TYR B 353 59.90 7.10 12.94
C TYR B 353 59.75 7.25 14.46
N ALA B 354 59.08 6.27 15.06
CA ALA B 354 58.84 6.25 16.50
C ALA B 354 58.48 4.81 16.89
N GLY B 355 58.88 4.42 18.10
CA GLY B 355 58.53 3.11 18.61
C GLY B 355 59.42 2.02 18.06
N PRO B 356 60.66 1.97 18.54
CA PRO B 356 61.54 0.88 18.17
C PRO B 356 61.00 -0.42 18.72
N PRO B 357 61.14 -1.51 17.98
CA PRO B 357 60.90 -2.83 18.57
C PRO B 357 61.93 -3.10 19.64
N ILE B 358 61.46 -3.51 20.81
CA ILE B 358 62.38 -3.83 21.90
C ILE B 358 61.91 -5.08 22.63
N ASN B 359 62.88 -5.75 23.26
CA ASN B 359 62.66 -6.92 24.12
C ASN B 359 62.00 -8.05 23.31
N PHE B 360 62.78 -8.63 22.44
CA PHE B 360 62.21 -9.66 21.56
C PHE B 360 63.18 -10.80 21.33
N THR B 361 62.61 -11.92 20.89
CA THR B 361 63.32 -13.17 20.69
C THR B 361 62.86 -13.70 19.34
N ILE B 362 63.81 -13.94 18.44
CA ILE B 362 63.55 -14.44 17.09
C ILE B 362 64.27 -15.77 16.98
N LYS B 363 63.54 -16.86 16.75
CA LYS B 363 64.23 -18.16 16.71
C LYS B 363 63.55 -19.15 15.78
N ASN B 364 64.35 -20.13 15.35
CA ASN B 364 63.86 -21.25 14.53
C ASN B 364 63.21 -20.77 13.24
N LEU B 365 63.93 -19.92 12.50
CA LEU B 365 63.49 -19.48 11.18
C LEU B 365 64.24 -20.33 10.15
N ASP B 366 63.52 -21.20 9.45
CA ASP B 366 64.14 -22.08 8.44
CA ASP B 366 64.11 -22.08 8.44
C ASP B 366 63.66 -21.58 7.07
N ILE B 367 64.38 -20.58 6.58
CA ILE B 367 64.00 -19.80 5.42
C ILE B 367 65.28 -19.50 4.63
N PRO B 368 66.01 -20.52 4.21
CA PRO B 368 67.38 -20.28 3.67
C PRO B 368 67.41 -19.38 2.45
N GLU B 369 66.36 -19.34 1.65
CA GLU B 369 66.36 -18.50 0.47
C GLU B 369 66.01 -17.05 0.77
N SER B 370 65.53 -16.75 1.97
CA SER B 370 64.83 -15.50 2.24
C SER B 370 65.51 -14.72 3.37
N SER B 371 65.20 -13.44 3.44
CA SER B 371 66.01 -12.52 4.22
C SER B 371 65.27 -11.97 5.43
N ILE B 372 66.07 -11.52 6.38
CA ILE B 372 65.61 -10.95 7.65
C ILE B 372 66.09 -9.52 7.71
N GLU B 373 65.19 -8.58 8.03
CA GLU B 373 65.56 -7.19 8.22
CA GLU B 373 65.55 -7.18 8.21
C GLU B 373 64.98 -6.69 9.53
N ILE B 374 65.86 -6.29 10.46
CA ILE B 374 65.47 -5.89 11.81
C ILE B 374 66.05 -4.51 12.07
N ALA B 375 65.22 -3.59 12.55
CA ALA B 375 65.72 -2.28 13.01
C ALA B 375 65.21 -2.03 14.43
N THR B 376 66.15 -1.85 15.36
CA THR B 376 65.85 -1.69 16.77
C THR B 376 66.62 -0.48 17.30
N SER B 377 66.94 -0.46 18.59
CA SER B 377 67.59 0.70 19.18
C SER B 377 68.07 0.30 20.58
N GLY B 378 68.66 1.25 21.29
CA GLY B 378 69.08 1.02 22.67
C GLY B 378 69.36 2.34 23.34
N SER B 379 69.07 2.43 24.63
CA SER B 379 69.22 3.69 25.33
CA SER B 379 69.15 3.69 25.35
C SER B 379 69.60 3.45 26.78
N ASP B 380 69.93 4.55 27.47
CA ASP B 380 70.15 4.50 28.91
C ASP B 380 68.84 4.56 29.70
N ALA B 381 67.75 5.00 29.04
CA ALA B 381 66.48 5.21 29.72
C ALA B 381 65.64 3.95 29.89
N TRP B 382 65.93 2.88 29.14
CA TRP B 382 65.12 1.67 29.19
C TRP B 382 65.98 0.52 28.68
N GLU B 383 65.70 -0.67 29.17
CA GLU B 383 66.43 -1.83 28.71
CA GLU B 383 66.43 -1.83 28.71
C GLU B 383 65.83 -2.36 27.41
N ASN B 384 66.69 -2.92 26.58
CA ASN B 384 66.26 -3.66 25.40
C ASN B 384 67.13 -4.89 25.29
N SER B 385 66.55 -6.06 25.55
CA SER B 385 67.27 -7.32 25.45
CA SER B 385 67.27 -7.33 25.46
C SER B 385 66.74 -8.11 24.26
N THR B 386 67.60 -8.42 23.32
CA THR B 386 67.23 -9.16 22.12
C THR B 386 67.99 -10.48 22.05
N ILE B 387 67.32 -11.48 21.48
CA ILE B 387 67.83 -12.84 21.32
C ILE B 387 67.47 -13.27 19.90
N VAL B 388 68.47 -13.66 19.11
CA VAL B 388 68.26 -14.28 17.80
C VAL B 388 68.98 -15.63 17.80
N SER B 389 68.25 -16.70 17.51
CA SER B 389 68.80 -18.02 17.70
C SER B 389 68.24 -19.02 16.69
N ASN B 390 69.11 -19.91 16.19
CA ASN B 390 68.70 -21.05 15.37
C ASN B 390 68.00 -20.59 14.10
N ILE B 391 68.79 -19.96 13.24
CA ILE B 391 68.31 -19.27 12.05
C ILE B 391 68.96 -19.90 10.83
N ASN B 392 68.21 -20.02 9.74
CA ASN B 392 68.77 -20.44 8.46
C ASN B 392 68.15 -19.51 7.41
N CYS B 393 68.91 -18.50 6.98
CA CYS B 393 68.35 -17.43 6.13
C CYS B 393 69.34 -17.02 5.07
N ASN B 394 68.92 -16.03 4.27
CA ASN B 394 69.69 -15.47 3.18
C ASN B 394 70.45 -14.26 3.71
N VAL B 395 69.95 -13.06 3.47
CA VAL B 395 70.57 -11.87 4.05
C VAL B 395 70.09 -11.70 5.48
N PHE B 396 71.02 -11.43 6.40
CA PHE B 396 70.72 -11.04 7.77
C PHE B 396 71.09 -9.57 7.93
N LYS B 397 70.08 -8.70 7.90
CA LYS B 397 70.27 -7.27 7.98
C LYS B 397 69.72 -6.74 9.29
N TRP B 398 70.57 -6.00 10.03
CA TRP B 398 70.29 -5.56 11.39
C TRP B 398 70.76 -4.13 11.56
N ARG B 399 69.91 -3.33 12.17
CA ARG B 399 70.24 -1.98 12.63
C ARG B 399 69.82 -1.81 14.08
N GLY B 400 70.70 -1.21 14.88
CA GLY B 400 70.37 -0.86 16.24
C GLY B 400 71.26 -1.54 17.28
N LEU B 401 71.42 -0.94 18.45
CA LEU B 401 72.34 -1.46 19.46
C LEU B 401 71.61 -1.58 20.79
N PRO B 402 71.05 -2.75 21.07
CA PRO B 402 70.32 -2.96 22.33
C PRO B 402 71.24 -2.93 23.54
N SER B 403 70.63 -2.82 24.72
CA SER B 403 71.42 -2.92 25.93
C SER B 403 72.09 -4.29 26.03
N SER B 404 71.43 -5.35 25.55
CA SER B 404 72.07 -6.66 25.40
C SER B 404 71.48 -7.36 24.19
N SER B 405 72.34 -7.99 23.39
CA SER B 405 71.87 -8.72 22.21
C SER B 405 72.69 -9.98 22.08
N THR B 406 72.01 -11.11 21.85
CA THR B 406 72.71 -12.36 21.60
C THR B 406 72.30 -12.93 20.24
N PHE B 407 73.26 -13.56 19.58
CA PHE B 407 73.13 -14.11 18.25
C PHE B 407 73.75 -15.49 18.31
N ASN B 408 72.94 -16.51 18.11
CA ASN B 408 73.38 -17.89 18.34
C ASN B 408 72.93 -18.82 17.22
N ASN B 409 73.88 -19.55 16.65
CA ASN B 409 73.53 -20.55 15.62
C ASN B 409 72.71 -19.94 14.50
N ILE B 410 73.19 -18.83 13.97
CA ILE B 410 72.63 -18.19 12.78
C ILE B 410 73.43 -18.64 11.57
N ARG B 411 72.77 -19.34 10.66
CA ARG B 411 73.32 -19.68 9.34
C ARG B 411 72.70 -18.73 8.33
N CYS B 412 73.55 -17.93 7.66
CA CYS B 412 73.07 -16.96 6.69
C CYS B 412 74.02 -16.92 5.52
N ARG B 413 73.61 -16.21 4.46
CA ARG B 413 74.45 -16.05 3.29
C ARG B 413 75.17 -14.71 3.24
N SER B 414 74.76 -13.76 4.07
CA SER B 414 75.49 -12.52 4.28
C SER B 414 74.97 -11.83 5.53
N ILE B 415 75.79 -10.95 6.11
CA ILE B 415 75.42 -10.13 7.27
C ILE B 415 75.64 -8.68 6.92
N ASP B 416 74.63 -7.85 7.16
CA ASP B 416 74.65 -6.41 6.90
C ASP B 416 74.23 -5.74 8.21
N PHE B 417 75.21 -5.33 9.01
CA PHE B 417 75.00 -5.04 10.43
C PHE B 417 75.61 -3.69 10.82
N ILE B 418 74.80 -2.82 11.39
CA ILE B 418 75.26 -1.59 12.01
C ILE B 418 74.61 -1.51 13.37
N GLY B 419 75.42 -1.33 14.41
CA GLY B 419 74.89 -1.28 15.77
C GLY B 419 74.22 0.04 16.07
N GLN B 420 75.01 1.03 16.51
CA GLN B 420 74.44 2.33 16.84
C GLN B 420 74.31 3.12 15.55
N HIS B 421 73.31 2.76 14.76
CA HIS B 421 73.15 3.36 13.44
C HIS B 421 72.72 4.82 13.55
N GLY B 422 73.32 5.64 12.67
CA GLY B 422 73.06 7.07 12.64
C GLY B 422 72.03 7.45 11.60
N SER B 423 71.81 8.75 11.49
CA SER B 423 70.87 9.26 10.49
C SER B 423 71.28 8.79 9.11
N GLY B 424 70.30 8.32 8.32
CA GLY B 424 70.59 7.79 7.00
C GLY B 424 71.01 6.34 6.97
N GLU B 425 71.14 5.69 8.12
CA GLU B 425 71.54 4.28 8.19
C GLU B 425 70.39 3.38 8.65
N GLY B 426 69.16 3.85 8.59
CA GLY B 426 68.00 3.03 8.86
C GLY B 426 67.06 3.72 9.84
N SER B 427 65.96 3.01 10.12
CA SER B 427 64.86 3.62 10.84
C SER B 427 65.31 4.08 12.23
N GLY B 428 64.97 5.33 12.57
CA GLY B 428 65.31 5.83 13.89
C GLY B 428 66.79 6.01 14.14
N GLY B 429 67.62 5.96 13.09
CA GLY B 429 69.03 6.20 13.25
C GLY B 429 69.32 7.52 13.93
N GLY B 430 70.22 7.48 14.91
CA GLY B 430 70.59 8.67 15.67
C GLY B 430 69.65 9.02 16.82
N PHE B 431 68.50 8.35 16.95
CA PHE B 431 67.53 8.80 17.94
C PHE B 431 67.97 8.51 19.38
N TYR B 432 68.49 7.32 19.64
CA TYR B 432 68.86 6.89 20.98
C TYR B 432 70.28 6.36 21.00
N THR B 433 70.96 6.57 22.13
CA THR B 433 72.25 5.95 22.39
C THR B 433 72.28 5.49 23.84
N ARG B 434 73.19 4.57 24.14
CA ARG B 434 73.32 3.98 25.47
C ARG B 434 74.77 4.07 25.90
N SER B 435 75.06 4.94 26.86
CA SER B 435 76.42 5.03 27.38
C SER B 435 76.69 3.98 28.44
N GLN B 436 75.65 3.44 29.08
CA GLN B 436 75.84 2.42 30.10
C GLN B 436 76.21 1.08 29.48
N PHE B 437 76.48 0.11 30.35
CA PHE B 437 76.96 -1.20 29.95
C PHE B 437 76.13 -1.77 28.81
N THR B 438 76.80 -2.07 27.71
CA THR B 438 76.17 -2.59 26.51
C THR B 438 76.86 -3.90 26.16
N TYR B 439 76.07 -4.99 26.07
CA TYR B 439 76.55 -6.35 25.94
C TYR B 439 76.13 -6.97 24.61
N MET B 440 77.01 -7.78 24.02
CA MET B 440 76.67 -8.50 22.81
C MET B 440 77.35 -9.87 22.83
N LYS B 441 76.69 -10.86 22.21
CA LYS B 441 77.26 -12.20 22.08
C LYS B 441 76.97 -12.76 20.69
N TRP B 442 78.00 -13.36 20.05
CA TRP B 442 77.86 -14.09 18.79
C TRP B 442 78.50 -15.47 19.00
N VAL B 443 77.69 -16.53 18.96
CA VAL B 443 78.17 -17.90 19.15
C VAL B 443 77.69 -18.77 18.01
N GLY B 444 78.63 -19.48 17.39
CA GLY B 444 78.29 -20.56 16.49
C GLY B 444 77.54 -20.13 15.25
N CYS B 445 77.85 -18.95 14.72
CA CYS B 445 77.18 -18.45 13.53
C CYS B 445 78.04 -18.68 12.29
N THR B 446 77.36 -18.68 11.14
CA THR B 446 77.99 -19.00 9.86
C THR B 446 77.41 -18.06 8.81
N ALA B 447 78.27 -17.21 8.27
CA ALA B 447 77.95 -16.43 7.07
C ALA B 447 78.71 -17.05 5.92
N LEU B 448 78.00 -17.70 5.00
CA LEU B 448 78.64 -18.43 3.93
C LEU B 448 77.69 -18.53 2.75
N SER B 449 78.21 -18.20 1.56
CA SER B 449 77.47 -18.37 0.33
C SER B 449 78.45 -19.03 -0.65
N GLY B 450 78.40 -20.35 -0.71
CA GLY B 450 79.34 -21.10 -1.52
C GLY B 450 80.75 -21.09 -0.97
N ASP B 451 81.60 -20.22 -1.52
CA ASP B 451 82.93 -20.01 -1.01
C ASP B 451 83.12 -18.66 -0.34
N GLU B 452 82.08 -17.83 -0.30
CA GLU B 452 82.22 -16.45 0.14
C GLU B 452 81.70 -16.24 1.54
N THR B 453 82.52 -15.62 2.39
CA THR B 453 82.12 -15.17 3.72
C THR B 453 81.91 -13.67 3.64
N THR B 454 80.65 -13.24 3.66
CA THR B 454 80.31 -11.85 3.35
C THR B 454 79.64 -11.21 4.56
N VAL B 455 80.40 -10.41 5.31
CA VAL B 455 79.87 -9.78 6.52
C VAL B 455 80.31 -8.33 6.53
N SER B 456 79.49 -7.48 7.12
CA SER B 456 79.83 -6.10 7.36
C SER B 456 79.26 -5.70 8.71
N PHE B 457 80.14 -5.27 9.60
CA PHE B 457 79.82 -4.82 10.95
C PHE B 457 80.38 -3.43 11.19
N ALA B 458 79.61 -2.59 11.89
CA ALA B 458 80.11 -1.27 12.24
C ALA B 458 79.33 -0.72 13.44
N LYS B 459 79.97 0.20 14.13
CA LYS B 459 79.36 0.97 15.23
C LYS B 459 78.83 0.05 16.33
N ILE B 460 79.58 -1.00 16.65
CA ILE B 460 79.23 -1.87 17.76
C ILE B 460 79.98 -1.33 18.98
N TYR B 461 79.36 -0.37 19.67
CA TYR B 461 79.95 0.28 20.84
C TYR B 461 79.58 -0.51 22.09
N THR B 462 80.22 -1.67 22.24
CA THR B 462 79.96 -2.58 23.36
C THR B 462 81.04 -2.46 24.43
N ASP B 463 80.61 -2.67 25.67
CA ASP B 463 81.54 -2.81 26.78
C ASP B 463 82.10 -4.20 26.88
N ARG B 464 81.32 -5.19 26.48
CA ARG B 464 81.75 -6.58 26.45
C ARG B 464 81.06 -7.24 25.26
N CYS B 465 81.82 -7.99 24.49
CA CYS B 465 81.27 -8.78 23.39
C CYS B 465 81.93 -10.14 23.42
N ASP B 466 81.18 -11.19 23.76
CA ASP B 466 81.70 -12.54 23.70
C ASP B 466 81.43 -13.14 22.32
N GLN B 467 82.44 -13.73 21.72
CA GLN B 467 82.28 -14.27 20.38
C GLN B 467 83.15 -15.49 20.20
N VAL B 468 82.54 -16.62 19.82
CA VAL B 468 83.26 -17.87 19.65
C VAL B 468 82.51 -18.77 18.69
N GLY B 469 83.25 -19.60 17.95
CA GLY B 469 82.64 -20.60 17.09
C GLY B 469 82.03 -20.07 15.81
N ASN B 470 82.27 -18.81 15.46
CA ASN B 470 81.79 -18.24 14.19
C ASN B 470 82.83 -18.44 13.08
N ASN B 471 82.40 -18.31 11.82
CA ASN B 471 83.37 -18.32 10.73
C ASN B 471 83.77 -16.92 10.30
N PHE B 472 83.63 -15.95 11.19
CA PHE B 472 83.97 -14.55 10.94
C PHE B 472 84.28 -13.93 12.28
N GLY B 473 84.94 -12.78 12.23
CA GLY B 473 85.18 -11.99 13.41
C GLY B 473 84.20 -10.82 13.45
N VAL B 474 83.85 -10.41 14.66
CA VAL B 474 82.96 -9.27 14.85
C VAL B 474 83.79 -8.11 15.41
N PRO B 475 84.02 -7.04 14.64
CA PRO B 475 84.78 -5.90 15.18
C PRO B 475 83.89 -5.06 16.09
N THR B 476 84.47 -4.57 17.19
CA THR B 476 83.74 -3.65 18.05
C THR B 476 84.50 -2.33 18.08
N ALA B 477 83.80 -1.29 18.49
CA ALA B 477 84.31 0.06 18.33
C ALA B 477 84.18 0.83 19.63
N VAL B 478 84.91 1.93 19.73
CA VAL B 478 84.88 2.77 20.92
C VAL B 478 84.33 4.13 20.53
N ASP B 479 83.36 4.61 21.31
CA ASP B 479 82.72 5.89 21.05
C ASP B 479 83.27 6.95 22.03
N GLY B 480 84.54 7.24 21.86
CA GLY B 480 85.27 8.19 22.70
C GLY B 480 86.24 7.47 23.64
N THR B 481 87.43 8.06 23.80
CA THR B 481 88.49 7.42 24.58
C THR B 481 88.04 7.08 26.00
N GLY B 482 88.21 5.81 26.36
CA GLY B 482 87.84 5.31 27.69
C GLY B 482 86.41 4.89 27.85
N HIS B 483 85.52 5.25 26.91
CA HIS B 483 84.08 5.08 27.10
C HIS B 483 83.63 3.62 27.12
N ARG B 484 84.50 2.66 26.79
CA ARG B 484 84.13 1.26 26.88
C ARG B 484 85.19 0.46 27.58
N GLY B 485 85.96 1.10 28.46
CA GLY B 485 86.95 0.42 29.26
C GLY B 485 88.29 0.30 28.54
N PRO B 486 89.17 -0.58 29.03
CA PRO B 486 90.43 -0.80 28.32
C PRO B 486 90.14 -1.39 26.96
N VAL B 487 90.97 -1.00 25.99
CA VAL B 487 90.82 -1.48 24.63
C VAL B 487 91.42 -2.87 24.53
N LEU B 488 90.58 -3.83 24.13
CA LEU B 488 90.95 -5.24 24.05
C LEU B 488 90.47 -5.82 22.73
N THR B 489 91.20 -6.78 22.20
CA THR B 489 90.73 -7.57 21.07
C THR B 489 90.53 -8.99 21.55
N THR B 490 89.31 -9.48 21.42
CA THR B 490 89.01 -10.88 21.66
C THR B 490 89.79 -11.75 20.69
N ILE B 491 90.45 -12.77 21.20
CA ILE B 491 91.13 -13.73 20.34
C ILE B 491 90.15 -14.87 20.07
N SER B 492 89.60 -14.90 18.86
CA SER B 492 88.58 -15.87 18.50
C SER B 492 89.15 -17.10 17.79
N GLU B 493 90.40 -17.05 17.33
CA GLU B 493 91.03 -18.20 16.64
C GLU B 493 92.44 -18.38 17.15
N GLN B 494 92.81 -19.63 17.49
CA GLN B 494 94.21 -19.97 17.74
C GLN B 494 94.51 -21.30 17.08
N TYR B 495 95.73 -21.42 16.55
CA TYR B 495 96.11 -22.60 15.78
C TYR B 495 97.47 -23.10 16.22
N PHE B 496 97.69 -24.40 16.00
CA PHE B 496 98.97 -25.04 16.19
C PHE B 496 99.50 -25.48 14.83
N THR B 497 100.80 -25.26 14.60
CA THR B 497 101.48 -25.72 13.40
C THR B 497 102.74 -26.49 13.77
N ALA B 498 102.98 -27.58 13.06
CA ALA B 498 104.23 -28.32 13.25
C ALA B 498 105.44 -27.56 12.74
N TYR B 499 105.23 -26.55 11.90
CA TYR B 499 106.28 -25.80 11.22
C TYR B 499 106.34 -24.37 11.76
N ASP B 500 107.43 -23.68 11.42
CA ASP B 500 107.68 -22.33 11.90
C ASP B 500 107.20 -21.22 10.96
N GLU B 501 107.16 -21.44 9.65
CA GLU B 501 106.78 -20.36 8.75
C GLU B 501 105.32 -20.00 8.97
N PHE B 502 105.01 -18.72 8.80
CA PHE B 502 103.64 -18.27 8.98
C PHE B 502 102.75 -18.91 7.90
N PRO B 503 101.57 -19.40 8.27
CA PRO B 503 100.73 -20.10 7.29
C PRO B 503 100.17 -19.12 6.26
N GLY B 504 100.45 -19.40 4.99
CA GLY B 504 100.12 -18.46 3.93
C GLY B 504 98.73 -18.63 3.37
N GLY B 505 98.26 -17.55 2.75
CA GLY B 505 97.08 -17.61 1.91
C GLY B 505 95.76 -17.76 2.61
N ARG B 506 95.71 -17.42 3.90
CA ARG B 506 94.54 -17.66 4.73
C ARG B 506 94.33 -16.47 5.67
N GLU B 507 93.10 -15.98 5.71
CA GLU B 507 92.79 -14.79 6.49
C GLU B 507 92.61 -15.15 7.95
N PHE B 508 93.31 -14.42 8.81
CA PHE B 508 93.19 -14.57 10.26
C PHE B 508 92.78 -13.23 10.87
N PRO B 509 91.87 -13.21 11.82
CA PRO B 509 91.49 -11.93 12.46
C PRO B 509 92.59 -11.40 13.36
N THR B 510 92.53 -10.09 13.60
CA THR B 510 93.47 -9.45 14.51
C THR B 510 93.47 -10.19 15.84
N GLY B 511 94.64 -10.45 16.36
CA GLY B 511 94.79 -11.11 17.66
C GLY B 511 95.00 -12.60 17.57
N THR B 512 94.83 -13.19 16.39
CA THR B 512 95.05 -14.61 16.21
C THR B 512 96.45 -14.98 16.63
N VAL B 513 96.58 -16.13 17.32
CA VAL B 513 97.86 -16.64 17.80
C VAL B 513 98.09 -18.00 17.14
N ILE B 514 99.28 -18.18 16.61
CA ILE B 514 99.74 -19.44 16.03
C ILE B 514 100.86 -19.95 16.91
N HIS B 515 100.69 -21.15 17.47
CA HIS B 515 101.72 -21.79 18.29
C HIS B 515 102.45 -22.85 17.45
N CYS B 516 103.75 -22.73 17.35
CA CYS B 516 104.57 -23.64 16.58
C CYS B 516 105.13 -24.76 17.47
N ALA B 517 105.27 -25.94 16.89
CA ALA B 517 105.83 -27.08 17.63
C ALA B 517 107.20 -26.76 18.20
N SER B 518 107.95 -25.86 17.57
CA SER B 518 109.26 -25.48 18.07
C SER B 518 109.20 -24.60 19.31
N GLY B 519 108.02 -24.11 19.69
CA GLY B 519 107.91 -23.14 20.75
C GLY B 519 107.83 -21.70 20.28
N LYS B 520 108.11 -21.45 19.01
CA LYS B 520 107.85 -20.13 18.46
C LYS B 520 106.35 -19.84 18.47
N LYS B 521 106.03 -18.56 18.33
CA LYS B 521 104.63 -18.13 18.34
C LYS B 521 104.50 -16.94 17.40
N HIS B 522 103.42 -16.93 16.61
CA HIS B 522 103.07 -15.77 15.79
C HIS B 522 101.84 -15.13 16.39
N VAL B 523 101.85 -13.81 16.50
CA VAL B 523 100.70 -13.04 16.92
C VAL B 523 100.30 -12.10 15.79
N VAL B 524 99.04 -12.18 15.35
CA VAL B 524 98.55 -11.32 14.28
C VAL B 524 98.14 -9.98 14.88
N THR B 525 98.86 -8.91 14.50
CA THR B 525 98.59 -7.57 14.99
C THR B 525 97.67 -6.77 14.06
N VAL B 526 97.60 -7.14 12.79
CA VAL B 526 96.61 -6.62 11.85
C VAL B 526 96.01 -7.80 11.10
N GLY B 527 94.71 -8.04 11.30
CA GLY B 527 94.07 -9.19 10.69
C GLY B 527 94.18 -9.14 9.18
N GLY B 528 94.35 -10.31 8.58
CA GLY B 528 94.48 -10.41 7.13
C GLY B 528 95.09 -11.74 6.77
N ALA B 529 95.52 -11.84 5.50
CA ALA B 529 96.17 -13.04 4.98
C ALA B 529 97.55 -12.69 4.47
N PHE B 530 98.45 -13.68 4.48
CA PHE B 530 99.79 -13.47 3.95
C PHE B 530 99.87 -13.89 2.49
N PHE B 531 100.26 -12.96 1.64
CA PHE B 531 100.73 -13.27 0.28
C PHE B 531 102.10 -12.61 0.09
N SER B 532 103.07 -13.40 -0.34
CA SER B 532 104.43 -12.90 -0.56
C SER B 532 104.44 -11.80 -1.61
N ASP B 533 105.28 -10.80 -1.40
CA ASP B 533 105.52 -9.79 -2.42
C ASP B 533 106.14 -10.37 -3.69
N ASN B 534 106.68 -11.59 -3.62
CA ASN B 534 107.24 -12.26 -4.76
C ASN B 534 106.24 -13.09 -5.56
N GLU B 535 104.95 -13.01 -5.23
CA GLU B 535 103.94 -13.74 -5.99
C GLU B 535 103.89 -13.27 -7.44
N LYS B 536 103.82 -14.23 -8.37
CA LYS B 536 103.68 -13.95 -9.79
C LYS B 536 102.77 -15.01 -10.40
N ILE B 537 101.80 -14.58 -11.21
CA ILE B 537 100.90 -15.53 -11.84
C ILE B 537 101.08 -15.50 -13.36
N LYS B 538 100.63 -16.56 -14.00
CA LYS B 538 100.60 -16.59 -15.46
C LYS B 538 99.59 -15.58 -15.99
N ALA B 539 99.77 -15.23 -17.27
CA ALA B 539 98.83 -14.34 -17.95
C ALA B 539 97.42 -14.92 -17.93
N THR B 540 96.43 -14.02 -17.92
CA THR B 540 95.03 -14.42 -17.91
C THR B 540 94.32 -13.81 -19.11
N VAL B 541 93.21 -14.44 -19.48
CA VAL B 541 92.32 -13.93 -20.52
C VAL B 541 90.94 -13.71 -19.91
N THR B 542 90.16 -12.85 -20.58
CA THR B 542 88.81 -12.57 -20.14
C THR B 542 88.01 -13.86 -19.98
N GLY B 543 87.30 -13.96 -18.86
CA GLY B 543 86.41 -15.07 -18.61
C GLY B 543 87.01 -16.22 -17.83
N GLN B 544 88.33 -16.28 -17.68
CA GLN B 544 88.88 -17.46 -17.03
C GLN B 544 88.68 -17.38 -15.51
N THR B 545 88.57 -18.55 -14.89
CA THR B 545 88.21 -18.66 -13.49
C THR B 545 89.25 -19.44 -12.69
N TYR B 546 90.49 -19.49 -13.19
CA TYR B 546 91.61 -20.08 -12.48
C TYR B 546 92.84 -19.18 -12.65
N LEU B 547 93.79 -19.33 -11.73
CA LEU B 547 95.07 -18.64 -11.80
C LEU B 547 96.16 -19.70 -11.60
N GLN B 548 97.35 -19.42 -12.16
CA GLN B 548 98.45 -20.37 -12.05
C GLN B 548 99.74 -19.66 -11.69
N SER B 549 100.56 -20.33 -10.88
CA SER B 549 101.77 -19.73 -10.38
C SER B 549 102.85 -19.68 -11.43
N ASN B 550 103.52 -18.53 -11.52
CA ASN B 550 104.75 -18.41 -12.30
C ASN B 550 105.97 -18.18 -11.41
N ALA B 551 105.87 -18.48 -10.12
CA ALA B 551 107.04 -18.33 -9.26
C ALA B 551 106.96 -19.25 -8.05
N LEU B 552 106.04 -18.98 -7.14
CA LEU B 552 106.11 -19.61 -5.83
C LEU B 552 105.35 -20.93 -5.80
N ASN B 553 105.76 -21.78 -4.85
CA ASN B 553 105.17 -23.09 -4.60
C ASN B 553 103.93 -22.93 -3.72
N TRP B 554 102.77 -22.89 -4.35
CA TRP B 554 101.49 -22.74 -3.66
C TRP B 554 101.10 -23.96 -2.85
N ALA B 555 101.80 -25.09 -3.01
CA ALA B 555 101.57 -26.29 -2.21
C ALA B 555 102.56 -26.40 -1.04
N SER B 556 103.27 -25.34 -0.72
CA SER B 556 103.97 -25.22 0.55
C SER B 556 103.07 -24.53 1.56
N ASN B 557 103.39 -24.66 2.84
CA ASN B 557 102.57 -24.00 3.83
C ASN B 557 102.80 -22.49 3.84
N GLY B 558 104.02 -22.04 3.55
CA GLY B 558 104.34 -20.63 3.62
C GLY B 558 103.70 -19.79 2.52
N TYR B 559 103.55 -20.37 1.32
CA TYR B 559 102.94 -19.69 0.18
C TYR B 559 101.63 -20.34 -0.22
N ALA B 560 100.95 -20.96 0.75
CA ALA B 560 99.75 -21.71 0.54
C ALA B 560 98.61 -20.81 0.05
N LYS B 561 97.56 -21.45 -0.43
CA LYS B 561 96.39 -20.75 -0.95
C LYS B 561 95.14 -21.43 -0.38
N ALA B 562 94.48 -20.75 0.55
CA ALA B 562 93.29 -21.30 1.17
C ALA B 562 92.04 -20.81 0.45
N ALA B 563 91.13 -21.75 0.18
CA ALA B 563 89.83 -21.36 -0.35
C ALA B 563 89.08 -20.53 0.67
N GLY B 564 88.30 -19.58 0.18
CA GLY B 564 87.55 -18.65 1.02
C GLY B 564 88.27 -17.35 1.28
N THR B 565 89.54 -17.26 0.93
CA THR B 565 90.34 -16.06 1.13
C THR B 565 90.04 -15.03 0.05
N LYS B 566 89.84 -13.79 0.46
CA LYS B 566 89.65 -12.70 -0.47
C LYS B 566 90.99 -12.19 -0.98
N ILE B 567 91.08 -12.04 -2.31
CA ILE B 567 92.30 -11.65 -2.98
C ILE B 567 92.03 -10.52 -3.97
N VAL B 568 93.11 -9.87 -4.39
CA VAL B 568 93.08 -8.83 -5.41
C VAL B 568 94.02 -9.24 -6.54
N ILE B 569 93.51 -9.19 -7.76
CA ILE B 569 94.34 -9.38 -8.93
C ILE B 569 94.43 -8.03 -9.65
N PRO B 570 95.55 -7.34 -9.55
CA PRO B 570 95.66 -6.01 -10.16
C PRO B 570 95.41 -6.06 -11.66
N GLY B 571 94.64 -5.09 -12.13
CA GLY B 571 94.41 -4.96 -13.57
C GLY B 571 93.35 -5.86 -14.18
N ALA B 572 92.81 -6.82 -13.44
CA ALA B 572 91.91 -7.84 -14.00
C ALA B 572 90.43 -7.48 -13.89
N GLY B 573 90.08 -6.41 -13.19
CA GLY B 573 88.70 -6.00 -13.10
C GLY B 573 88.24 -5.21 -14.31
N ALA B 574 87.01 -4.72 -14.22
CA ALA B 574 86.47 -3.90 -15.29
C ALA B 574 87.36 -2.67 -15.53
N ASN B 575 87.56 -2.35 -16.79
CA ASN B 575 88.27 -1.12 -17.19
C ASN B 575 89.71 -1.09 -16.68
N GLY B 576 90.32 -2.26 -16.49
CA GLY B 576 91.69 -2.33 -16.05
C GLY B 576 91.90 -2.02 -14.58
N GLY B 577 90.83 -1.95 -13.81
CA GLY B 577 90.94 -1.82 -12.36
C GLY B 577 91.31 -3.13 -11.72
N ASP B 578 91.37 -3.09 -10.38
CA ASP B 578 91.61 -4.30 -9.60
C ASP B 578 90.42 -5.24 -9.67
N LEU B 579 90.68 -6.54 -9.73
CA LEU B 579 89.65 -7.54 -9.51
C LEU B 579 89.73 -7.99 -8.05
N VAL B 580 88.67 -7.74 -7.29
CA VAL B 580 88.53 -8.27 -5.94
C VAL B 580 87.70 -9.55 -6.03
N THR B 581 88.26 -10.66 -5.56
CA THR B 581 87.52 -11.92 -5.67
C THR B 581 87.91 -12.82 -4.49
N THR B 582 87.51 -14.08 -4.57
CA THR B 582 87.69 -15.05 -3.51
C THR B 582 88.29 -16.30 -4.10
N ILE B 583 89.17 -16.95 -3.36
CA ILE B 583 89.67 -18.25 -3.81
C ILE B 583 88.57 -19.30 -3.64
N ALA B 584 88.22 -19.96 -4.73
CA ALA B 584 87.11 -20.92 -4.75
C ALA B 584 87.58 -22.33 -4.48
N ARG B 585 88.80 -22.64 -4.91
CA ARG B 585 89.43 -23.93 -4.76
C ARG B 585 90.91 -23.72 -4.48
N ALA B 586 91.38 -24.37 -3.43
CA ALA B 586 92.74 -24.29 -2.98
C ALA B 586 93.68 -25.01 -3.95
N THR B 587 94.98 -24.87 -3.69
CA THR B 587 96.03 -25.29 -4.59
C THR B 587 95.85 -26.71 -5.10
N TYR B 588 95.92 -26.86 -6.42
CA TYR B 588 96.04 -28.17 -7.06
C TYR B 588 97.00 -28.01 -8.24
N VAL B 589 97.46 -29.14 -8.75
CA VAL B 589 98.40 -29.15 -9.87
C VAL B 589 97.67 -29.64 -11.09
N THR B 590 97.72 -28.86 -12.16
CA THR B 590 97.29 -29.34 -13.47
C THR B 590 98.18 -28.71 -14.52
N ASN B 591 98.46 -29.46 -15.58
CA ASN B 591 99.40 -29.03 -16.62
C ASN B 591 100.74 -28.63 -16.01
N SER B 592 101.12 -29.36 -14.96
CA SER B 592 102.41 -29.20 -14.28
C SER B 592 102.58 -27.81 -13.67
N LEU B 593 101.47 -27.16 -13.33
CA LEU B 593 101.47 -25.83 -12.75
C LEU B 593 100.60 -25.80 -11.50
N TYR B 594 101.05 -25.07 -10.47
CA TYR B 594 100.21 -24.82 -9.31
C TYR B 594 99.05 -23.93 -9.73
N THR B 595 97.86 -24.29 -9.30
CA THR B 595 96.61 -23.72 -9.80
C THR B 595 95.65 -23.50 -8.63
N ILE B 596 94.89 -22.40 -8.71
CA ILE B 596 93.74 -22.18 -7.83
C ILE B 596 92.59 -21.74 -8.72
N ASP B 597 91.37 -21.98 -8.25
CA ASP B 597 90.19 -21.43 -8.89
C ASP B 597 89.72 -20.17 -8.15
N ILE B 598 89.12 -19.24 -8.89
CA ILE B 598 88.59 -18.02 -8.29
C ILE B 598 87.08 -17.94 -8.52
N ALA B 599 86.42 -17.19 -7.64
CA ALA B 599 84.96 -17.17 -7.59
C ALA B 599 84.36 -16.24 -8.62
N ASP B 600 85.14 -15.31 -9.16
CA ASP B 600 84.70 -14.39 -10.18
C ASP B 600 85.66 -14.45 -11.36
N PRO B 601 85.14 -14.37 -12.58
CA PRO B 601 86.03 -14.44 -13.75
C PRO B 601 86.82 -13.17 -13.98
N ILE B 602 87.99 -13.36 -14.60
CA ILE B 602 88.79 -12.26 -15.10
C ILE B 602 87.92 -11.44 -16.05
N VAL B 603 87.96 -10.13 -15.90
CA VAL B 603 87.27 -9.21 -16.82
C VAL B 603 88.22 -8.63 -17.84
N THR B 604 89.34 -8.07 -17.40
CA THR B 604 90.34 -7.52 -18.28
C THR B 604 91.57 -8.42 -18.27
N PRO B 605 92.10 -8.85 -19.41
CA PRO B 605 93.26 -9.74 -19.39
C PRO B 605 94.45 -9.11 -18.70
N THR B 606 95.22 -9.94 -17.99
CA THR B 606 96.42 -9.48 -17.29
C THR B 606 97.65 -10.20 -17.83
N ALA B 607 98.76 -9.48 -17.81
CA ALA B 607 100.02 -10.01 -18.30
C ALA B 607 100.65 -10.98 -17.31
N GLU B 608 101.51 -11.84 -17.85
CA GLU B 608 102.27 -12.72 -17.01
CA GLU B 608 102.28 -12.72 -17.01
C GLU B 608 103.06 -11.88 -16.00
N ASN B 609 103.25 -12.47 -14.81
CA ASN B 609 103.97 -11.90 -13.68
C ASN B 609 103.18 -10.80 -12.97
N THR B 610 101.89 -10.72 -13.23
CA THR B 610 100.99 -9.99 -12.32
C THR B 610 101.09 -10.57 -10.92
N GLN B 611 101.11 -9.67 -9.95
N GLN B 611 100.81 -9.76 -9.90
CA GLN B 611 101.38 -9.97 -8.56
CA GLN B 611 100.76 -10.29 -8.55
C GLN B 611 100.05 -10.01 -7.85
C GLN B 611 99.39 -10.89 -8.23
N ILE B 612 99.57 -11.21 -7.56
N ILE B 612 99.39 -11.78 -7.23
CA ILE B 612 98.35 -11.32 -6.79
CA ILE B 612 98.19 -12.16 -6.48
C ILE B 612 98.64 -10.97 -5.33
C ILE B 612 98.40 -11.66 -5.05
N LYS B 613 97.57 -10.70 -4.61
CA LYS B 613 97.69 -10.07 -3.29
C LYS B 613 96.45 -10.36 -2.45
N ALA B 614 96.61 -10.22 -1.13
CA ALA B 614 95.46 -10.29 -0.24
C ALA B 614 94.62 -9.03 -0.35
N LEU B 615 93.30 -9.18 -0.26
CA LEU B 615 92.47 -7.98 -0.06
C LEU B 615 92.87 -7.30 1.24
N ASN B 616 93.08 -8.09 2.29
CA ASN B 616 93.44 -7.59 3.60
C ASN B 616 94.81 -8.15 3.97
N PRO B 617 95.90 -7.41 3.75
CA PRO B 617 97.23 -7.96 4.04
C PRO B 617 97.48 -8.05 5.53
N VAL B 618 98.03 -9.18 5.94
CA VAL B 618 98.26 -9.45 7.36
C VAL B 618 99.47 -8.68 7.85
N THR B 619 99.49 -8.35 9.14
CA THR B 619 100.72 -8.02 9.86
C THR B 619 100.80 -8.94 11.09
N PHE B 620 101.96 -9.53 11.32
CA PHE B 620 102.15 -10.39 12.46
C PHE B 620 103.56 -10.20 13.01
N VAL B 621 103.71 -10.57 14.29
CA VAL B 621 105.00 -10.59 14.95
C VAL B 621 105.27 -12.03 15.33
N THR B 622 106.54 -12.40 15.33
CA THR B 622 106.97 -13.73 15.72
C THR B 622 107.80 -13.63 16.98
N VAL B 623 107.45 -14.41 17.99
CA VAL B 623 108.16 -14.45 19.26
C VAL B 623 108.99 -15.72 19.28
N ASN B 624 110.31 -15.55 19.43
CA ASN B 624 111.33 -16.57 19.17
C ASN B 624 111.40 -16.93 17.69
N SER C 23 -112.11 3.11 -51.37
CA SER C 23 -112.09 4.12 -50.32
C SER C 23 -111.35 3.62 -49.08
N TYR C 24 -111.36 2.31 -48.89
CA TYR C 24 -110.70 1.66 -47.75
C TYR C 24 -109.53 0.82 -48.23
N VAL C 25 -108.61 0.54 -47.31
CA VAL C 25 -107.34 -0.09 -47.65
C VAL C 25 -107.50 -1.61 -47.53
N GLU C 26 -107.21 -2.33 -48.62
CA GLU C 26 -107.27 -3.78 -48.63
C GLU C 26 -106.07 -4.35 -47.89
N LYS C 27 -106.32 -5.35 -47.02
CA LYS C 27 -105.24 -5.98 -46.26
C LYS C 27 -104.17 -6.55 -47.18
N ASN C 28 -104.59 -7.18 -48.28
CA ASN C 28 -103.65 -7.91 -49.13
C ASN C 28 -102.81 -6.95 -49.98
N LEU C 29 -103.33 -5.75 -50.26
CA LEU C 29 -102.52 -4.75 -50.94
C LEU C 29 -101.50 -4.12 -50.00
N LEU C 30 -101.90 -3.81 -48.76
CA LEU C 30 -100.98 -3.17 -47.83
C LEU C 30 -99.86 -4.11 -47.39
N SER C 31 -100.12 -5.42 -47.39
CA SER C 31 -99.15 -6.42 -47.01
C SER C 31 -98.33 -6.93 -48.19
N SER C 32 -98.58 -6.43 -49.39
CA SER C 32 -97.82 -6.84 -50.56
C SER C 32 -96.44 -6.21 -50.55
N THR C 33 -95.60 -6.61 -51.51
CA THR C 33 -94.24 -6.07 -51.59
C THR C 33 -94.23 -4.59 -51.95
N THR C 34 -95.35 -4.04 -52.42
CA THR C 34 -95.45 -2.61 -52.71
C THR C 34 -96.40 -1.90 -51.74
N GLY C 35 -96.84 -2.59 -50.69
CA GLY C 35 -97.81 -2.02 -49.79
C GLY C 35 -97.36 -0.75 -49.10
N ALA C 36 -96.05 -0.54 -49.00
CA ALA C 36 -95.55 0.66 -48.35
C ALA C 36 -95.90 1.92 -49.14
N ALA C 37 -96.17 1.79 -50.43
CA ALA C 37 -96.48 2.97 -51.22
C ALA C 37 -97.84 3.55 -50.85
N MET C 38 -98.68 2.79 -50.15
CA MET C 38 -99.96 3.32 -49.69
C MET C 38 -99.82 4.24 -48.49
N VAL C 39 -98.64 4.34 -47.89
CA VAL C 39 -98.40 5.10 -46.68
C VAL C 39 -97.68 6.39 -47.05
N GLY C 40 -98.33 7.53 -46.77
CA GLY C 40 -97.77 8.82 -47.08
C GLY C 40 -96.84 9.33 -45.98
N LEU C 41 -95.85 10.11 -46.40
CA LEU C 41 -94.87 10.70 -45.50
C LEU C 41 -94.89 12.22 -45.62
N PRO C 42 -94.35 12.94 -44.63
CA PRO C 42 -94.47 14.42 -44.64
C PRO C 42 -93.89 15.06 -45.89
N SER C 43 -92.99 14.39 -46.61
CA SER C 43 -92.41 14.97 -47.80
C SER C 43 -93.41 15.15 -48.92
N GLY C 44 -94.55 14.48 -48.84
CA GLY C 44 -95.44 14.35 -49.97
C GLY C 44 -95.20 13.11 -50.79
N GLY C 45 -94.13 12.37 -50.51
CA GLY C 45 -93.90 11.07 -51.10
C GLY C 45 -94.51 9.98 -50.24
N ASN C 46 -94.02 8.76 -50.44
CA ASN C 46 -94.58 7.62 -49.72
C ASN C 46 -93.46 6.79 -49.10
N LEU C 47 -93.87 5.84 -48.27
CA LEU C 47 -92.94 5.06 -47.46
C LEU C 47 -92.12 4.08 -48.31
N LEU C 48 -92.67 3.58 -49.41
CA LEU C 48 -91.88 2.75 -50.30
C LEU C 48 -90.67 3.52 -50.81
N GLN C 49 -90.84 4.80 -51.12
CA GLN C 49 -89.74 5.62 -51.61
C GLN C 49 -88.67 5.90 -50.56
N ALA C 50 -88.97 5.62 -49.29
CA ALA C 50 -88.02 5.83 -48.19
C ALA C 50 -87.16 4.62 -47.91
N GLN C 51 -87.37 3.50 -48.60
CA GLN C 51 -86.66 2.26 -48.32
C GLN C 51 -85.24 2.34 -48.86
N TYR C 52 -84.24 2.19 -48.00
CA TYR C 52 -82.86 2.13 -48.46
C TYR C 52 -82.05 1.01 -47.81
N PHE C 53 -82.69 0.10 -47.09
CA PHE C 53 -81.98 -1.04 -46.51
C PHE C 53 -82.97 -2.17 -46.33
N VAL C 54 -82.45 -3.36 -46.05
CA VAL C 54 -83.22 -4.50 -45.59
C VAL C 54 -82.63 -4.96 -44.26
N THR C 55 -83.39 -5.80 -43.54
CA THR C 55 -82.94 -6.40 -42.30
C THR C 55 -83.09 -7.91 -42.39
N PRO C 56 -82.24 -8.66 -41.68
CA PRO C 56 -82.32 -10.12 -41.76
C PRO C 56 -83.66 -10.69 -41.30
N GLU C 57 -84.32 -10.02 -40.34
CA GLU C 57 -85.61 -10.48 -39.84
C GLU C 57 -86.66 -10.51 -40.95
N GLN C 58 -86.50 -9.69 -41.99
CA GLN C 58 -87.39 -9.71 -43.14
C GLN C 58 -87.21 -10.97 -44.00
N PHE C 59 -86.21 -11.79 -43.74
CA PHE C 59 -85.97 -13.02 -44.47
C PHE C 59 -86.04 -14.24 -43.56
N GLY C 60 -86.62 -14.10 -42.36
CA GLY C 60 -86.88 -15.21 -41.48
C GLY C 60 -85.99 -15.29 -40.27
N ALA C 61 -85.02 -14.39 -40.12
CA ALA C 61 -84.11 -14.47 -38.98
C ALA C 61 -84.86 -14.21 -37.67
N ILE C 62 -84.56 -15.05 -36.67
CA ILE C 62 -85.10 -14.84 -35.34
C ILE C 62 -84.23 -13.87 -34.55
N GLY C 63 -82.92 -14.09 -34.55
CA GLY C 63 -82.01 -13.20 -33.88
C GLY C 63 -81.92 -13.37 -32.38
N ASP C 64 -82.33 -14.51 -31.85
CA ASP C 64 -82.24 -14.79 -30.42
C ASP C 64 -80.88 -15.37 -30.03
N GLY C 65 -79.98 -15.58 -30.98
CA GLY C 65 -78.68 -16.12 -30.69
C GLY C 65 -78.65 -17.62 -30.43
N VAL C 66 -79.78 -18.31 -30.58
CA VAL C 66 -79.83 -19.77 -30.41
C VAL C 66 -80.47 -20.41 -31.64
N THR C 67 -81.60 -19.87 -32.08
CA THR C 67 -82.23 -20.34 -33.31
C THR C 67 -81.24 -20.21 -34.46
N ASP C 68 -81.15 -21.25 -35.29
CA ASP C 68 -80.24 -21.27 -36.42
C ASP C 68 -80.76 -20.36 -37.52
N ASP C 69 -80.11 -19.21 -37.69
CA ASP C 69 -80.49 -18.20 -38.68
C ASP C 69 -79.68 -18.32 -39.97
N THR C 70 -78.95 -19.42 -40.16
CA THR C 70 -78.08 -19.58 -41.32
C THR C 70 -78.82 -19.29 -42.62
N GLN C 71 -79.93 -19.99 -42.86
CA GLN C 71 -80.65 -19.84 -44.13
C GLN C 71 -81.22 -18.44 -44.26
N ALA C 72 -81.69 -17.85 -43.16
CA ALA C 72 -82.17 -16.47 -43.21
C ALA C 72 -81.06 -15.52 -43.64
N ILE C 73 -79.84 -15.72 -43.13
CA ILE C 73 -78.72 -14.86 -43.51
C ILE C 73 -78.40 -15.03 -44.99
N LEU C 74 -78.34 -16.27 -45.46
CA LEU C 74 -78.08 -16.51 -46.87
C LEU C 74 -79.12 -15.82 -47.76
N LYS C 75 -80.40 -15.92 -47.41
CA LYS C 75 -81.43 -15.25 -48.19
C LYS C 75 -81.23 -13.73 -48.17
N THR C 76 -80.85 -13.19 -47.01
CA THR C 76 -80.66 -11.75 -46.88
C THR C 76 -79.54 -11.24 -47.80
N ILE C 77 -78.38 -11.89 -47.76
CA ILE C 77 -77.24 -11.42 -48.54
C ILE C 77 -77.52 -11.59 -50.03
N THR C 78 -78.30 -12.61 -50.42
CA THR C 78 -78.64 -12.79 -51.83
C THR C 78 -79.50 -11.63 -52.31
N PHE C 79 -80.49 -11.22 -51.52
CA PHE C 79 -81.30 -10.06 -51.87
C PHE C 79 -80.45 -8.78 -51.86
N ALA C 80 -79.64 -8.61 -50.82
CA ALA C 80 -78.78 -7.41 -50.73
C ALA C 80 -77.90 -7.29 -51.98
N ASN C 81 -77.23 -8.38 -52.35
CA ASN C 81 -76.31 -8.33 -53.49
C ASN C 81 -77.09 -8.13 -54.80
N THR C 82 -78.18 -8.86 -54.97
CA THR C 82 -78.95 -8.76 -56.19
C THR C 82 -79.45 -7.34 -56.42
N ASN C 83 -79.99 -6.72 -55.38
CA ASN C 83 -80.66 -5.43 -55.50
C ASN C 83 -79.80 -4.26 -55.06
N ASN C 84 -78.52 -4.47 -54.78
CA ASN C 84 -77.59 -3.40 -54.44
C ASN C 84 -78.14 -2.54 -53.32
N ILE C 85 -78.51 -3.21 -52.22
CA ILE C 85 -79.13 -2.56 -51.07
C ILE C 85 -78.44 -3.07 -49.82
N GLN C 86 -78.19 -2.16 -48.88
CA GLN C 86 -77.47 -2.49 -47.65
C GLN C 86 -78.35 -3.27 -46.68
N VAL C 87 -77.68 -3.94 -45.74
CA VAL C 87 -78.32 -4.65 -44.63
C VAL C 87 -78.07 -3.87 -43.35
N ARG C 88 -79.12 -3.66 -42.56
CA ARG C 88 -79.00 -3.20 -41.19
C ARG C 88 -79.55 -4.26 -40.27
N ALA C 89 -78.85 -4.49 -39.15
CA ALA C 89 -79.27 -5.53 -38.22
C ALA C 89 -78.90 -5.09 -36.82
N ASP C 90 -79.57 -5.66 -35.83
CA ASP C 90 -79.25 -5.32 -34.46
C ASP C 90 -79.41 -6.47 -33.48
N LYS C 91 -79.73 -7.68 -33.94
CA LYS C 91 -79.91 -8.81 -33.05
C LYS C 91 -78.73 -9.77 -33.19
N ASN C 92 -78.92 -11.02 -32.75
CA ASN C 92 -77.82 -11.98 -32.64
C ASN C 92 -78.15 -13.20 -33.49
N TYR C 93 -77.47 -13.34 -34.62
CA TYR C 93 -77.85 -14.34 -35.63
C TYR C 93 -76.92 -15.53 -35.50
N ARG C 94 -77.44 -16.58 -34.86
CA ARG C 94 -76.70 -17.83 -34.73
C ARG C 94 -76.65 -18.53 -36.09
N PHE C 95 -75.46 -18.97 -36.47
CA PHE C 95 -75.30 -19.68 -37.74
C PHE C 95 -74.31 -20.82 -37.53
N THR C 96 -74.44 -21.84 -38.38
CA THR C 96 -73.82 -23.13 -38.09
C THR C 96 -73.01 -23.70 -39.25
N SER C 97 -72.94 -23.01 -40.39
CA SER C 97 -72.16 -23.48 -41.53
C SER C 97 -71.65 -22.26 -42.29
N SER C 98 -70.71 -22.52 -43.20
CA SER C 98 -70.03 -21.45 -43.91
C SER C 98 -71.01 -20.55 -44.65
N ILE C 99 -70.78 -19.24 -44.58
CA ILE C 99 -71.59 -18.25 -45.25
C ILE C 99 -70.68 -17.45 -46.17
N ALA C 100 -70.95 -17.52 -47.46
CA ALA C 100 -70.13 -16.86 -48.48
C ALA C 100 -70.81 -15.57 -48.90
N MET C 101 -70.31 -14.44 -48.44
CA MET C 101 -70.89 -13.15 -48.79
C MET C 101 -70.13 -12.54 -49.95
N SER C 102 -70.86 -11.83 -50.80
CA SER C 102 -70.25 -11.14 -51.92
C SER C 102 -71.08 -9.90 -52.22
N GLY C 103 -70.40 -8.76 -52.38
CA GLY C 103 -71.10 -7.53 -52.70
C GLY C 103 -72.15 -7.16 -51.66
N VAL C 104 -71.78 -7.25 -50.38
CA VAL C 104 -72.73 -7.02 -49.30
C VAL C 104 -72.22 -5.85 -48.47
N ARG C 105 -73.10 -4.90 -48.19
CA ARG C 105 -72.90 -3.92 -47.14
C ARG C 105 -73.75 -4.36 -45.94
N TRP C 106 -73.11 -4.61 -44.81
CA TRP C 106 -73.82 -5.07 -43.62
C TRP C 106 -73.41 -4.22 -42.44
N TYR C 107 -74.39 -3.56 -41.82
CA TYR C 107 -74.14 -2.67 -40.70
C TYR C 107 -74.93 -3.17 -39.49
N GLY C 108 -74.23 -3.53 -38.43
CA GLY C 108 -74.87 -3.82 -37.17
C GLY C 108 -75.11 -5.30 -36.96
N GLY C 109 -75.36 -5.65 -35.70
CA GLY C 109 -75.72 -7.01 -35.37
C GLY C 109 -74.54 -7.85 -34.93
N THR C 110 -74.87 -9.09 -34.58
CA THR C 110 -73.91 -10.06 -34.09
C THR C 110 -74.13 -11.37 -34.83
N PHE C 111 -73.06 -11.91 -35.40
CA PHE C 111 -73.05 -13.28 -35.91
C PHE C 111 -72.41 -14.18 -34.87
N THR C 112 -73.10 -15.27 -34.50
CA THR C 112 -72.57 -16.23 -33.53
C THR C 112 -72.39 -17.57 -34.20
N GLY C 113 -71.15 -18.02 -34.30
CA GLY C 113 -70.83 -19.30 -34.91
C GLY C 113 -70.62 -20.38 -33.88
N ASN C 114 -70.19 -21.55 -34.37
CA ASN C 114 -69.92 -22.71 -33.53
C ASN C 114 -68.59 -22.59 -32.81
N GLY C 115 -67.79 -21.59 -33.15
CA GLY C 115 -66.46 -21.42 -32.60
C GLY C 115 -65.52 -20.90 -33.67
N GLY C 116 -65.46 -21.61 -34.79
CA GLY C 116 -64.58 -21.26 -35.88
C GLY C 116 -65.28 -21.32 -37.21
N THR C 117 -66.59 -21.08 -37.19
CA THR C 117 -67.37 -21.07 -38.42
C THR C 117 -66.99 -19.87 -39.27
N MET C 118 -66.99 -20.07 -40.59
CA MET C 118 -66.45 -19.10 -41.52
C MET C 118 -67.53 -18.26 -42.19
N ILE C 119 -67.26 -16.97 -42.27
CA ILE C 119 -67.97 -16.03 -43.13
C ILE C 119 -66.94 -15.52 -44.12
N SER C 120 -67.13 -15.85 -45.39
CA SER C 120 -66.24 -15.38 -46.46
C SER C 120 -66.79 -14.09 -47.05
N THR C 121 -65.87 -13.20 -47.48
CA THR C 121 -66.28 -11.92 -48.06
C THR C 121 -65.53 -11.66 -49.34
N VAL C 122 -66.28 -11.33 -50.39
CA VAL C 122 -65.75 -10.75 -51.62
C VAL C 122 -66.43 -9.40 -51.78
N SER C 123 -65.64 -8.35 -51.89
CA SER C 123 -66.19 -7.01 -52.09
C SER C 123 -67.33 -6.72 -51.11
N CYS C 124 -67.01 -6.82 -49.82
CA CYS C 124 -67.98 -6.54 -48.76
C CYS C 124 -67.50 -5.39 -47.89
N TRP C 125 -68.46 -4.72 -47.28
CA TRP C 125 -68.21 -3.61 -46.36
C TRP C 125 -69.04 -3.88 -45.10
N MET C 126 -68.37 -4.17 -43.99
CA MET C 126 -69.04 -4.56 -42.76
C MET C 126 -68.61 -3.67 -41.63
N GLU C 127 -69.58 -3.17 -40.88
CA GLU C 127 -69.34 -2.09 -39.94
C GLU C 127 -70.30 -2.23 -38.77
N ASN C 128 -69.79 -2.04 -37.55
CA ASN C 128 -70.58 -2.15 -36.33
C ASN C 128 -71.13 -3.55 -36.11
N VAL C 129 -70.38 -4.56 -36.52
CA VAL C 129 -70.76 -5.96 -36.42
C VAL C 129 -69.90 -6.62 -35.34
N ARG C 130 -70.50 -7.55 -34.60
CA ARG C 130 -69.73 -8.42 -33.72
C ARG C 130 -69.68 -9.81 -34.36
N PHE C 131 -68.46 -10.30 -34.58
CA PHE C 131 -68.20 -11.65 -35.08
C PHE C 131 -67.79 -12.50 -33.87
N GLU C 132 -68.75 -13.26 -33.34
CA GLU C 132 -68.60 -14.05 -32.13
C GLU C 132 -68.47 -15.52 -32.49
N LYS C 133 -67.46 -16.18 -31.95
CA LYS C 133 -67.24 -17.61 -32.19
C LYS C 133 -67.34 -17.94 -33.69
N CYS C 134 -66.77 -17.07 -34.50
CA CYS C 134 -66.67 -17.25 -35.93
C CYS C 134 -65.51 -16.38 -36.41
N TYR C 135 -65.19 -16.51 -37.70
CA TYR C 135 -64.13 -15.72 -38.28
C TYR C 135 -64.50 -15.32 -39.69
N VAL C 136 -63.85 -14.28 -40.18
CA VAL C 136 -64.02 -13.79 -41.54
C VAL C 136 -62.82 -14.23 -42.37
N LYS C 137 -63.09 -14.76 -43.56
CA LYS C 137 -62.07 -15.10 -44.53
C LYS C 137 -62.30 -14.23 -45.75
N MET C 138 -61.38 -13.31 -46.01
CA MET C 138 -61.54 -12.43 -47.16
C MET C 138 -61.01 -13.10 -48.42
N LEU C 139 -61.85 -13.15 -49.45
CA LEU C 139 -61.53 -13.82 -50.70
C LEU C 139 -61.18 -12.88 -51.83
N GLY C 140 -61.38 -11.58 -51.68
CA GLY C 140 -60.93 -10.64 -52.69
C GLY C 140 -61.87 -9.46 -52.83
N GLY C 141 -61.57 -8.63 -53.82
CA GLY C 141 -62.33 -7.42 -54.05
C GLY C 141 -61.97 -6.36 -53.05
N ASP C 142 -62.65 -5.21 -53.16
CA ASP C 142 -62.43 -4.11 -52.23
C ASP C 142 -63.26 -4.34 -50.98
N CYS C 143 -62.62 -4.68 -49.88
CA CYS C 143 -63.32 -4.91 -48.63
C CYS C 143 -62.96 -3.82 -47.62
N ARG C 144 -63.92 -3.51 -46.75
CA ARG C 144 -63.70 -2.53 -45.70
C ARG C 144 -64.34 -3.05 -44.42
N PHE C 145 -63.58 -3.05 -43.32
CA PHE C 145 -64.07 -3.49 -42.03
C PHE C 145 -63.78 -2.40 -41.02
N TYR C 146 -64.84 -1.77 -40.50
CA TYR C 146 -64.71 -0.68 -39.54
C TYR C 146 -65.58 -0.92 -38.31
N ARG C 147 -65.03 -0.67 -37.13
CA ARG C 147 -65.81 -0.57 -35.92
C ARG C 147 -66.51 -1.87 -35.58
N ASN C 148 -65.91 -2.97 -35.96
CA ASN C 148 -66.42 -4.28 -35.61
C ASN C 148 -65.76 -4.80 -34.35
N ILE C 149 -66.31 -5.88 -33.82
CA ILE C 149 -65.70 -6.65 -32.75
C ILE C 149 -65.55 -8.08 -33.24
N PHE C 150 -64.35 -8.63 -33.14
CA PHE C 150 -64.05 -10.03 -33.43
C PHE C 150 -63.74 -10.71 -32.10
N SER C 151 -64.67 -11.51 -31.60
CA SER C 151 -64.56 -12.04 -30.25
C SER C 151 -64.59 -13.56 -30.25
N ASN C 152 -63.60 -14.16 -29.57
CA ASN C 152 -63.67 -15.55 -29.11
C ASN C 152 -63.68 -16.56 -30.27
N ALA C 153 -63.05 -16.21 -31.39
CA ALA C 153 -62.85 -17.17 -32.47
C ALA C 153 -61.91 -18.29 -32.03
N THR C 154 -62.22 -19.51 -32.44
CA THR C 154 -61.37 -20.68 -32.19
C THR C 154 -60.71 -21.18 -33.47
N SER C 155 -60.91 -20.48 -34.58
CA SER C 155 -60.19 -20.78 -35.79
C SER C 155 -58.76 -20.29 -35.66
N THR C 156 -57.93 -20.67 -36.63
CA THR C 156 -56.55 -20.18 -36.63
C THR C 156 -56.49 -18.67 -36.55
N ALA C 157 -57.35 -17.98 -37.31
CA ALA C 157 -57.38 -16.53 -37.29
C ALA C 157 -58.81 -16.04 -37.20
N ALA C 158 -58.97 -14.87 -36.56
CA ALA C 158 -60.28 -14.22 -36.56
C ALA C 158 -60.55 -13.49 -37.86
N PHE C 159 -59.49 -13.01 -38.52
CA PHE C 159 -59.60 -12.39 -39.84
C PHE C 159 -58.47 -12.95 -40.69
N LEU C 160 -58.83 -13.64 -41.78
CA LEU C 160 -57.89 -14.41 -42.57
C LEU C 160 -57.90 -13.99 -44.03
N MET C 161 -56.72 -13.73 -44.58
CA MET C 161 -56.51 -13.52 -46.00
C MET C 161 -55.59 -14.63 -46.50
N GLN C 162 -56.11 -15.51 -47.36
CA GLN C 162 -55.35 -16.67 -47.80
C GLN C 162 -55.99 -17.21 -49.07
N ALA C 163 -55.17 -17.44 -50.09
CA ALA C 163 -55.64 -17.98 -51.37
C ALA C 163 -56.83 -17.19 -51.91
N MET C 164 -56.68 -15.87 -51.94
CA MET C 164 -57.76 -15.05 -52.45
C MET C 164 -58.03 -15.41 -53.90
N THR C 165 -59.29 -15.37 -54.29
CA THR C 165 -59.70 -15.76 -55.63
C THR C 165 -59.76 -14.59 -56.60
N SER C 166 -59.65 -13.36 -56.11
CA SER C 166 -59.58 -12.19 -56.97
C SER C 166 -58.74 -11.17 -56.22
N GLU C 167 -58.17 -10.23 -56.96
CA GLU C 167 -57.35 -9.21 -56.30
C GLU C 167 -58.21 -8.41 -55.34
N GLY C 168 -57.58 -7.88 -54.28
CA GLY C 168 -58.31 -7.20 -53.24
C GLY C 168 -57.63 -5.92 -52.81
N THR C 169 -58.41 -5.09 -52.13
CA THR C 169 -57.88 -4.01 -51.29
C THR C 169 -58.61 -4.07 -49.96
N LEU C 170 -57.92 -3.65 -48.91
CA LEU C 170 -58.45 -3.78 -47.56
C LEU C 170 -58.17 -2.52 -46.76
N ASP C 171 -59.22 -1.98 -46.14
CA ASP C 171 -59.07 -1.05 -45.04
C ASP C 171 -59.68 -1.71 -43.81
N PHE C 172 -58.83 -2.03 -42.83
CA PHE C 172 -59.23 -2.77 -41.62
C PHE C 172 -58.86 -1.87 -40.46
N SER C 173 -59.83 -1.08 -40.00
CA SER C 173 -59.54 -0.01 -39.05
C SER C 173 -60.62 0.11 -37.99
N TYR C 174 -60.19 0.55 -36.81
CA TYR C 174 -61.05 0.82 -35.66
C TYR C 174 -61.86 -0.39 -35.22
N ASN C 175 -61.32 -1.58 -35.41
CA ASN C 175 -61.92 -2.81 -34.93
C ASN C 175 -61.30 -3.19 -33.59
N GLU C 176 -62.05 -3.98 -32.82
CA GLU C 176 -61.54 -4.60 -31.62
C GLU C 176 -61.55 -6.10 -31.84
N MET C 177 -60.50 -6.78 -31.37
CA MET C 177 -60.37 -8.22 -31.51
C MET C 177 -59.81 -8.79 -30.22
N TYR C 178 -60.44 -9.85 -29.70
CA TYR C 178 -59.97 -10.46 -28.46
C TYR C 178 -60.46 -11.90 -28.36
N GLY C 179 -59.81 -12.66 -27.48
CA GLY C 179 -60.28 -14.00 -27.17
C GLY C 179 -59.98 -15.04 -28.21
N CYS C 180 -59.17 -14.72 -29.21
CA CYS C 180 -58.97 -15.54 -30.39
C CYS C 180 -57.55 -16.12 -30.38
N LYS C 181 -57.17 -16.76 -31.48
CA LYS C 181 -55.79 -17.21 -31.67
C LYS C 181 -55.07 -16.08 -32.39
N TYR C 182 -54.74 -16.26 -33.66
CA TYR C 182 -54.34 -15.10 -34.47
C TYR C 182 -55.52 -14.15 -34.57
N ALA C 183 -55.25 -12.86 -34.50
CA ALA C 183 -56.28 -11.88 -34.80
C ALA C 183 -56.35 -11.67 -36.32
N ILE C 184 -55.34 -11.01 -36.88
CA ILE C 184 -55.22 -10.78 -38.31
C ILE C 184 -54.10 -11.63 -38.87
N LEU C 185 -54.41 -12.49 -39.83
CA LEU C 185 -53.40 -13.32 -40.47
C LEU C 185 -53.58 -13.27 -41.97
N GLN C 186 -52.48 -12.98 -42.67
CA GLN C 186 -52.43 -13.13 -44.12
C GLN C 186 -51.36 -14.14 -44.49
N GLN C 187 -51.73 -15.09 -45.34
CA GLN C 187 -50.79 -15.92 -46.07
C GLN C 187 -50.83 -15.50 -47.53
N GLY C 188 -49.69 -15.08 -48.08
CA GLY C 188 -49.66 -14.36 -49.34
C GLY C 188 -49.92 -15.17 -50.60
N THR C 189 -50.28 -16.44 -50.45
CA THR C 189 -50.59 -17.26 -51.62
C THR C 189 -51.89 -16.78 -52.25
N GLY C 190 -51.98 -16.92 -53.58
CA GLY C 190 -53.18 -16.54 -54.28
C GLY C 190 -53.09 -15.14 -54.87
N GLU C 191 -54.27 -14.61 -55.20
CA GLU C 191 -54.36 -13.29 -55.80
C GLU C 191 -53.95 -12.22 -54.79
N VAL C 192 -53.37 -11.14 -55.29
CA VAL C 192 -52.70 -10.19 -54.40
C VAL C 192 -53.68 -9.18 -53.85
N MET C 193 -53.38 -8.78 -52.60
CA MET C 193 -53.88 -7.56 -51.99
C MET C 193 -53.02 -6.41 -52.49
N THR C 194 -53.59 -5.52 -53.31
CA THR C 194 -52.77 -4.46 -53.91
C THR C 194 -52.54 -3.30 -52.96
N TYR C 195 -53.37 -3.15 -51.94
CA TYR C 195 -53.34 -2.02 -51.02
C TYR C 195 -53.92 -2.46 -49.67
N GLY C 196 -53.31 -2.01 -48.59
CA GLY C 196 -53.79 -2.37 -47.26
C GLY C 196 -53.53 -1.30 -46.22
N ARG C 197 -54.53 -1.02 -45.40
CA ARG C 197 -54.38 -0.16 -44.24
C ARG C 197 -54.93 -0.90 -43.03
N TYR C 198 -54.10 -1.00 -41.99
CA TYR C 198 -54.44 -1.69 -40.75
C TYR C 198 -54.20 -0.67 -39.67
N SER C 199 -55.25 0.06 -39.26
CA SER C 199 -55.04 1.24 -38.43
C SER C 199 -56.03 1.32 -37.28
N ASN C 200 -55.53 1.77 -36.14
CA ASN C 200 -56.37 2.11 -34.98
C ASN C 200 -57.20 0.93 -34.48
N ASN C 201 -56.66 -0.28 -34.57
CA ASN C 201 -57.36 -1.45 -34.05
C ASN C 201 -56.91 -1.69 -32.61
N TYR C 202 -57.77 -2.35 -31.85
CA TYR C 202 -57.51 -2.66 -30.45
C TYR C 202 -57.58 -4.17 -30.34
N ILE C 203 -56.43 -4.81 -30.21
CA ILE C 203 -56.31 -6.26 -30.30
C ILE C 203 -55.73 -6.71 -28.97
N HIS C 204 -56.45 -7.57 -28.25
CA HIS C 204 -56.00 -7.86 -26.90
C HIS C 204 -56.43 -9.25 -26.44
N ASP C 205 -55.59 -9.83 -25.58
CA ASP C 205 -55.88 -11.12 -24.96
C ASP C 205 -56.07 -12.22 -26.02
N ILE C 206 -54.98 -12.50 -26.76
CA ILE C 206 -55.02 -13.46 -27.86
C ILE C 206 -53.94 -14.50 -27.67
N LYS C 207 -54.03 -15.56 -28.48
CA LYS C 207 -53.14 -16.71 -28.36
C LYS C 207 -52.43 -17.01 -29.67
N GLY C 208 -52.38 -16.05 -30.59
CA GLY C 208 -51.61 -16.16 -31.81
C GLY C 208 -50.96 -14.82 -32.08
N ASP C 209 -50.62 -14.51 -33.33
CA ASP C 209 -50.08 -13.18 -33.65
C ASP C 209 -51.21 -12.15 -33.74
N ALA C 210 -50.89 -10.88 -33.46
CA ALA C 210 -51.93 -9.85 -33.55
C ALA C 210 -52.14 -9.42 -35.00
N ILE C 211 -51.07 -9.06 -35.71
CA ILE C 211 -51.15 -8.69 -37.12
C ILE C 211 -49.97 -9.36 -37.82
N GLU C 212 -50.24 -10.38 -38.64
CA GLU C 212 -49.17 -11.15 -39.26
C GLU C 212 -49.43 -11.23 -40.76
N LEU C 213 -48.52 -10.64 -41.54
CA LEU C 213 -48.64 -10.58 -42.99
C LEU C 213 -47.46 -11.37 -43.56
N ASN C 214 -47.73 -12.63 -43.91
CA ASN C 214 -46.71 -13.62 -44.14
C ASN C 214 -46.54 -13.93 -45.63
N VAL C 215 -45.31 -13.85 -46.11
CA VAL C 215 -44.89 -14.07 -47.50
C VAL C 215 -45.73 -13.21 -48.44
N VAL C 216 -45.71 -11.90 -48.22
CA VAL C 216 -46.53 -10.97 -48.97
C VAL C 216 -45.68 -10.08 -49.87
N GLN C 217 -44.52 -10.58 -50.30
CA GLN C 217 -43.62 -9.78 -51.12
C GLN C 217 -44.27 -9.32 -52.42
N LYS C 218 -45.26 -10.05 -52.94
CA LYS C 218 -45.89 -9.66 -54.21
C LYS C 218 -47.07 -8.71 -54.01
N HIS C 219 -47.44 -8.46 -52.78
CA HIS C 219 -48.61 -7.68 -52.43
C HIS C 219 -48.20 -6.25 -52.08
N TYR C 220 -49.23 -5.41 -51.93
CA TYR C 220 -49.10 -4.06 -51.37
C TYR C 220 -48.24 -3.15 -52.23
N THR C 221 -48.24 -3.36 -53.55
CA THR C 221 -47.51 -2.44 -54.42
C THR C 221 -48.10 -1.04 -54.34
N GLU C 222 -49.40 -0.93 -54.08
CA GLU C 222 -50.06 0.37 -53.95
C GLU C 222 -50.08 0.92 -52.53
N GLY C 223 -49.46 0.23 -51.56
CA GLY C 223 -49.25 0.77 -50.23
C GLY C 223 -49.58 -0.20 -49.10
N LEU C 224 -48.77 -0.18 -48.05
CA LEU C 224 -49.06 -0.91 -46.82
C LEU C 224 -48.72 -0.03 -45.63
N ILE C 225 -49.71 0.24 -44.79
CA ILE C 225 -49.47 1.01 -43.56
C ILE C 225 -50.12 0.28 -42.40
N ILE C 226 -49.35 0.12 -41.32
CA ILE C 226 -49.80 -0.51 -40.09
C ILE C 226 -49.55 0.55 -39.01
N GLU C 227 -50.61 1.22 -38.59
CA GLU C 227 -50.44 2.44 -37.81
C GLU C 227 -51.46 2.57 -36.68
N ASN C 228 -50.96 3.07 -35.55
CA ASN C 228 -51.79 3.47 -34.41
C ASN C 228 -52.62 2.34 -33.84
N ASN C 229 -52.12 1.12 -33.92
CA ASN C 229 -52.81 -0.02 -33.32
C ASN C 229 -52.36 -0.15 -31.87
N HIS C 230 -53.28 -0.62 -31.04
CA HIS C 230 -53.01 -0.92 -29.64
C HIS C 230 -53.18 -2.40 -29.41
N ILE C 231 -52.10 -3.07 -29.05
CA ILE C 231 -52.03 -4.52 -28.94
C ILE C 231 -51.60 -4.84 -27.52
N ALA C 232 -52.33 -5.73 -26.86
CA ALA C 232 -52.02 -6.01 -25.45
C ALA C 232 -52.29 -7.48 -25.13
N ASN C 233 -51.37 -8.09 -24.41
CA ASN C 233 -51.55 -9.43 -23.84
C ASN C 233 -51.69 -10.47 -24.97
N VAL C 234 -50.55 -10.69 -25.62
CA VAL C 234 -50.39 -11.68 -26.68
C VAL C 234 -49.63 -12.84 -26.08
N ASP C 235 -50.31 -13.98 -25.85
CA ASP C 235 -49.65 -15.12 -25.18
C ASP C 235 -50.01 -16.41 -25.89
N ALA C 236 -49.08 -16.91 -26.70
CA ALA C 236 -49.27 -18.13 -27.48
C ALA C 236 -48.58 -19.33 -26.83
N SER C 237 -48.43 -19.32 -25.51
CA SER C 237 -47.73 -20.42 -24.85
C SER C 237 -48.35 -21.75 -25.26
N GLY C 238 -47.50 -22.71 -25.56
CA GLY C 238 -47.91 -24.04 -25.95
C GLY C 238 -48.49 -24.17 -27.33
N GLN C 239 -48.44 -23.14 -28.14
CA GLN C 239 -49.06 -23.19 -29.46
C GLN C 239 -48.00 -23.40 -30.54
N GLY C 240 -48.28 -22.95 -31.75
CA GLY C 240 -47.45 -23.29 -32.89
C GLY C 240 -46.10 -22.59 -32.91
N ALA C 241 -45.23 -23.08 -33.79
CA ALA C 241 -43.90 -22.52 -33.94
C ALA C 241 -43.99 -21.07 -34.42
N ASN C 242 -43.30 -20.19 -33.71
CA ASN C 242 -43.28 -18.74 -33.96
C ASN C 242 -44.60 -18.04 -33.74
N TRP C 243 -45.58 -18.68 -33.09
CA TRP C 243 -46.79 -17.96 -32.73
C TRP C 243 -46.50 -17.01 -31.58
N GLY C 244 -47.15 -15.83 -31.61
CA GLY C 244 -47.06 -14.88 -30.50
C GLY C 244 -46.42 -13.54 -30.84
N ILE C 245 -46.13 -13.31 -32.12
CA ILE C 245 -45.64 -12.02 -32.58
C ILE C 245 -46.75 -10.99 -32.48
N GLY C 246 -46.38 -9.75 -32.17
CA GLY C 246 -47.34 -8.64 -32.16
C GLY C 246 -47.68 -8.21 -33.56
N ILE C 247 -46.75 -7.51 -34.23
CA ILE C 247 -46.89 -7.14 -35.62
C ILE C 247 -45.74 -7.75 -36.39
N GLY C 248 -46.07 -8.59 -37.39
CA GLY C 248 -45.08 -9.27 -38.18
C GLY C 248 -45.33 -9.11 -39.67
N VAL C 249 -44.28 -8.81 -40.42
CA VAL C 249 -44.34 -8.71 -41.88
C VAL C 249 -43.19 -9.53 -42.47
N ALA C 250 -43.48 -10.34 -43.49
CA ALA C 250 -42.45 -11.24 -44.01
C ALA C 250 -42.52 -11.33 -45.53
N GLY C 251 -41.36 -11.19 -46.15
CA GLY C 251 -41.15 -11.60 -47.54
C GLY C 251 -40.81 -13.08 -47.59
N SER C 252 -40.03 -13.45 -48.58
CA SER C 252 -39.70 -14.85 -48.80
C SER C 252 -38.21 -15.05 -48.97
N GLY C 253 -37.69 -16.10 -48.33
CA GLY C 253 -36.35 -16.51 -48.55
C GLY C 253 -36.19 -17.18 -49.92
N PRO C 254 -34.96 -17.54 -50.27
CA PRO C 254 -33.78 -17.47 -49.42
C PRO C 254 -33.24 -16.09 -49.18
N TYR C 255 -32.71 -15.93 -47.99
CA TYR C 255 -32.00 -14.71 -47.62
C TYR C 255 -30.72 -14.59 -48.42
N GLY C 256 -30.25 -13.36 -48.59
CA GLY C 256 -28.98 -13.12 -49.21
C GLY C 256 -28.76 -11.70 -49.63
N VAL C 257 -27.50 -11.25 -49.64
CA VAL C 257 -27.25 -9.83 -49.84
C VAL C 257 -27.75 -9.37 -51.20
N ASP C 258 -27.64 -10.24 -52.22
CA ASP C 258 -27.98 -9.84 -53.59
C ASP C 258 -29.19 -10.58 -54.16
N VAL C 259 -30.05 -11.15 -53.31
CA VAL C 259 -31.25 -11.78 -53.89
C VAL C 259 -32.16 -10.71 -54.45
N PRO C 260 -33.00 -11.06 -55.42
CA PRO C 260 -33.82 -10.04 -56.10
C PRO C 260 -34.74 -9.28 -55.15
N ASP C 261 -34.95 -8.01 -55.47
CA ASP C 261 -35.89 -7.16 -54.74
C ASP C 261 -37.27 -7.78 -54.62
N SER C 262 -37.67 -8.58 -55.62
CA SER C 262 -39.00 -9.17 -55.66
C SER C 262 -39.23 -10.15 -54.53
N GLN C 263 -38.17 -10.59 -53.86
CA GLN C 263 -38.35 -11.46 -52.71
C GLN C 263 -38.74 -10.71 -51.45
N TYR C 264 -38.59 -9.40 -51.42
CA TYR C 264 -38.77 -8.60 -50.21
C TYR C 264 -40.15 -7.96 -50.16
N VAL C 265 -40.69 -7.85 -48.96
CA VAL C 265 -41.79 -6.92 -48.71
C VAL C 265 -41.18 -5.52 -48.64
N ARG C 266 -41.72 -4.60 -49.43
CA ARG C 266 -41.08 -3.33 -49.70
C ARG C 266 -42.04 -2.15 -49.54
N ASN C 267 -41.46 -1.01 -49.20
CA ASN C 267 -42.16 0.28 -49.22
C ASN C 267 -43.40 0.24 -48.32
N PHE C 268 -43.17 -0.06 -47.05
CA PHE C 268 -44.23 -0.07 -46.07
C PHE C 268 -43.72 0.59 -44.79
N SER C 269 -44.66 0.87 -43.91
CA SER C 269 -44.32 1.51 -42.64
C SER C 269 -45.14 0.92 -41.51
N ILE C 270 -44.50 0.88 -40.34
CA ILE C 270 -45.11 0.43 -39.10
C ILE C 270 -44.92 1.59 -38.13
N VAL C 271 -45.98 2.31 -37.82
CA VAL C 271 -45.87 3.63 -37.19
C VAL C 271 -46.87 3.79 -36.06
N GLY C 272 -46.41 4.30 -34.92
CA GLY C 272 -47.35 4.76 -33.89
C GLY C 272 -48.08 3.67 -33.15
N ASN C 273 -47.59 2.44 -33.17
CA ASN C 273 -48.25 1.34 -32.52
C ASN C 273 -47.79 1.22 -31.07
N ARG C 274 -48.65 0.66 -30.26
CA ARG C 274 -48.37 0.35 -28.86
C ARG C 274 -48.61 -1.15 -28.68
N VAL C 275 -47.58 -1.87 -28.25
CA VAL C 275 -47.64 -3.32 -28.12
C VAL C 275 -47.18 -3.65 -26.71
N TYR C 276 -48.09 -4.16 -25.88
CA TYR C 276 -47.85 -4.34 -24.45
C TYR C 276 -48.04 -5.81 -24.07
N ASN C 277 -47.05 -6.38 -23.40
CA ASN C 277 -47.07 -7.75 -22.89
C ASN C 277 -47.19 -8.74 -24.06
N CYS C 278 -46.10 -8.82 -24.80
CA CYS C 278 -45.96 -9.63 -26.01
C CYS C 278 -44.52 -10.10 -26.04
N ARG C 279 -44.29 -11.34 -26.50
CA ARG C 279 -42.93 -11.84 -26.48
C ARG C 279 -42.04 -11.13 -27.51
N GLN C 280 -42.55 -10.92 -28.71
CA GLN C 280 -41.77 -10.29 -29.79
C GLN C 280 -42.70 -9.29 -30.46
N CYS C 281 -42.53 -8.00 -30.15
CA CYS C 281 -43.61 -7.05 -30.39
C CYS C 281 -43.72 -6.67 -31.86
N LEU C 282 -42.57 -6.42 -32.53
CA LEU C 282 -42.52 -6.07 -33.94
C LEU C 282 -41.48 -6.95 -34.63
N HIS C 283 -41.82 -7.45 -35.81
CA HIS C 283 -41.02 -8.46 -36.50
C HIS C 283 -41.06 -8.18 -38.01
N VAL C 284 -39.90 -8.08 -38.63
CA VAL C 284 -39.80 -8.04 -40.10
C VAL C 284 -38.72 -9.03 -40.53
N GLU C 285 -39.02 -9.83 -41.53
CA GLU C 285 -38.02 -10.64 -42.19
C GLU C 285 -38.15 -10.46 -43.69
N MET C 286 -37.02 -10.42 -44.38
CA MET C 286 -36.99 -10.19 -45.82
C MET C 286 -37.82 -8.96 -46.17
N GLY C 287 -37.53 -7.86 -45.46
CA GLY C 287 -38.12 -6.56 -45.77
C GLY C 287 -37.05 -5.62 -46.33
N LYS C 288 -37.48 -4.72 -47.20
CA LYS C 288 -36.56 -3.76 -47.81
C LYS C 288 -37.30 -2.44 -47.97
N ASN C 289 -36.61 -1.34 -47.69
CA ASN C 289 -37.16 0.00 -47.90
C ASN C 289 -38.43 0.19 -47.07
N PHE C 290 -38.25 0.10 -45.75
CA PHE C 290 -39.35 0.26 -44.84
C PHE C 290 -38.88 1.07 -43.63
N THR C 291 -39.87 1.55 -42.88
CA THR C 291 -39.66 2.39 -41.72
C THR C 291 -40.49 1.86 -40.55
N ILE C 292 -39.84 1.73 -39.39
CA ILE C 292 -40.48 1.39 -38.11
C ILE C 292 -40.34 2.62 -37.22
N ARG C 293 -41.42 3.38 -37.05
CA ARG C 293 -41.33 4.73 -36.50
C ARG C 293 -42.29 4.96 -35.35
N ASP C 294 -41.75 5.47 -34.23
CA ASP C 294 -42.52 5.95 -33.09
C ASP C 294 -43.48 4.89 -32.56
N ASN C 295 -42.89 3.77 -32.17
CA ASN C 295 -43.63 2.67 -31.56
C ASN C 295 -43.27 2.57 -30.08
N GLU C 296 -44.22 2.04 -29.31
CA GLU C 296 -44.09 1.86 -27.88
C GLU C 296 -44.30 0.38 -27.60
N VAL C 297 -43.29 -0.30 -27.03
CA VAL C 297 -43.31 -1.76 -26.91
C VAL C 297 -42.85 -2.20 -25.53
N TYR C 298 -43.50 -3.24 -24.99
CA TYR C 298 -43.20 -3.79 -23.67
C TYR C 298 -43.13 -5.32 -23.79
N PRO C 299 -41.97 -5.86 -24.12
CA PRO C 299 -41.87 -7.32 -24.31
C PRO C 299 -41.92 -8.04 -22.97
N ASN C 300 -42.16 -9.35 -23.03
CA ASN C 300 -42.23 -10.14 -21.80
C ASN C 300 -41.78 -11.57 -22.11
N THR C 301 -40.70 -11.98 -21.45
CA THR C 301 -40.20 -13.35 -21.60
C THR C 301 -41.19 -14.40 -21.08
N ALA C 302 -42.17 -13.98 -20.28
CA ALA C 302 -43.06 -14.93 -19.63
C ALA C 302 -44.23 -15.35 -20.51
N VAL C 303 -44.44 -14.74 -21.67
CA VAL C 303 -45.52 -15.11 -22.56
C VAL C 303 -44.95 -15.79 -23.81
N SER C 304 -45.83 -16.50 -24.51
CA SER C 304 -45.50 -17.33 -25.68
C SER C 304 -44.26 -18.18 -25.45
N THR C 305 -44.23 -18.84 -24.30
CA THR C 305 -43.16 -19.75 -24.00
C THR C 305 -43.25 -20.97 -24.93
N GLY C 306 -42.08 -21.42 -25.38
CA GLY C 306 -42.03 -22.63 -26.19
C GLY C 306 -42.40 -22.50 -27.64
N THR C 307 -42.51 -21.30 -28.19
CA THR C 307 -42.74 -21.20 -29.63
C THR C 307 -41.48 -20.79 -30.40
N GLY C 308 -40.35 -20.56 -29.72
CA GLY C 308 -39.10 -20.35 -30.41
C GLY C 308 -38.79 -18.91 -30.79
N LEU C 309 -39.57 -17.95 -30.28
CA LEU C 309 -39.33 -16.55 -30.58
C LEU C 309 -38.30 -15.96 -29.64
N THR C 310 -37.38 -15.18 -30.21
CA THR C 310 -36.50 -14.34 -29.41
C THR C 310 -37.29 -13.19 -28.79
N THR C 311 -37.24 -13.07 -27.45
CA THR C 311 -37.90 -11.96 -26.77
C THR C 311 -37.25 -10.63 -27.13
N CYS C 312 -38.08 -9.69 -27.59
CA CYS C 312 -37.60 -8.33 -27.84
C CYS C 312 -38.74 -7.45 -28.29
N GLY C 313 -38.46 -6.17 -28.48
CA GLY C 313 -39.44 -5.24 -29.00
C GLY C 313 -39.45 -5.14 -30.51
N VAL C 314 -38.27 -5.16 -31.11
CA VAL C 314 -38.10 -5.13 -32.56
C VAL C 314 -37.12 -6.23 -32.97
N ALA C 315 -37.56 -7.13 -33.85
CA ALA C 315 -36.73 -8.19 -34.39
C ALA C 315 -36.73 -8.09 -35.89
N LEU C 316 -35.55 -7.85 -36.47
CA LEU C 316 -35.43 -7.68 -37.93
C LEU C 316 -34.41 -8.69 -38.45
N TYR C 317 -34.82 -9.47 -39.46
CA TYR C 317 -34.00 -10.55 -40.01
C TYR C 317 -33.75 -10.34 -41.49
N GLY C 318 -32.49 -10.18 -41.85
CA GLY C 318 -32.10 -10.16 -43.27
C GLY C 318 -32.68 -9.02 -44.06
N CYS C 319 -32.93 -7.88 -43.41
CA CYS C 319 -33.52 -6.71 -44.04
C CYS C 319 -32.49 -5.75 -44.59
N GLN C 320 -32.92 -4.89 -45.52
CA GLN C 320 -32.01 -3.92 -46.12
C GLN C 320 -32.74 -2.59 -46.30
N ASP C 321 -31.96 -1.51 -46.32
CA ASP C 321 -32.48 -0.20 -46.71
C ASP C 321 -33.65 0.21 -45.81
N PHE C 322 -33.42 0.19 -44.50
CA PHE C 322 -34.49 0.41 -43.57
C PHE C 322 -34.07 1.36 -42.45
N GLU C 323 -35.07 1.87 -41.77
CA GLU C 323 -34.86 2.73 -40.61
C GLU C 323 -35.78 2.31 -39.45
N VAL C 324 -35.21 2.29 -38.25
CA VAL C 324 -35.94 2.21 -36.99
C VAL C 324 -35.73 3.57 -36.31
N ASP C 325 -36.80 4.31 -36.11
CA ASP C 325 -36.72 5.70 -35.64
C ASP C 325 -37.79 5.91 -34.59
N GLY C 326 -37.39 5.99 -33.32
CA GLY C 326 -38.36 6.31 -32.29
C GLY C 326 -38.97 5.08 -31.65
N LEU C 327 -38.40 4.68 -30.52
CA LEU C 327 -38.84 3.49 -29.80
C LEU C 327 -38.79 3.82 -28.32
N THR C 328 -39.83 3.46 -27.59
CA THR C 328 -39.86 3.57 -26.15
C THR C 328 -40.48 2.31 -25.55
N GLY C 329 -40.27 2.14 -24.27
CA GLY C 329 -40.81 1.01 -23.55
C GLY C 329 -39.72 0.31 -22.74
N TYR C 330 -40.08 -0.82 -22.13
CA TYR C 330 -39.15 -1.65 -21.37
C TYR C 330 -39.77 -3.05 -21.22
N LEU C 331 -38.95 -4.01 -20.80
CA LEU C 331 -39.43 -5.37 -20.65
C LEU C 331 -40.13 -5.55 -19.29
N LEU C 332 -41.15 -6.39 -19.29
CA LEU C 332 -41.96 -6.59 -18.10
C LEU C 332 -41.35 -7.62 -17.15
N ASN C 333 -40.51 -8.50 -17.64
CA ASN C 333 -39.88 -9.54 -16.84
C ASN C 333 -38.67 -8.96 -16.09
N ASP C 334 -38.14 -9.76 -15.18
CA ASP C 334 -36.99 -9.31 -14.42
C ASP C 334 -35.77 -9.21 -15.33
N PRO C 335 -34.89 -8.24 -15.12
CA PRO C 335 -33.73 -8.11 -16.02
C PRO C 335 -32.79 -9.31 -15.97
N SER C 336 -32.83 -10.10 -14.90
CA SER C 336 -32.00 -11.30 -14.86
C SER C 336 -32.37 -12.28 -15.95
N VAL C 337 -33.60 -12.23 -16.46
CA VAL C 337 -34.01 -13.15 -17.53
C VAL C 337 -33.59 -12.61 -18.89
N SER C 338 -33.93 -11.35 -19.17
CA SER C 338 -33.54 -10.73 -20.43
C SER C 338 -33.76 -9.22 -20.32
N THR C 339 -32.92 -8.45 -21.01
CA THR C 339 -33.20 -7.04 -21.23
C THR C 339 -33.25 -6.71 -22.73
N ARG C 340 -33.38 -7.73 -23.58
CA ARG C 340 -33.26 -7.54 -25.02
C ARG C 340 -34.45 -6.77 -25.58
N MET C 341 -34.16 -5.63 -26.24
CA MET C 341 -35.22 -4.79 -26.82
C MET C 341 -35.14 -4.70 -28.34
N VAL C 342 -33.95 -4.54 -28.91
CA VAL C 342 -33.77 -4.45 -30.35
C VAL C 342 -32.84 -5.57 -30.77
N PHE C 343 -33.28 -6.35 -31.74
CA PHE C 343 -32.54 -7.51 -32.23
C PHE C 343 -32.51 -7.47 -33.75
N ILE C 344 -31.36 -7.13 -34.31
CA ILE C 344 -31.20 -6.99 -35.76
C ILE C 344 -30.17 -8.01 -36.18
N ASP C 345 -30.56 -8.95 -37.03
CA ASP C 345 -29.78 -10.16 -37.24
C ASP C 345 -29.79 -10.54 -38.71
N TRP C 346 -28.86 -11.40 -39.05
CA TRP C 346 -28.91 -12.05 -40.34
C TRP C 346 -30.13 -12.96 -40.40
N GLY C 347 -30.51 -13.30 -41.62
CA GLY C 347 -31.46 -14.39 -41.78
C GLY C 347 -30.75 -15.73 -41.69
N VAL C 348 -31.51 -16.79 -41.99
CA VAL C 348 -31.02 -18.17 -41.97
C VAL C 348 -31.57 -18.89 -43.19
N ASN C 349 -30.69 -19.51 -43.96
CA ASN C 349 -31.05 -20.47 -44.99
C ASN C 349 -30.48 -21.84 -44.62
N ASN C 350 -31.33 -22.85 -44.56
CA ASN C 350 -30.85 -24.23 -44.38
C ASN C 350 -29.90 -24.33 -43.17
N GLY C 351 -30.28 -23.70 -42.06
CA GLY C 351 -29.54 -23.84 -40.82
C GLY C 351 -28.22 -23.11 -40.76
N ARG C 352 -27.98 -22.17 -41.66
CA ARG C 352 -26.76 -21.37 -41.70
C ARG C 352 -27.15 -19.91 -41.92
N TYR C 353 -26.47 -19.01 -41.23
CA TYR C 353 -26.79 -17.58 -41.37
C TYR C 353 -26.53 -17.14 -42.80
N ALA C 354 -27.38 -16.23 -43.27
CA ALA C 354 -27.34 -15.69 -44.63
C ALA C 354 -28.11 -14.39 -44.66
N GLY C 355 -27.67 -13.47 -45.52
CA GLY C 355 -28.34 -12.17 -45.63
C GLY C 355 -28.12 -11.27 -44.42
N PRO C 356 -26.93 -10.70 -44.30
CA PRO C 356 -26.72 -9.69 -43.27
C PRO C 356 -27.63 -8.51 -43.49
N PRO C 357 -28.09 -7.86 -42.43
CA PRO C 357 -28.74 -6.56 -42.60
C PRO C 357 -27.72 -5.55 -43.08
N ILE C 358 -28.10 -4.77 -44.10
CA ILE C 358 -27.21 -3.74 -44.63
C ILE C 358 -28.00 -2.48 -44.94
N ASN C 359 -27.27 -1.36 -44.96
CA ASN C 359 -27.80 -0.04 -45.33
C ASN C 359 -29.02 0.32 -44.48
N PHE C 360 -28.73 0.61 -43.22
CA PHE C 360 -29.79 0.88 -42.25
C PHE C 360 -29.38 1.96 -41.27
N THR C 361 -30.41 2.55 -40.69
CA THR C 361 -30.31 3.64 -39.73
C THR C 361 -31.16 3.30 -38.53
N ILE C 362 -30.54 3.36 -37.35
CA ILE C 362 -31.18 3.08 -36.07
C ILE C 362 -31.08 4.35 -35.23
N LYS C 363 -32.21 4.95 -34.89
CA LYS C 363 -32.16 6.24 -34.20
C LYS C 363 -33.31 6.44 -33.24
N ASN C 364 -33.06 7.32 -32.27
CA ASN C 364 -34.08 7.78 -31.33
C ASN C 364 -34.73 6.64 -30.56
N LEU C 365 -33.89 5.84 -29.91
CA LEU C 365 -34.35 4.76 -29.05
C LEU C 365 -34.17 5.22 -27.60
N ASP C 366 -35.25 5.40 -26.88
CA ASP C 366 -35.19 5.85 -25.46
CA ASP C 366 -35.22 5.84 -25.49
C ASP C 366 -35.62 4.65 -24.63
N ILE C 367 -34.63 3.79 -24.33
CA ILE C 367 -34.87 2.48 -23.73
C ILE C 367 -33.75 2.21 -22.73
N PRO C 368 -33.59 3.07 -21.72
CA PRO C 368 -32.36 3.02 -20.91
C PRO C 368 -32.18 1.69 -20.20
N GLU C 369 -33.27 1.01 -19.81
CA GLU C 369 -33.19 -0.27 -19.10
C GLU C 369 -32.87 -1.45 -20.01
N SER C 370 -32.97 -1.28 -21.32
CA SER C 370 -33.04 -2.38 -22.26
C SER C 370 -31.93 -2.32 -23.31
N SER C 371 -31.68 -3.47 -23.94
CA SER C 371 -30.45 -3.67 -24.68
C SER C 371 -30.68 -3.81 -26.19
N ILE C 372 -29.60 -3.56 -26.91
CA ILE C 372 -29.56 -3.60 -28.39
C ILE C 372 -28.54 -4.66 -28.81
N GLU C 373 -28.95 -5.54 -29.76
CA GLU C 373 -28.07 -6.54 -30.32
C GLU C 373 -28.17 -6.43 -31.84
N ILE C 374 -27.06 -6.10 -32.48
CA ILE C 374 -26.98 -5.94 -33.95
C ILE C 374 -25.86 -6.82 -34.47
N ALA C 375 -26.15 -7.58 -35.54
CA ALA C 375 -25.13 -8.33 -36.26
C ALA C 375 -25.24 -8.00 -37.74
N THR C 376 -24.14 -7.50 -38.29
CA THR C 376 -24.11 -7.08 -39.69
C THR C 376 -22.83 -7.61 -40.32
N SER C 377 -22.31 -6.96 -41.35
CA SER C 377 -21.15 -7.44 -42.08
C SER C 377 -20.65 -6.33 -43.02
N GLY C 378 -19.55 -6.62 -43.72
CA GLY C 378 -19.03 -5.71 -44.74
C GLY C 378 -18.13 -6.47 -45.67
N SER C 379 -18.09 -6.04 -46.93
CA SER C 379 -17.30 -6.74 -47.93
C SER C 379 -16.83 -5.76 -48.99
N ASP C 380 -15.96 -6.25 -49.89
CA ASP C 380 -15.60 -5.49 -51.08
C ASP C 380 -16.65 -5.61 -52.19
N ALA C 381 -17.54 -6.61 -52.12
CA ALA C 381 -18.46 -6.88 -53.21
C ALA C 381 -19.70 -6.00 -53.19
N TRP C 382 -19.96 -5.31 -52.09
CA TRP C 382 -21.17 -4.51 -51.93
C TRP C 382 -20.91 -3.54 -50.79
N GLU C 383 -21.55 -2.37 -50.90
CA GLU C 383 -21.47 -1.38 -49.85
C GLU C 383 -22.46 -1.68 -48.74
N ASN C 384 -22.08 -1.29 -47.52
CA ASN C 384 -22.97 -1.35 -46.37
C ASN C 384 -22.67 -0.13 -45.52
N SER C 385 -23.59 0.81 -45.51
CA SER C 385 -23.48 2.01 -44.67
C SER C 385 -24.50 1.95 -43.55
N THR C 386 -24.03 2.05 -42.32
CA THR C 386 -24.89 2.00 -41.15
C THR C 386 -24.72 3.26 -40.33
N ILE C 387 -25.83 3.68 -39.72
CA ILE C 387 -25.92 4.86 -38.86
C ILE C 387 -26.68 4.48 -37.62
N VAL C 388 -26.10 4.75 -36.44
CA VAL C 388 -26.77 4.55 -35.16
C VAL C 388 -26.64 5.86 -34.39
N SER C 389 -27.78 6.43 -34.00
CA SER C 389 -27.76 7.80 -33.50
C SER C 389 -28.83 8.02 -32.44
N ASN C 390 -28.48 8.78 -31.42
CA ASN C 390 -29.46 9.29 -30.44
C ASN C 390 -30.14 8.13 -29.70
N ILE C 391 -29.31 7.41 -28.96
CA ILE C 391 -29.70 6.16 -28.33
C ILE C 391 -29.52 6.31 -26.82
N ASN C 392 -30.46 5.76 -26.05
CA ASN C 392 -30.39 5.70 -24.58
C ASN C 392 -30.73 4.25 -24.20
N CYS C 393 -29.72 3.45 -23.90
CA CYS C 393 -29.92 2.01 -23.76
C CYS C 393 -29.04 1.43 -22.64
N ASN C 394 -29.17 0.12 -22.44
CA ASN C 394 -28.42 -0.63 -21.44
C ASN C 394 -27.21 -1.24 -22.13
N VAL C 395 -27.25 -2.53 -22.54
CA VAL C 395 -26.13 -3.07 -23.29
C VAL C 395 -26.23 -2.70 -24.76
N PHE C 396 -25.11 -2.24 -25.34
CA PHE C 396 -25.01 -2.01 -26.77
C PHE C 396 -24.09 -3.09 -27.32
N LYS C 397 -24.66 -4.11 -27.96
CA LYS C 397 -23.91 -5.24 -28.49
C LYS C 397 -23.96 -5.20 -30.02
N TRP C 398 -22.78 -5.27 -30.64
CA TRP C 398 -22.62 -5.10 -32.07
C TRP C 398 -21.60 -6.07 -32.59
N ARG C 399 -21.91 -6.66 -33.75
CA ARG C 399 -21.00 -7.49 -34.50
C ARG C 399 -21.04 -7.06 -35.95
N GLY C 400 -19.89 -6.91 -36.58
CA GLY C 400 -19.79 -6.67 -37.99
C GLY C 400 -19.05 -5.39 -38.35
N LEU C 401 -18.45 -5.35 -39.53
CA LEU C 401 -17.65 -4.19 -39.93
C LEU C 401 -18.13 -3.72 -41.31
N PRO C 402 -19.11 -2.81 -41.33
CA PRO C 402 -19.60 -2.23 -42.60
C PRO C 402 -18.52 -1.45 -43.33
N SER C 403 -18.79 -1.15 -44.61
CA SER C 403 -17.88 -0.28 -45.31
C SER C 403 -17.83 1.12 -44.68
N SER C 404 -18.94 1.58 -44.10
CA SER C 404 -18.95 2.79 -43.30
CA SER C 404 -18.97 2.81 -43.32
C SER C 404 -19.97 2.62 -42.19
N SER C 405 -19.58 2.98 -40.95
CA SER C 405 -20.48 2.90 -39.82
C SER C 405 -20.28 4.12 -38.93
N THR C 406 -21.38 4.76 -38.57
CA THR C 406 -21.32 5.90 -37.67
C THR C 406 -22.14 5.63 -36.41
N PHE C 407 -21.62 6.14 -35.31
CA PHE C 407 -22.18 5.94 -33.97
C PHE C 407 -22.18 7.33 -33.32
N ASN C 408 -23.36 7.87 -33.04
CA ASN C 408 -23.49 9.27 -32.61
C ASN C 408 -24.44 9.40 -31.44
N ASN C 409 -23.98 10.01 -30.35
CA ASN C 409 -24.84 10.32 -29.21
C ASN C 409 -25.54 9.06 -28.71
N ILE C 410 -24.75 8.03 -28.47
CA ILE C 410 -25.21 6.77 -27.87
C ILE C 410 -24.84 6.83 -26.39
N ARG C 411 -25.86 6.85 -25.54
CA ARG C 411 -25.70 6.71 -24.10
C ARG C 411 -26.05 5.27 -23.77
N CYS C 412 -25.10 4.53 -23.21
CA CYS C 412 -25.33 3.12 -22.88
C CYS C 412 -24.64 2.79 -21.56
N ARG C 413 -24.92 1.60 -21.05
CA ARG C 413 -24.31 1.16 -19.80
C ARG C 413 -23.13 0.22 -20.00
N SER C 414 -23.02 -0.41 -21.16
CA SER C 414 -21.84 -1.18 -21.50
C SER C 414 -21.83 -1.34 -23.02
N ILE C 415 -20.63 -1.58 -23.56
CA ILE C 415 -20.44 -1.81 -25.00
C ILE C 415 -19.77 -3.17 -25.18
N ASP C 416 -20.33 -3.99 -26.06
CA ASP C 416 -19.83 -5.31 -26.38
C ASP C 416 -19.70 -5.36 -27.90
N PHE C 417 -18.51 -5.02 -28.42
CA PHE C 417 -18.35 -4.68 -29.85
C PHE C 417 -17.20 -5.47 -30.47
N ILE C 418 -17.50 -6.16 -31.56
CA ILE C 418 -16.47 -6.76 -32.40
C ILE C 418 -16.77 -6.36 -33.82
N GLY C 419 -15.78 -5.78 -34.49
CA GLY C 419 -15.98 -5.32 -35.85
C GLY C 419 -16.02 -6.47 -36.84
N GLN C 420 -14.86 -6.87 -37.36
CA GLN C 420 -14.79 -7.99 -38.30
C GLN C 420 -14.81 -9.31 -37.51
N HIS C 421 -15.97 -9.61 -36.96
CA HIS C 421 -16.09 -10.77 -36.09
C HIS C 421 -15.87 -12.06 -36.86
N GLY C 422 -15.21 -13.00 -36.21
CA GLY C 422 -14.89 -14.27 -36.83
C GLY C 422 -15.83 -15.38 -36.40
N SER C 423 -15.48 -16.60 -36.82
CA SER C 423 -16.24 -17.77 -36.44
C SER C 423 -16.28 -17.88 -34.91
N GLY C 424 -17.46 -18.13 -34.39
CA GLY C 424 -17.64 -18.20 -32.95
C GLY C 424 -17.87 -16.86 -32.27
N GLU C 425 -17.87 -15.76 -33.01
CA GLU C 425 -18.10 -14.42 -32.45
C GLU C 425 -19.40 -13.78 -32.93
N GLY C 426 -20.34 -14.56 -33.44
CA GLY C 426 -21.66 -14.05 -33.76
C GLY C 426 -22.08 -14.43 -35.17
N SER C 427 -23.28 -13.97 -35.54
CA SER C 427 -23.95 -14.42 -36.75
C SER C 427 -23.12 -14.08 -37.98
N GLY C 428 -22.81 -15.08 -38.79
CA GLY C 428 -22.07 -14.79 -40.00
C GLY C 428 -20.62 -14.43 -39.76
N GLY C 429 -20.10 -14.74 -38.58
CA GLY C 429 -18.70 -14.44 -38.33
C GLY C 429 -17.80 -15.15 -39.31
N GLY C 430 -16.80 -14.40 -39.82
CA GLY C 430 -15.87 -14.95 -40.79
C GLY C 430 -16.38 -14.99 -42.21
N PHE C 431 -17.64 -14.64 -42.46
CA PHE C 431 -18.19 -14.92 -43.79
C PHE C 431 -17.69 -13.91 -44.83
N TYR C 432 -17.53 -12.65 -44.45
CA TYR C 432 -17.12 -11.59 -45.38
C TYR C 432 -16.04 -10.72 -44.77
N THR C 433 -15.19 -10.16 -45.63
CA THR C 433 -14.20 -9.16 -45.22
C THR C 433 -14.13 -8.10 -46.30
N ARG C 434 -13.56 -6.97 -45.92
CA ARG C 434 -13.45 -5.81 -46.81
C ARG C 434 -12.02 -5.26 -46.77
N SER C 435 -11.29 -5.39 -47.87
CA SER C 435 -9.94 -4.84 -47.92
CA SER C 435 -9.93 -4.84 -47.94
C SER C 435 -9.91 -3.39 -48.40
N GLN C 436 -10.94 -2.93 -49.10
CA GLN C 436 -11.00 -1.55 -49.54
C GLN C 436 -11.33 -0.63 -48.36
N PHE C 437 -11.42 0.65 -48.67
CA PHE C 437 -11.56 1.68 -47.64
C PHE C 437 -12.73 1.39 -46.72
N THR C 438 -12.42 1.36 -45.41
CA THR C 438 -13.39 1.02 -44.38
C THR C 438 -13.37 2.15 -43.35
N TYR C 439 -14.53 2.74 -43.09
CA TYR C 439 -14.64 3.94 -42.29
C TYR C 439 -15.53 3.69 -41.07
N MET C 440 -15.17 4.32 -39.95
CA MET C 440 -16.00 4.31 -38.76
C MET C 440 -15.91 5.66 -38.05
N LYS C 441 -16.98 6.02 -37.37
CA LYS C 441 -17.04 7.27 -36.61
C LYS C 441 -17.77 7.03 -35.30
N TRP C 442 -17.18 7.53 -34.19
CA TRP C 442 -17.82 7.53 -32.88
C TRP C 442 -17.78 8.96 -32.36
N VAL C 443 -18.95 9.58 -32.18
CA VAL C 443 -19.05 10.98 -31.75
C VAL C 443 -20.01 11.08 -30.59
N GLY C 444 -19.54 11.64 -29.47
CA GLY C 444 -20.45 12.04 -28.39
C GLY C 444 -21.15 10.90 -27.68
N CYS C 445 -20.50 9.76 -27.56
CA CYS C 445 -21.08 8.60 -26.92
C CYS C 445 -20.60 8.44 -25.50
N THR C 446 -21.40 7.72 -24.71
CA THR C 446 -21.17 7.56 -23.28
C THR C 446 -21.48 6.12 -22.90
N ALA C 447 -20.49 5.41 -22.40
CA ALA C 447 -20.69 4.13 -21.75
C ALA C 447 -20.46 4.33 -20.24
N LEU C 448 -21.51 4.20 -19.45
CA LEU C 448 -21.39 4.52 -18.03
C LEU C 448 -22.49 3.79 -17.28
N SER C 449 -22.09 3.06 -16.24
N SER C 449 -22.09 3.00 -16.29
CA SER C 449 -23.02 2.43 -15.31
CA SER C 449 -23.04 2.34 -15.41
C SER C 449 -22.36 2.35 -13.94
C SER C 449 -22.76 2.80 -13.98
N GLY C 450 -23.02 2.89 -12.93
N GLY C 450 -23.15 4.05 -13.68
CA GLY C 450 -22.54 2.82 -11.56
CA GLY C 450 -22.91 4.61 -12.37
C GLY C 450 -21.06 3.11 -11.44
C GLY C 450 -21.47 5.04 -12.17
N ASP C 451 -20.42 2.43 -10.49
N ASP C 451 -20.58 4.08 -11.95
CA ASP C 451 -18.99 2.62 -10.24
CA ASP C 451 -19.20 4.38 -11.60
C ASP C 451 -18.11 1.71 -11.08
C ASP C 451 -18.18 3.89 -12.63
N GLU C 452 -18.70 0.85 -11.91
N GLU C 452 -18.56 2.95 -13.48
CA GLU C 452 -17.92 0.00 -12.80
CA GLU C 452 -17.63 2.18 -14.27
C GLU C 452 -18.68 -0.17 -14.11
C GLU C 452 -17.92 2.45 -15.73
N THR C 453 -18.00 0.12 -15.22
N THR C 453 -16.84 2.63 -16.50
CA THR C 453 -18.60 0.07 -16.56
CA THR C 453 -16.90 2.69 -17.96
C THR C 453 -17.67 -0.74 -17.47
C THR C 453 -16.49 1.31 -18.47
N THR C 454 -18.28 -1.58 -18.30
N THR C 454 -17.46 0.54 -18.97
CA THR C 454 -17.53 -2.50 -19.17
CA THR C 454 -17.26 -0.85 -19.37
C THR C 454 -17.67 -2.07 -20.63
C THR C 454 -17.49 -0.96 -20.87
N VAL C 455 -16.55 -1.82 -21.27
N VAL C 455 -16.40 -0.93 -21.65
CA VAL C 455 -16.50 -1.49 -22.69
CA VAL C 455 -16.46 -1.15 -23.09
C VAL C 455 -15.45 -2.38 -23.33
C VAL C 455 -15.43 -2.19 -23.47
N SER C 456 -15.80 -3.03 -24.44
CA SER C 456 -14.90 -3.95 -25.09
C SER C 456 -15.07 -3.74 -26.59
N PHE C 457 -13.98 -3.46 -27.27
CA PHE C 457 -13.92 -3.29 -28.71
C PHE C 457 -12.83 -4.19 -29.25
N ALA C 458 -13.04 -4.80 -30.41
CA ALA C 458 -11.99 -5.56 -31.06
C ALA C 458 -12.25 -5.65 -32.55
N LYS C 459 -11.17 -5.90 -33.29
CA LYS C 459 -11.21 -6.20 -34.72
C LYS C 459 -11.85 -5.07 -35.54
N ILE C 460 -11.55 -3.83 -35.18
CA ILE C 460 -11.99 -2.68 -36.00
C ILE C 460 -10.88 -2.40 -36.99
N TYR C 461 -10.94 -3.05 -38.15
CA TYR C 461 -9.92 -2.94 -39.19
C TYR C 461 -10.29 -1.81 -40.16
N THR C 462 -10.15 -0.59 -39.65
CA THR C 462 -10.52 0.61 -40.40
C THR C 462 -9.31 1.30 -41.00
N ASP C 463 -9.53 1.89 -42.17
CA ASP C 463 -8.56 2.80 -42.76
C ASP C 463 -8.58 4.16 -42.09
N ARG C 464 -9.75 4.58 -41.66
CA ARG C 464 -9.93 5.84 -40.96
C ARG C 464 -11.04 5.69 -39.94
N CYS C 465 -10.81 6.25 -38.77
CA CYS C 465 -11.79 6.20 -37.69
C CYS C 465 -11.72 7.54 -36.97
N ASP C 466 -12.80 8.32 -37.07
CA ASP C 466 -12.87 9.59 -36.38
C ASP C 466 -13.59 9.35 -35.07
N GLN C 467 -13.04 9.86 -33.98
CA GLN C 467 -13.67 9.63 -32.69
C GLN C 467 -13.42 10.86 -31.81
N VAL C 468 -14.50 11.47 -31.35
CA VAL C 468 -14.39 12.66 -30.51
C VAL C 468 -15.57 12.69 -29.56
N GLY C 469 -15.37 13.33 -28.38
CA GLY C 469 -16.47 13.56 -27.47
C GLY C 469 -16.99 12.34 -26.72
N ASN C 470 -16.31 11.21 -26.77
CA ASN C 470 -16.72 10.01 -26.05
C ASN C 470 -16.02 9.94 -24.68
N ASN C 471 -16.60 9.17 -23.75
CA ASN C 471 -15.90 8.96 -22.48
C ASN C 471 -15.06 7.68 -22.49
N PHE C 472 -14.66 7.22 -23.67
CA PHE C 472 -13.85 6.04 -23.86
C PHE C 472 -13.06 6.23 -25.15
N GLY C 473 -11.98 5.48 -25.29
CA GLY C 473 -11.25 5.41 -26.54
C GLY C 473 -11.71 4.19 -27.31
N VAL C 474 -11.74 4.30 -28.63
CA VAL C 474 -12.06 3.17 -29.49
C VAL C 474 -10.76 2.67 -30.12
N PRO C 475 -10.27 1.50 -29.75
CA PRO C 475 -9.06 0.99 -30.40
C PRO C 475 -9.38 0.50 -31.81
N THR C 476 -8.48 0.77 -32.73
CA THR C 476 -8.58 0.19 -34.05
C THR C 476 -7.37 -0.70 -34.28
N ALA C 477 -7.47 -1.57 -35.28
CA ALA C 477 -6.47 -2.60 -35.47
C ALA C 477 -6.13 -2.71 -36.94
N VAL C 478 -5.02 -3.39 -37.21
CA VAL C 478 -4.49 -3.58 -38.57
C VAL C 478 -4.53 -5.07 -38.90
N ASP C 479 -5.19 -5.40 -39.99
CA ASP C 479 -5.33 -6.79 -40.45
C ASP C 479 -4.22 -7.14 -41.44
N GLY C 480 -3.00 -7.16 -40.94
CA GLY C 480 -1.85 -7.45 -41.78
C GLY C 480 -1.01 -6.21 -42.01
N THR C 481 0.31 -6.34 -41.86
CA THR C 481 1.19 -5.20 -41.96
C THR C 481 0.97 -4.42 -43.24
N GLY C 482 0.72 -3.12 -43.09
CA GLY C 482 0.54 -2.22 -44.21
C GLY C 482 -0.87 -2.11 -44.71
N HIS C 483 -1.76 -3.03 -44.34
CA HIS C 483 -3.07 -3.13 -44.98
C HIS C 483 -4.02 -1.96 -44.69
N ARG C 484 -3.70 -1.07 -43.74
CA ARG C 484 -4.54 0.10 -43.50
C ARG C 484 -3.74 1.40 -43.51
N GLY C 485 -2.61 1.41 -44.21
CA GLY C 485 -1.78 2.60 -44.33
C GLY C 485 -0.81 2.74 -43.16
N PRO C 486 -0.25 3.93 -42.95
CA PRO C 486 0.66 4.08 -41.80
C PRO C 486 -0.11 3.90 -40.49
N VAL C 487 0.58 3.37 -39.47
CA VAL C 487 -0.04 3.08 -38.18
C VAL C 487 -0.06 4.37 -37.37
N LEU C 488 -1.24 4.77 -36.98
CA LEU C 488 -1.46 6.03 -36.27
C LEU C 488 -2.39 5.79 -35.10
N THR C 489 -2.16 6.52 -34.00
CA THR C 489 -3.06 6.53 -32.86
C THR C 489 -3.73 7.88 -32.79
N THR C 490 -5.06 7.89 -32.86
CA THR C 490 -5.82 9.10 -32.67
C THR C 490 -5.64 9.58 -31.23
N ILE C 491 -5.35 10.86 -31.07
CA ILE C 491 -5.19 11.44 -29.74
C ILE C 491 -6.55 12.00 -29.35
N SER C 492 -7.24 11.30 -28.45
CA SER C 492 -8.58 11.71 -28.04
C SER C 492 -8.58 12.59 -26.79
N GLU C 493 -7.49 12.61 -26.01
CA GLU C 493 -7.43 13.43 -24.79
C GLU C 493 -6.16 14.27 -24.79
N GLN C 494 -6.32 15.58 -24.61
CA GLN C 494 -5.21 16.48 -24.32
C GLN C 494 -5.63 17.43 -23.20
N TYR C 495 -4.71 17.66 -22.27
CA TYR C 495 -4.98 18.42 -21.05
C TYR C 495 -3.87 19.41 -20.82
N PHE C 496 -4.21 20.48 -20.14
CA PHE C 496 -3.28 21.47 -19.62
C PHE C 496 -3.19 21.35 -18.11
N THR C 497 -1.98 21.46 -17.57
CA THR C 497 -1.79 21.47 -16.11
C THR C 497 -0.94 22.67 -15.72
N ALA C 498 -1.32 23.34 -14.63
CA ALA C 498 -0.51 24.42 -14.12
C ALA C 498 0.82 23.93 -13.55
N TYR C 499 0.93 22.64 -13.27
CA TYR C 499 2.05 22.02 -12.58
C TYR C 499 2.79 21.10 -13.52
N ASP C 500 4.00 20.69 -13.09
CA ASP C 500 4.88 19.87 -13.90
C ASP C 500 4.70 18.37 -13.68
N GLU C 501 4.35 17.95 -12.47
CA GLU C 501 4.35 16.54 -12.17
C GLU C 501 3.23 15.85 -12.97
N PHE C 502 3.49 14.62 -13.38
CA PHE C 502 2.48 13.90 -14.13
C PHE C 502 1.24 13.70 -13.26
N PRO C 503 0.03 13.93 -13.80
CA PRO C 503 -1.19 13.78 -12.97
C PRO C 503 -1.43 12.33 -12.60
N GLY C 504 -1.58 12.05 -11.31
CA GLY C 504 -1.65 10.69 -10.84
C GLY C 504 -3.06 10.15 -10.73
N GLY C 505 -3.15 8.81 -10.67
CA GLY C 505 -4.40 8.17 -10.26
C GLY C 505 -5.51 8.18 -11.28
N ARG C 506 -5.19 8.51 -12.53
CA ARG C 506 -6.20 8.65 -13.58
C ARG C 506 -5.70 7.97 -14.84
N GLU C 507 -6.60 7.19 -15.45
CA GLU C 507 -6.25 6.44 -16.65
C GLU C 507 -6.32 7.35 -17.88
N PHE C 508 -5.25 7.34 -18.66
CA PHE C 508 -5.11 8.09 -19.90
C PHE C 508 -4.83 7.14 -21.05
N PRO C 509 -5.48 7.30 -22.20
CA PRO C 509 -5.17 6.44 -23.34
C PRO C 509 -3.77 6.70 -23.89
N THR C 510 -3.23 5.68 -24.57
CA THR C 510 -2.01 5.83 -25.35
C THR C 510 -2.17 7.02 -26.30
N GLY C 511 -1.17 7.90 -26.29
CA GLY C 511 -1.17 9.08 -27.13
C GLY C 511 -1.56 10.35 -26.44
N THR C 512 -2.12 10.25 -25.22
CA THR C 512 -2.54 11.42 -24.47
C THR C 512 -1.38 12.39 -24.29
N VAL C 513 -1.65 13.68 -24.47
CA VAL C 513 -0.64 14.71 -24.30
C VAL C 513 -1.06 15.62 -23.16
N ILE C 514 -0.12 15.92 -22.27
CA ILE C 514 -0.31 16.87 -21.18
C ILE C 514 0.61 18.04 -21.45
N HIS C 515 0.06 19.25 -21.53
CA HIS C 515 0.84 20.48 -21.71
C HIS C 515 0.96 21.20 -20.39
N CYS C 516 2.18 21.43 -19.93
CA CYS C 516 2.42 22.08 -18.65
C CYS C 516 2.57 23.60 -18.84
N ALA C 517 2.15 24.35 -17.83
CA ALA C 517 2.27 25.81 -17.88
C ALA C 517 3.71 26.24 -18.06
N SER C 518 4.67 25.44 -17.57
CA SER C 518 6.08 25.72 -17.74
C SER C 518 6.57 25.53 -19.18
N GLY C 519 5.76 24.96 -20.06
CA GLY C 519 6.22 24.55 -21.37
C GLY C 519 6.67 23.11 -21.46
N LYS C 520 6.84 22.41 -20.33
CA LYS C 520 7.08 20.99 -20.39
C LYS C 520 5.87 20.29 -21.00
N LYS C 521 6.08 19.08 -21.50
CA LYS C 521 5.01 18.28 -22.08
C LYS C 521 5.23 16.82 -21.71
N HIS C 522 4.14 16.13 -21.41
CA HIS C 522 4.13 14.68 -21.21
C HIS C 522 3.38 14.05 -22.36
N VAL C 523 3.94 12.97 -22.92
CA VAL C 523 3.25 12.17 -23.91
C VAL C 523 3.11 10.76 -23.38
N VAL C 524 1.88 10.27 -23.31
CA VAL C 524 1.63 8.91 -22.81
C VAL C 524 1.94 7.92 -23.91
N THR C 525 2.95 7.07 -23.69
CA THR C 525 3.35 6.09 -24.68
C THR C 525 2.77 4.71 -24.44
N VAL C 526 2.35 4.41 -23.21
CA VAL C 526 1.56 3.23 -22.89
C VAL C 526 0.42 3.70 -22.00
N GLY C 527 -0.81 3.58 -22.48
CA GLY C 527 -1.94 4.09 -21.75
C GLY C 527 -2.11 3.38 -20.42
N GLY C 528 -2.59 4.13 -19.43
CA GLY C 528 -2.73 3.62 -18.10
C GLY C 528 -2.80 4.77 -17.11
N ALA C 529 -2.63 4.43 -15.83
CA ALA C 529 -2.63 5.41 -14.76
C ALA C 529 -1.32 5.33 -13.97
N PHE C 530 -0.95 6.45 -13.35
CA PHE C 530 0.24 6.52 -12.52
C PHE C 530 -0.10 6.30 -11.05
N PHE C 531 0.59 5.33 -10.45
CA PHE C 531 0.62 5.13 -9.01
C PHE C 531 2.08 4.98 -8.61
N SER C 532 2.53 5.78 -7.65
CA SER C 532 3.92 5.74 -7.21
C SER C 532 4.28 4.38 -6.62
N ASP C 533 5.52 3.96 -6.86
CA ASP C 533 6.07 2.79 -6.20
C ASP C 533 6.04 2.92 -4.69
N ASN C 534 5.99 4.15 -4.18
CA ASN C 534 6.03 4.38 -2.74
C ASN C 534 4.66 4.36 -2.09
N GLU C 535 3.61 3.99 -2.82
CA GLU C 535 2.27 3.89 -2.23
C GLU C 535 2.30 2.88 -1.10
N LYS C 536 1.70 3.26 0.03
CA LYS C 536 1.51 2.39 1.18
C LYS C 536 0.15 2.69 1.77
N ILE C 537 -0.65 1.66 2.03
CA ILE C 537 -1.96 1.85 2.63
C ILE C 537 -1.98 1.26 4.03
N LYS C 538 -2.98 1.67 4.79
CA LYS C 538 -3.25 1.08 6.09
C LYS C 538 -3.71 -0.36 5.95
N ALA C 539 -3.49 -1.15 6.99
CA ALA C 539 -3.97 -2.53 6.99
C ALA C 539 -5.49 -2.56 6.81
N THR C 540 -5.96 -3.58 6.09
CA THR C 540 -7.38 -3.73 5.81
C THR C 540 -7.91 -4.98 6.49
N VAL C 541 -9.24 -5.02 6.63
CA VAL C 541 -9.95 -6.19 7.13
C VAL C 541 -10.99 -6.59 6.10
N THR C 542 -11.51 -7.80 6.25
CA THR C 542 -12.43 -8.35 5.26
C THR C 542 -13.72 -7.53 5.24
N GLY C 543 -14.21 -7.27 4.02
CA GLY C 543 -15.45 -6.56 3.84
C GLY C 543 -15.35 -5.05 3.73
N GLN C 544 -14.21 -4.45 4.01
CA GLN C 544 -14.17 -2.99 3.99
C GLN C 544 -14.10 -2.49 2.55
N THR C 545 -14.71 -1.33 2.33
CA THR C 545 -14.88 -0.76 1.01
C THR C 545 -14.18 0.59 0.89
N TYR C 546 -13.15 0.80 1.69
CA TYR C 546 -12.34 2.00 1.59
C TYR C 546 -10.89 1.61 1.84
N LEU C 547 -9.99 2.47 1.41
CA LEU C 547 -8.56 2.37 1.70
C LEU C 547 -8.07 3.72 2.19
N GLN C 548 -7.00 3.69 3.00
CA GLN C 548 -6.41 4.91 3.54
C GLN C 548 -4.90 4.87 3.40
N SER C 549 -4.33 6.05 3.16
CA SER C 549 -2.91 6.15 2.91
C SER C 549 -2.10 6.10 4.20
N ASN C 550 -1.01 5.36 4.16
CA ASN C 550 -0.02 5.36 5.22
C ASN C 550 1.29 6.02 4.79
N ALA C 551 1.26 6.82 3.70
CA ALA C 551 2.48 7.46 3.22
C ALA C 551 2.16 8.70 2.39
N LEU C 552 1.68 8.52 1.17
CA LEU C 552 1.63 9.62 0.21
C LEU C 552 0.38 10.47 0.32
N ASN C 553 0.51 11.72 -0.13
CA ASN C 553 -0.58 12.70 -0.06
C ASN C 553 -1.44 12.50 -1.30
N TRP C 554 -2.54 11.76 -1.13
CA TRP C 554 -3.48 11.50 -2.21
C TRP C 554 -4.27 12.74 -2.62
N ALA C 555 -4.19 13.84 -1.87
CA ALA C 555 -4.78 15.10 -2.28
C ALA C 555 -3.79 16.01 -3.01
N SER C 556 -2.64 15.47 -3.39
CA SER C 556 -1.73 16.16 -4.29
C SER C 556 -2.03 15.71 -5.72
N ASN C 557 -1.56 16.50 -6.68
CA ASN C 557 -1.84 16.14 -8.07
C ASN C 557 -0.98 14.97 -8.54
N GLY C 558 0.25 14.85 -8.02
CA GLY C 558 1.14 13.78 -8.45
C GLY C 558 0.72 12.41 -7.96
N TYR C 559 0.09 12.34 -6.78
CA TYR C 559 -0.32 11.09 -6.17
C TYR C 559 -1.84 11.05 -5.99
N ALA C 560 -2.55 11.73 -6.89
CA ALA C 560 -4.00 11.86 -6.84
C ALA C 560 -4.68 10.50 -7.05
N LYS C 561 -6.00 10.49 -6.80
CA LYS C 561 -6.80 9.28 -6.93
C LYS C 561 -8.12 9.68 -7.59
N ALA C 562 -8.30 9.25 -8.84
CA ALA C 562 -9.50 9.58 -9.62
C ALA C 562 -10.50 8.43 -9.58
N ALA C 563 -11.77 8.78 -9.38
CA ALA C 563 -12.83 7.77 -9.44
C ALA C 563 -12.93 7.19 -10.84
N GLY C 564 -13.17 5.88 -10.93
CA GLY C 564 -13.22 5.16 -12.19
C GLY C 564 -11.97 4.40 -12.54
N THR C 565 -10.85 4.74 -11.90
CA THR C 565 -9.59 4.08 -12.19
C THR C 565 -9.58 2.66 -11.65
N LYS C 566 -9.13 1.72 -12.47
CA LYS C 566 -8.97 0.34 -12.04
C LYS C 566 -7.65 0.17 -11.29
N ILE C 567 -7.70 -0.51 -10.15
CA ILE C 567 -6.54 -0.65 -9.29
C ILE C 567 -6.38 -2.10 -8.89
N VAL C 568 -5.20 -2.40 -8.33
CA VAL C 568 -4.88 -3.70 -7.78
C VAL C 568 -4.37 -3.51 -6.37
N ILE C 569 -4.97 -4.24 -5.43
CA ILE C 569 -4.51 -4.30 -4.06
C ILE C 569 -3.86 -5.68 -3.84
N PRO C 570 -2.54 -5.78 -3.79
CA PRO C 570 -1.92 -7.10 -3.67
C PRO C 570 -2.30 -7.80 -2.38
N GLY C 571 -2.69 -9.08 -2.50
CA GLY C 571 -3.02 -9.90 -1.36
C GLY C 571 -4.43 -9.76 -0.84
N ALA C 572 -5.21 -8.83 -1.36
CA ALA C 572 -6.54 -8.54 -0.82
C ALA C 572 -7.65 -9.35 -1.47
N GLY C 573 -7.34 -10.07 -2.56
CA GLY C 573 -8.34 -10.87 -3.23
C GLY C 573 -8.51 -12.24 -2.58
N ALA C 574 -9.34 -13.05 -3.21
CA ALA C 574 -9.58 -14.41 -2.75
C ALA C 574 -8.27 -15.18 -2.59
N ASN C 575 -8.19 -15.97 -1.52
CA ASN C 575 -7.07 -16.86 -1.26
C ASN C 575 -5.74 -16.11 -1.20
N GLY C 576 -5.78 -14.85 -0.79
CA GLY C 576 -4.57 -14.07 -0.71
C GLY C 576 -4.01 -13.62 -2.04
N GLY C 577 -4.79 -13.73 -3.11
CA GLY C 577 -4.38 -13.24 -4.39
C GLY C 577 -4.55 -11.72 -4.47
N ASP C 578 -4.40 -11.21 -5.69
CA ASP C 578 -4.57 -9.78 -5.94
C ASP C 578 -6.03 -9.42 -6.12
N LEU C 579 -6.48 -8.38 -5.42
CA LEU C 579 -7.83 -7.87 -5.62
C LEU C 579 -7.80 -6.77 -6.68
N VAL C 580 -8.59 -6.96 -7.73
CA VAL C 580 -8.76 -5.97 -8.79
C VAL C 580 -10.09 -5.28 -8.58
N THR C 581 -10.10 -3.94 -8.57
CA THR C 581 -11.32 -3.20 -8.28
C THR C 581 -11.21 -1.82 -8.92
N THR C 582 -12.21 -0.99 -8.66
CA THR C 582 -12.32 0.36 -9.22
C THR C 582 -12.45 1.38 -8.09
N ILE C 583 -11.83 2.55 -8.27
CA ILE C 583 -12.02 3.63 -7.30
C ILE C 583 -13.43 4.18 -7.46
N ALA C 584 -14.20 4.10 -6.38
CA ALA C 584 -15.59 4.51 -6.41
C ALA C 584 -15.81 5.93 -5.96
N ARG C 585 -14.86 6.48 -5.20
CA ARG C 585 -14.90 7.87 -4.74
C ARG C 585 -13.47 8.38 -4.64
N ALA C 586 -13.18 9.53 -5.25
CA ALA C 586 -11.87 10.14 -5.21
C ALA C 586 -11.51 10.60 -3.79
N THR C 587 -10.24 11.00 -3.64
CA THR C 587 -9.64 11.31 -2.36
C THR C 587 -10.52 12.21 -1.48
N TYR C 588 -10.69 11.78 -0.24
CA TYR C 588 -11.30 12.63 0.79
C TYR C 588 -10.59 12.34 2.10
N VAL C 589 -10.80 13.21 3.08
CA VAL C 589 -10.18 13.07 4.40
C VAL C 589 -11.26 12.63 5.38
N THR C 590 -11.00 11.54 6.08
CA THR C 590 -11.82 11.14 7.21
C THR C 590 -10.89 10.49 8.23
N ASN C 591 -11.18 10.73 9.52
CA ASN C 591 -10.31 10.25 10.60
C ASN C 591 -8.87 10.69 10.39
N SER C 592 -8.72 11.89 9.84
CA SER C 592 -7.41 12.52 9.62
C SER C 592 -6.53 11.71 8.69
N LEU C 593 -7.13 10.93 7.80
CA LEU C 593 -6.39 10.13 6.83
C LEU C 593 -6.94 10.39 5.44
N TYR C 594 -6.04 10.38 4.44
CA TYR C 594 -6.47 10.39 3.05
C TYR C 594 -7.13 9.06 2.72
N THR C 595 -8.32 9.13 2.12
CA THR C 595 -9.20 7.99 1.95
C THR C 595 -9.74 7.97 0.53
N ILE C 596 -9.89 6.75 -0.03
CA ILE C 596 -10.70 6.52 -1.22
C ILE C 596 -11.66 5.37 -0.93
N ASP C 597 -12.77 5.36 -1.66
CA ASP C 597 -13.71 4.23 -1.62
C ASP C 597 -13.46 3.34 -2.82
N ILE C 598 -13.68 2.03 -2.65
CA ILE C 598 -13.43 1.06 -3.71
C ILE C 598 -14.73 0.32 -3.99
N ALA C 599 -14.86 -0.17 -5.22
CA ALA C 599 -16.11 -0.74 -5.68
C ALA C 599 -16.33 -2.17 -5.22
N ASP C 600 -15.31 -2.85 -4.73
CA ASP C 600 -15.42 -4.24 -4.31
C ASP C 600 -14.75 -4.39 -2.94
N PRO C 601 -15.39 -5.08 -2.00
CA PRO C 601 -14.81 -5.17 -0.65
C PRO C 601 -13.55 -6.02 -0.61
N ILE C 602 -12.70 -5.73 0.38
CA ILE C 602 -11.55 -6.56 0.66
C ILE C 602 -12.03 -7.99 0.97
N VAL C 603 -11.32 -8.97 0.43
CA VAL C 603 -11.58 -10.39 0.72
C VAL C 603 -10.63 -10.93 1.77
N THR C 604 -9.33 -10.76 1.56
CA THR C 604 -8.29 -11.18 2.48
C THR C 604 -7.68 -9.96 3.16
N PRO C 605 -7.57 -9.95 4.50
CA PRO C 605 -6.95 -8.81 5.17
C PRO C 605 -5.52 -8.59 4.71
N THR C 606 -5.16 -7.32 4.51
CA THR C 606 -3.80 -6.98 4.09
C THR C 606 -3.09 -6.23 5.20
N ALA C 607 -1.77 -6.41 5.25
CA ALA C 607 -0.97 -5.76 6.26
C ALA C 607 -0.66 -4.32 5.89
N GLU C 608 -0.36 -3.53 6.91
CA GLU C 608 0.04 -2.15 6.69
C GLU C 608 1.21 -2.07 5.71
N ASN C 609 1.19 -1.02 4.91
CA ASN C 609 2.20 -0.71 3.92
C ASN C 609 2.11 -1.60 2.68
N THR C 610 0.98 -2.29 2.50
CA THR C 610 0.68 -2.87 1.20
C THR C 610 0.61 -1.76 0.15
N GLN C 611 0.86 -2.14 -1.10
CA GLN C 611 0.80 -1.18 -2.20
C GLN C 611 -0.62 -1.03 -2.73
N ILE C 612 -0.90 0.12 -3.31
CA ILE C 612 -2.02 0.29 -4.22
C ILE C 612 -1.41 0.56 -5.59
N LYS C 613 -1.81 -0.23 -6.59
CA LYS C 613 -1.21 -0.17 -7.91
C LYS C 613 -2.29 0.04 -8.96
N ALA C 614 -1.87 0.51 -10.12
CA ALA C 614 -2.78 0.53 -11.26
C ALA C 614 -2.95 -0.87 -11.83
N LEU C 615 -4.17 -1.19 -12.26
CA LEU C 615 -4.32 -2.37 -13.11
C LEU C 615 -3.57 -2.18 -14.42
N ASN C 616 -3.63 -0.97 -15.00
CA ASN C 616 -2.94 -0.62 -16.24
C ASN C 616 -1.90 0.46 -15.96
N PRO C 617 -0.65 0.09 -15.67
CA PRO C 617 0.34 1.11 -15.31
C PRO C 617 0.75 1.93 -16.52
N VAL C 618 0.78 3.26 -16.34
CA VAL C 618 1.11 4.18 -17.43
C VAL C 618 2.61 4.16 -17.70
N THR C 619 2.96 4.40 -18.97
CA THR C 619 4.29 4.83 -19.36
C THR C 619 4.15 6.15 -20.09
N PHE C 620 5.00 7.11 -19.74
CA PHE C 620 5.00 8.38 -20.44
C PHE C 620 6.43 8.89 -20.57
N VAL C 621 6.62 9.80 -21.51
CA VAL C 621 7.87 10.53 -21.68
C VAL C 621 7.60 12.00 -21.42
N THR C 622 8.58 12.69 -20.88
CA THR C 622 8.47 14.12 -20.61
C THR C 622 9.47 14.87 -21.48
N VAL C 623 8.99 15.91 -22.16
CA VAL C 623 9.81 16.75 -23.02
C VAL C 623 10.08 18.06 -22.29
N ASN C 624 11.36 18.36 -22.08
CA ASN C 624 11.84 19.42 -21.19
C ASN C 624 11.43 19.15 -19.75
SR SR D . -22.50 22.77 36.51
SR SR E . -22.21 33.72 24.74
SR SR F . 2.24 -1.20 29.31
SR SR G . -37.80 -1.59 23.14
SR SR H . -42.21 -1.32 23.93
SR SR I . -38.93 -0.30 24.69
SR SR J . -18.11 39.16 15.36
CL CL K . -13.40 31.63 7.15
CL CL L . 19.80 30.49 42.56
CL CL M . -17.18 7.77 12.31
C1 GOL N . -22.87 19.48 8.45
O1 GOL N . -22.48 18.19 8.80
C2 GOL N . -21.98 19.97 7.27
O2 GOL N . -22.14 21.34 7.02
C3 GOL N . -20.55 19.68 7.68
O3 GOL N . -19.82 20.80 7.21
H11 GOL N . -22.77 20.11 9.20
H12 GOL N . -23.79 19.52 8.19
HO1 GOL N . -22.76 17.67 8.19
H2 GOL N . -22.23 19.48 6.47
HO2 GOL N . -22.14 21.46 6.18
H31 GOL N . -20.26 18.84 7.30
H32 GOL N . -20.51 19.56 8.65
HO3 GOL N . -20.34 21.46 7.21
C1 GOL O . -5.44 16.75 6.14
O1 GOL O . -5.35 17.99 6.82
C2 GOL O . -4.90 15.66 7.08
O2 GOL O . -5.69 15.53 8.24
C3 GOL O . -4.87 14.36 6.24
O3 GOL O . -3.78 13.62 6.67
H11 GOL O . -6.36 16.52 5.88
H12 GOL O . -4.93 16.74 5.31
HO1 GOL O . -6.11 18.37 6.74
H2 GOL O . -4.01 15.88 7.41
HO2 GOL O . -5.81 14.71 8.39
H31 GOL O . -5.72 13.90 6.34
H32 GOL O . -4.82 14.60 5.29
HO3 GOL O . -4.08 13.02 7.20
C1 GOL P . -56.39 5.42 23.48
O1 GOL P . -56.50 6.73 24.01
C2 GOL P . -57.71 5.19 22.70
O2 GOL P . -57.82 6.04 21.60
C3 GOL P . -57.68 3.64 22.29
O3 GOL P . -58.66 3.44 21.27
H11 GOL P . -55.63 5.31 22.89
H12 GOL P . -56.29 4.74 24.16
HO1 GOL P . -56.48 6.64 24.86
H2 GOL P . -58.48 5.39 23.24
HO2 GOL P . -57.04 6.35 21.43
H31 GOL P . -56.78 3.42 22.01
H32 GOL P . -57.85 3.11 23.08
HO3 GOL P . -58.28 3.66 20.53
C1 EDO Q . -25.84 37.92 18.45
O1 EDO Q . -26.31 36.57 18.40
C2 EDO Q . -25.95 38.54 17.07
O2 EDO Q . -27.33 38.60 16.63
H11 EDO Q . -26.43 38.48 19.16
H12 EDO Q . -24.80 37.93 18.79
HO1 EDO Q . -26.66 36.32 19.26
H21 EDO Q . -25.53 39.54 17.08
H22 EDO Q . -25.36 37.95 16.36
HO2 EDO Q . -27.44 39.34 16.02
C1 EDO R . 21.14 -6.20 47.13
O1 EDO R . 21.09 -5.10 48.04
C2 EDO R . 21.52 -5.64 45.77
O2 EDO R . 22.74 -6.22 45.30
H11 EDO R . 21.87 -6.94 47.46
H12 EDO R . 20.17 -6.69 47.07
HO1 EDO R . 20.28 -4.60 47.89
H21 EDO R . 20.72 -5.83 45.06
H22 EDO R . 21.65 -4.56 45.86
HO2 EDO R . 23.25 -5.55 44.82
SR SR S . 59.48 -25.84 18.60
SR SR T . 56.47 -12.22 26.98
SR SR U . 81.04 -17.51 -7.86
SR SR V . 33.79 -13.37 32.40
SR SR W . 45.64 1.15 9.74
SR SR X . 57.95 -0.87 29.65
SR SR Y . 31.51 1.60 27.62
SR SR Z . 33.11 -14.40 29.90
SR SR AA . 33.45 0.96 29.18
CL CL BA . 101.94 -18.11 24.66
CL CL CA . 57.80 -4.91 -1.50
CL CL DA . 60.21 6.31 20.28
C1 GOL EA . 39.80 -1.91 7.38
O1 GOL EA . 40.83 -1.48 8.24
C2 GOL EA . 39.74 -0.92 6.21
O2 GOL EA . 40.84 -1.01 5.37
C3 GOL EA . 38.43 -1.25 5.48
O3 GOL EA . 38.46 -0.51 4.27
H11 GOL EA . 38.93 -1.95 7.82
H12 GOL EA . 39.96 -2.81 7.03
HO1 GOL EA . 40.99 -2.12 8.78
H2 GOL EA . 39.73 -0.01 6.54
HO2 GOL EA . 41.29 -1.69 5.61
H31 GOL EA . 37.68 -1.02 6.05
H32 GOL EA . 38.36 -2.21 5.35
HO3 GOL EA . 38.96 -0.96 3.74
C1 GOL FA . 52.34 -0.32 9.34
O1 GOL FA . 51.47 -0.69 8.29
C2 GOL FA . 52.67 1.18 9.21
O2 GOL FA . 51.54 1.95 9.42
C3 GOL FA . 53.71 1.47 10.28
O3 GOL FA . 53.98 2.84 10.24
H11 GOL FA . 51.95 -0.48 10.21
H12 GOL FA . 53.18 -0.82 9.32
HO1 GOL FA . 51.35 0.01 7.82
H2 GOL FA . 52.99 1.37 8.31
HO2 GOL FA . 51.36 1.91 10.25
H31 GOL FA . 53.37 1.17 11.14
H32 GOL FA . 54.49 0.92 10.10
HO3 GOL FA . 54.30 3.05 11.01
C1 GOL GA . 19.75 -25.04 24.50
O1 GOL GA . 20.27 -26.04 23.65
C2 GOL GA . 18.32 -25.54 24.87
O2 GOL GA . 18.37 -26.76 25.54
C3 GOL GA . 17.68 -24.33 25.67
O3 GOL GA . 16.45 -24.77 26.18
H11 GOL GA . 20.26 -24.92 25.31
H12 GOL GA . 19.70 -24.17 24.08
HO1 GOL GA . 21.11 -26.08 23.81
H2 GOL GA . 17.76 -25.71 24.09
HO2 GOL GA . 19.07 -26.76 26.02
H31 GOL GA . 18.31 -24.06 26.36
H32 GOL GA . 17.61 -23.56 25.08
HO3 GOL GA . 16.12 -24.10 26.60
C1 EDO HA . 60.44 0.00 28.81
O1 EDO HA . 60.20 -1.32 28.34
C2 EDO HA . 59.67 1.01 27.96
O2 EDO HA . 59.79 2.32 28.54
H11 EDO HA . 60.15 0.10 29.85
H12 EDO HA . 61.51 0.22 28.73
HO1 EDO HA . 60.68 -1.96 28.89
H21 EDO HA . 60.05 1.01 26.94
H22 EDO HA . 58.61 0.72 27.92
HO2 EDO HA . 59.25 2.94 28.04
C1 EDO IA . 85.79 -3.21 24.72
O1 EDO IA . 85.38 -4.54 25.04
C2 EDO IA . 87.16 -3.28 24.05
O2 EDO IA . 87.21 -2.28 23.03
H11 EDO IA . 85.07 -2.74 24.06
H12 EDO IA . 85.86 -2.60 25.63
HO1 EDO IA . 84.50 -4.52 25.44
H21 EDO IA . 87.95 -3.12 24.78
H22 EDO IA . 87.31 -4.27 23.61
HO2 EDO IA . 88.07 -2.31 22.58
C1 EDO JA . 86.88 -4.52 -19.60
O1 EDO JA . 86.00 -3.76 -18.75
C2 EDO JA . 87.76 -3.61 -20.45
O2 EDO JA . 89.03 -3.35 -19.78
H11 EDO JA . 87.52 -5.16 -18.98
H12 EDO JA . 86.29 -5.15 -20.25
HO1 EDO JA . 86.16 -2.81 -18.89
H21 EDO JA . 87.95 -4.08 -21.41
H22 EDO JA . 87.26 -2.66 -20.62
HO2 EDO JA . 89.33 -4.17 -19.36
SR SR KA . -39.11 12.31 -34.61
SR SR LA . -35.05 3.85 -47.82
SR SR MA . -74.50 -6.54 -56.50
SR SR NA . -28.89 -2.32 -52.68
SR SR OA . -13.54 -19.38 -46.24
SR SR PA . -42.40 -18.70 -41.13
SR SR QA . -36.38 -19.12 -33.72
SR SR RA . -19.58 -3.76 -5.95
CL CL SA . 3.59 20.12 -28.54
CL CL TA . -25.17 -13.77 -47.42
CL CL UA . -35.69 -15.03 -25.35
C1 GOL VA . -5.20 2.72 -39.73
O1 GOL VA . -6.05 3.82 -39.53
C2 GOL VA . -4.05 2.76 -38.66
O2 GOL VA . -3.52 4.02 -38.47
C3 GOL VA . -4.64 2.29 -37.37
O3 GOL VA . -3.60 2.43 -36.45
H11 GOL VA . -5.69 1.87 -39.65
H12 GOL VA . -4.81 2.71 -40.61
HO1 GOL VA . -6.07 4.25 -40.27
H2 GOL VA . -3.34 2.17 -38.98
HO2 GOL VA . -2.91 4.14 -39.04
H31 GOL VA . -5.42 2.82 -37.16
H32 GOL VA . -4.96 1.38 -37.46
HO3 GOL VA . -3.47 3.27 -36.36
C1 GOL WA . -34.99 -16.05 -38.94
O1 GOL WA . -34.56 -17.17 -39.60
C2 GOL WA . -36.52 -16.12 -38.86
O2 GOL WA . -37.03 -17.34 -39.30
C3 GOL WA . -36.87 -15.88 -37.40
O3 GOL WA . -38.25 -15.83 -37.33
H11 GOL WA . -34.61 -15.98 -38.04
H12 GOL WA . -34.72 -15.23 -39.40
HO1 GOL WA . -33.92 -16.92 -40.11
H2 GOL WA . -36.92 -15.44 -39.43
HO2 GOL WA . -37.54 -17.19 -39.97
H31 GOL WA . -36.47 -16.57 -36.85
H32 GOL WA . -36.44 -15.05 -37.11
HO3 GOL WA . -38.51 -15.24 -37.87
C1 EDO XA . -28.53 -21.50 -36.16
O1 EDO XA . -29.85 -21.09 -36.58
C2 EDO XA . -27.53 -21.10 -37.25
O2 EDO XA . -26.21 -21.46 -36.84
H11 EDO XA . -28.51 -22.58 -36.01
H12 EDO XA . -28.27 -21.02 -35.22
HO1 EDO XA . -30.48 -21.34 -35.89
H21 EDO XA . -27.58 -20.02 -37.42
H22 EDO XA . -27.78 -21.59 -38.18
HO2 EDO XA . -25.56 -21.06 -37.44
C1 EDO YA . -43.87 -15.60 -39.78
O1 EDO YA . -43.05 -15.78 -38.62
C2 EDO YA . -43.33 -14.41 -40.57
O2 EDO YA . -43.27 -13.23 -39.75
H11 EDO YA . -43.86 -16.50 -40.40
H12 EDO YA . -44.91 -15.41 -39.48
HO1 EDO YA . -43.39 -16.53 -38.10
H21 EDO YA . -43.99 -14.22 -41.43
H22 EDO YA . -42.35 -14.64 -40.95
HO2 EDO YA . -43.04 -12.48 -40.31
C1 EDO ZA . -22.21 -21.63 -39.25
O1 EDO ZA . -22.35 -22.22 -40.55
C2 EDO ZA . -23.58 -21.18 -38.77
O2 EDO ZA . -24.03 -20.14 -39.63
H11 EDO ZA . -21.78 -22.36 -38.55
H12 EDO ZA . -21.53 -20.77 -39.29
HO1 EDO ZA . -21.62 -21.92 -41.11
H21 EDO ZA . -24.29 -22.02 -38.80
H22 EDO ZA . -23.52 -20.83 -37.73
HO2 EDO ZA . -24.97 -20.24 -39.78
#